data_9JK9
#
_entry.id   9JK9
#
_cell.length_a   1.00
_cell.length_b   1.00
_cell.length_c   1.00
_cell.angle_alpha   90.00
_cell.angle_beta   90.00
_cell.angle_gamma   90.00
#
_symmetry.space_group_name_H-M   'P 1'
#
_entity_poly.entity_id   1
_entity_poly.type   'polypeptide(L)'
_entity_poly.pdbx_seq_one_letter_code
;GPSRATMDTESTYSGYSYYSSHSKKSHRQGERTRERHKSPRNKDGRGSEKSVTIQPPTGEPLLGNDSTRTEEVQDDNWGE
TTTAITGTSEHSISQEDIARISKDMEDSVGLDCKRYLGLTVASFLGLLVFLTPIAFILLPPILWRDELEPCGTICEGLFI
SMAFKLLILLIGTWALFFRKRRADMPRVFVFRALLLVLIFLFVVSYWLFYGVRILDSRDRNYQGIVQYAVSLVDALLFIH
YLAIVLLELRQLQPMFTLQVVRSTDGESRFYSLGHLSIQRAALVVLENYYKDFTIYNPNLLTASKFRAAKHMAGLKVYNV
DGPSNNATGQSRAMIAAAARRRDSSHNELYYEEAEHERRVKKRKARLVVAVEEAFIHIQRLQAEEQQKAPGEVMDPREAA
QAIFPSMARALQKYLRITRQQNYHSMESILQHLAFCITNGMTPKAFLERYLSAGPTLQYDKDRWLSTQWRLVSDEAVTNG
LRDGIVFVLKCLDFSLVVNVKKIPFIILSEEFIDPKSHKFVLRLQSETSV
;
_entity_poly.pdbx_strand_id   A,B,C,D,E,F
#
# COMPACT_ATOMS: atom_id res chain seq x y z
N THR A 120 28.38 -46.50 44.86
CA THR A 120 29.00 -45.18 44.94
C THR A 120 28.99 -44.67 46.38
N VAL A 121 29.09 -43.35 46.53
CA VAL A 121 29.09 -42.75 47.86
C VAL A 121 27.70 -42.78 48.48
N ALA A 122 26.71 -42.27 47.75
CA ALA A 122 25.34 -42.28 48.25
C ALA A 122 24.72 -43.67 48.18
N SER A 123 25.19 -44.50 47.25
CA SER A 123 24.66 -45.86 47.14
C SER A 123 25.08 -46.74 48.31
N PHE A 124 26.29 -46.52 48.84
CA PHE A 124 26.73 -47.30 50.00
C PHE A 124 25.96 -46.90 51.26
N LEU A 125 25.69 -45.60 51.42
CA LEU A 125 24.86 -45.16 52.54
C LEU A 125 23.42 -45.61 52.38
N GLY A 126 22.93 -45.70 51.14
CA GLY A 126 21.62 -46.29 50.91
C GLY A 126 21.56 -47.77 51.24
N LEU A 127 22.65 -48.48 50.93
CA LEU A 127 22.74 -49.89 51.31
C LEU A 127 22.79 -50.05 52.83
N LEU A 128 23.46 -49.12 53.52
CA LEU A 128 23.52 -49.19 54.99
C LEU A 128 22.17 -48.89 55.61
N VAL A 129 21.45 -47.88 55.10
CA VAL A 129 20.15 -47.54 55.67
C VAL A 129 19.11 -48.59 55.30
N PHE A 130 19.32 -49.33 54.20
CA PHE A 130 18.41 -50.42 53.90
C PHE A 130 18.72 -51.68 54.69
N LEU A 131 19.98 -51.94 55.01
CA LEU A 131 20.36 -53.13 55.76
C LEU A 131 20.34 -52.94 57.27
N THR A 132 20.17 -51.70 57.75
CA THR A 132 20.03 -51.46 59.20
C THR A 132 18.86 -52.20 59.85
N PRO A 133 17.61 -52.22 59.31
CA PRO A 133 16.58 -53.04 59.97
C PRO A 133 16.84 -54.53 59.85
N ILE A 134 17.41 -54.95 58.72
CA ILE A 134 17.75 -56.35 58.50
C ILE A 134 18.85 -56.78 59.48
N ALA A 135 19.81 -55.89 59.75
CA ALA A 135 20.86 -56.21 60.72
C ALA A 135 20.30 -56.26 62.14
N PHE A 136 19.37 -55.34 62.46
CA PHE A 136 18.72 -55.37 63.77
C PHE A 136 17.90 -56.64 63.97
N ILE A 137 17.38 -57.22 62.90
CA ILE A 137 16.73 -58.51 62.95
C ILE A 137 17.72 -59.65 63.10
N LEU A 138 18.77 -59.66 62.29
CA LEU A 138 19.62 -60.84 62.18
C LEU A 138 20.57 -60.99 63.36
N LEU A 139 21.03 -59.90 63.97
CA LEU A 139 22.00 -60.01 65.05
C LEU A 139 21.57 -60.70 66.36
N PRO A 140 20.33 -60.62 66.86
CA PRO A 140 20.00 -61.36 68.09
C PRO A 140 19.94 -62.89 67.93
N PRO A 141 19.46 -63.48 66.82
CA PRO A 141 19.61 -64.94 66.70
C PRO A 141 21.02 -65.40 66.38
N ILE A 142 21.94 -64.50 66.06
CA ILE A 142 23.33 -64.90 65.80
C ILE A 142 24.20 -64.74 67.05
N LEU A 143 24.07 -63.61 67.75
CA LEU A 143 24.96 -63.34 68.86
C LEU A 143 24.54 -64.08 70.13
N TRP A 144 23.25 -64.11 70.45
CA TRP A 144 22.73 -64.91 71.56
C TRP A 144 21.56 -65.75 71.05
N ARG A 145 21.88 -66.92 70.48
CA ARG A 145 20.85 -67.73 69.83
C ARG A 145 19.95 -68.43 70.84
N ASP A 146 20.53 -68.94 71.92
CA ASP A 146 19.78 -69.70 72.91
C ASP A 146 19.04 -68.84 73.91
N GLU A 147 19.18 -67.51 73.84
CA GLU A 147 18.57 -66.62 74.82
C GLU A 147 17.25 -66.04 74.35
N LEU A 148 16.88 -66.24 73.08
CA LEU A 148 15.61 -65.75 72.55
C LEU A 148 14.42 -66.41 73.22
N GLU A 149 13.47 -65.59 73.66
CA GLU A 149 12.18 -66.11 74.08
C GLU A 149 11.42 -66.64 72.87
N PRO A 150 10.60 -67.68 73.03
CA PRO A 150 9.88 -68.22 71.87
C PRO A 150 8.77 -67.30 71.38
N CYS A 151 9.01 -66.65 70.24
CA CYS A 151 8.04 -65.73 69.67
C CYS A 151 6.97 -66.49 68.89
N GLY A 152 7.38 -67.20 67.85
CA GLY A 152 6.45 -68.04 67.10
C GLY A 152 5.67 -67.29 66.04
N THR A 153 4.41 -66.98 66.34
CA THR A 153 3.52 -66.43 65.33
C THR A 153 3.75 -64.95 65.11
N ILE A 154 3.81 -64.16 66.19
CA ILE A 154 3.70 -62.71 66.09
C ILE A 154 4.97 -62.12 65.48
N CYS A 155 6.13 -62.71 65.82
CA CYS A 155 7.40 -62.27 65.24
C CYS A 155 7.44 -62.52 63.74
N GLU A 156 6.92 -63.66 63.27
CA GLU A 156 6.94 -63.95 61.84
C GLU A 156 5.94 -63.09 61.08
N GLY A 157 4.75 -62.88 61.65
CA GLY A 157 3.79 -61.97 61.06
C GLY A 157 4.24 -60.52 61.07
N LEU A 158 5.19 -60.18 61.93
CA LEU A 158 5.80 -58.87 61.89
C LEU A 158 6.98 -58.81 60.92
N PHE A 159 7.68 -59.94 60.70
CA PHE A 159 8.70 -59.98 59.64
C PHE A 159 8.09 -59.80 58.27
N ILE A 160 6.88 -60.33 58.07
CA ILE A 160 6.23 -60.22 56.76
C ILE A 160 5.85 -58.76 56.47
N SER A 161 5.32 -58.07 57.48
CA SER A 161 5.01 -56.65 57.35
C SER A 161 6.28 -55.83 57.16
N MET A 162 7.36 -56.21 57.84
CA MET A 162 8.65 -55.55 57.64
C MET A 162 9.16 -55.70 56.22
N ALA A 163 9.07 -56.90 55.65
CA ALA A 163 9.56 -57.14 54.30
C ALA A 163 8.73 -56.40 53.26
N PHE A 164 7.41 -56.34 53.47
CA PHE A 164 6.55 -55.62 52.54
C PHE A 164 6.76 -54.11 52.62
N LYS A 165 6.95 -53.57 53.82
CA LYS A 165 7.22 -52.15 53.95
C LYS A 165 8.60 -51.77 53.43
N LEU A 166 9.59 -52.66 53.58
CA LEU A 166 10.90 -52.41 52.97
C LEU A 166 10.83 -52.48 51.45
N LEU A 167 9.96 -53.34 50.90
CA LEU A 167 9.78 -53.38 49.45
C LEU A 167 9.13 -52.10 48.95
N ILE A 168 8.13 -51.60 49.68
CA ILE A 168 7.51 -50.31 49.35
C ILE A 168 8.54 -49.18 49.41
N LEU A 169 9.39 -49.19 50.44
CA LEU A 169 10.40 -48.16 50.60
C LEU A 169 11.44 -48.20 49.48
N LEU A 170 11.86 -49.40 49.08
CA LEU A 170 12.83 -49.52 47.99
C LEU A 170 12.25 -49.10 46.65
N ILE A 171 10.99 -49.46 46.38
CA ILE A 171 10.36 -49.07 45.12
C ILE A 171 10.14 -47.56 45.06
N GLY A 172 9.68 -46.95 46.16
CA GLY A 172 9.48 -45.52 46.18
C GLY A 172 10.77 -44.73 46.12
N THR A 173 11.83 -45.25 46.76
CA THR A 173 13.13 -44.59 46.72
C THR A 173 13.74 -44.66 45.34
N TRP A 174 13.59 -45.81 44.65
CA TRP A 174 13.99 -45.89 43.25
C TRP A 174 13.19 -44.94 42.37
N ALA A 175 11.88 -44.83 42.63
CA ALA A 175 11.00 -44.05 41.77
C ALA A 175 11.28 -42.56 41.87
N LEU A 176 11.52 -42.05 43.07
CA LEU A 176 11.66 -40.62 43.23
C LEU A 176 13.07 -40.12 43.49
N PHE A 177 14.04 -40.99 43.78
CA PHE A 177 15.36 -40.50 44.14
C PHE A 177 16.50 -41.19 43.43
N PHE A 178 16.26 -42.27 42.69
CA PHE A 178 17.30 -42.82 41.83
C PHE A 178 17.23 -42.07 40.50
N ARG A 179 17.79 -40.87 40.52
CA ARG A 179 17.88 -40.02 39.34
C ARG A 179 19.06 -39.07 39.53
N LYS A 180 19.63 -38.64 38.41
CA LYS A 180 20.84 -37.83 38.46
C LYS A 180 20.55 -36.43 38.98
N ARG A 181 21.60 -35.81 39.54
CA ARG A 181 21.50 -34.45 40.04
C ARG A 181 21.26 -33.50 38.87
N ARG A 182 20.26 -32.63 39.02
CA ARG A 182 19.74 -31.93 37.85
C ARG A 182 20.44 -30.60 37.65
N ALA A 183 20.89 -29.96 38.72
CA ALA A 183 21.45 -28.64 38.62
C ALA A 183 22.47 -28.40 39.73
N ASP A 184 23.40 -27.50 39.44
CA ASP A 184 24.30 -26.94 40.45
C ASP A 184 23.80 -25.56 40.83
N MET A 185 23.57 -25.37 42.10
CA MET A 185 23.06 -24.18 42.77
C MET A 185 24.18 -23.47 43.50
N PRO A 186 24.06 -22.15 43.75
CA PRO A 186 25.14 -21.43 44.43
C PRO A 186 25.38 -21.89 45.87
N ARG A 187 24.34 -21.82 46.70
CA ARG A 187 24.44 -22.26 48.08
C ARG A 187 23.86 -23.66 48.21
N VAL A 188 23.76 -24.12 49.45
CA VAL A 188 23.31 -25.49 49.71
C VAL A 188 21.81 -25.57 49.49
N PHE A 189 21.37 -26.69 48.91
CA PHE A 189 19.96 -27.05 48.90
C PHE A 189 19.57 -27.23 50.36
N VAL A 190 18.72 -26.36 50.89
CA VAL A 190 18.44 -26.38 52.32
C VAL A 190 17.60 -27.61 52.69
N PHE A 191 16.63 -27.97 51.86
CA PHE A 191 15.75 -29.07 52.20
C PHE A 191 16.44 -30.43 52.04
N ARG A 192 17.31 -30.59 51.04
CA ARG A 192 18.05 -31.84 50.92
C ARG A 192 19.09 -31.98 52.03
N ALA A 193 19.70 -30.86 52.44
CA ALA A 193 20.59 -30.90 53.59
C ALA A 193 19.85 -31.26 54.86
N LEU A 194 18.63 -30.74 55.02
CA LEU A 194 17.81 -31.09 56.17
C LEU A 194 17.43 -32.56 56.16
N LEU A 195 17.10 -33.09 54.98
CA LEU A 195 16.74 -34.50 54.87
C LEU A 195 17.93 -35.41 55.13
N LEU A 196 19.12 -35.03 54.66
CA LEU A 196 20.30 -35.87 54.90
C LEU A 196 20.74 -35.81 56.35
N VAL A 197 20.67 -34.63 56.98
CA VAL A 197 20.96 -34.52 58.42
C VAL A 197 19.93 -35.30 59.23
N LEU A 198 18.67 -35.30 58.80
CA LEU A 198 17.63 -36.04 59.50
C LEU A 198 17.84 -37.55 59.38
N ILE A 199 18.20 -38.03 58.18
CA ILE A 199 18.50 -39.45 57.99
C ILE A 199 19.73 -39.86 58.80
N PHE A 200 20.75 -38.98 58.85
CA PHE A 200 21.96 -39.30 59.59
C PHE A 200 21.71 -39.39 61.08
N LEU A 201 21.05 -38.38 61.68
CA LEU A 201 20.72 -38.43 63.11
C LEU A 201 19.75 -39.55 63.43
N PHE A 202 18.84 -39.85 62.51
CA PHE A 202 17.89 -40.96 62.62
C PHE A 202 18.61 -42.30 62.75
N VAL A 203 19.46 -42.62 61.78
CA VAL A 203 20.11 -43.92 61.74
C VAL A 203 21.19 -44.04 62.81
N VAL A 204 21.88 -42.92 63.11
CA VAL A 204 22.89 -42.94 64.16
C VAL A 204 22.24 -43.11 65.54
N SER A 205 21.08 -42.50 65.76
CA SER A 205 20.38 -42.69 67.02
C SER A 205 19.84 -44.10 67.17
N TYR A 206 19.38 -44.71 66.07
CA TYR A 206 18.93 -46.10 66.15
C TYR A 206 20.09 -47.08 66.38
N TRP A 207 21.23 -46.88 65.71
CA TRP A 207 22.39 -47.73 65.98
C TRP A 207 22.92 -47.51 67.38
N LEU A 208 22.83 -46.27 67.89
CA LEU A 208 23.30 -45.97 69.23
C LEU A 208 22.44 -46.66 70.28
N PHE A 209 21.12 -46.60 70.12
CA PHE A 209 20.25 -47.29 71.06
C PHE A 209 20.34 -48.80 70.90
N TYR A 210 20.62 -49.29 69.70
CA TYR A 210 20.74 -50.72 69.48
C TYR A 210 22.04 -51.26 70.05
N GLY A 211 23.10 -50.46 70.05
CA GLY A 211 24.36 -50.90 70.60
C GLY A 211 24.42 -50.76 72.10
N VAL A 212 23.90 -49.66 72.64
CA VAL A 212 23.97 -49.42 74.07
C VAL A 212 22.97 -50.28 74.83
N ARG A 213 21.70 -50.24 74.43
CA ARG A 213 20.64 -50.82 75.23
C ARG A 213 20.11 -52.15 74.71
N ILE A 214 20.67 -52.70 73.65
CA ILE A 214 20.23 -54.01 73.17
C ILE A 214 21.42 -54.97 73.07
N LEU A 215 22.48 -54.57 72.39
CA LEU A 215 23.62 -55.45 72.22
C LEU A 215 24.46 -55.57 73.49
N ASP A 216 24.70 -54.45 74.19
CA ASP A 216 25.48 -54.51 75.42
C ASP A 216 24.71 -55.16 76.56
N SER A 217 23.39 -55.23 76.47
CA SER A 217 22.60 -55.91 77.49
C SER A 217 22.22 -57.33 77.10
N ARG A 218 22.31 -57.67 75.81
CA ARG A 218 21.98 -58.99 75.25
C ARG A 218 20.55 -59.41 75.63
N ASP A 219 19.60 -58.64 75.08
CA ASP A 219 18.23 -58.65 75.55
C ASP A 219 17.50 -59.95 75.23
N ARG A 220 16.48 -60.20 76.03
CA ARG A 220 15.43 -61.18 75.77
C ARG A 220 14.35 -60.50 74.92
N ASN A 221 13.14 -61.07 74.91
CA ASN A 221 11.90 -60.64 74.23
C ASN A 221 12.14 -60.07 72.82
N TYR A 222 12.63 -60.98 71.97
CA TYR A 222 12.97 -60.72 70.57
C TYR A 222 11.82 -60.12 69.76
N GLN A 223 10.57 -60.39 70.16
CA GLN A 223 9.40 -59.72 69.59
C GLN A 223 9.52 -58.21 69.71
N GLY A 224 10.01 -57.71 70.83
CA GLY A 224 10.24 -56.28 70.97
C GLY A 224 11.35 -55.76 70.09
N ILE A 225 12.36 -56.60 69.80
CA ILE A 225 13.42 -56.20 68.88
C ILE A 225 12.88 -56.10 67.46
N VAL A 226 11.99 -57.01 67.09
CA VAL A 226 11.36 -56.94 65.77
C VAL A 226 10.42 -55.75 65.69
N GLN A 227 9.77 -55.41 66.81
CA GLN A 227 8.95 -54.18 66.86
C GLN A 227 9.81 -52.93 66.70
N TYR A 228 11.02 -52.95 67.28
CA TYR A 228 11.96 -51.85 67.13
C TYR A 228 12.40 -51.68 65.67
N ALA A 229 12.68 -52.80 64.99
CA ALA A 229 13.06 -52.75 63.59
C ALA A 229 11.90 -52.31 62.70
N VAL A 230 10.68 -52.73 63.03
CA VAL A 230 9.51 -52.32 62.24
C VAL A 230 9.19 -50.84 62.47
N SER A 231 9.43 -50.33 63.69
CA SER A 231 9.28 -48.90 63.92
C SER A 231 10.34 -48.10 63.16
N LEU A 232 11.55 -48.65 63.02
CA LEU A 232 12.54 -48.07 62.13
C LEU A 232 12.07 -48.02 60.68
N VAL A 233 11.49 -49.11 60.17
CA VAL A 233 11.03 -49.14 58.78
C VAL A 233 9.86 -48.18 58.58
N ASP A 234 8.99 -48.07 59.57
CA ASP A 234 7.87 -47.14 59.54
C ASP A 234 8.34 -45.70 59.48
N ALA A 235 9.21 -45.31 60.42
CA ALA A 235 9.68 -43.93 60.45
C ALA A 235 10.59 -43.61 59.26
N LEU A 236 11.22 -44.61 58.65
CA LEU A 236 11.99 -44.35 57.44
C LEU A 236 11.09 -44.16 56.22
N LEU A 237 9.95 -44.87 56.18
CA LEU A 237 8.91 -44.57 55.21
C LEU A 237 8.36 -43.16 55.40
N PHE A 238 8.19 -42.73 56.65
CA PHE A 238 7.74 -41.36 56.87
C PHE A 238 8.83 -40.34 56.57
N ILE A 239 10.10 -40.72 56.63
CA ILE A 239 11.17 -39.86 56.14
C ILE A 239 11.08 -39.71 54.63
N HIS A 240 10.79 -40.81 53.92
CA HIS A 240 10.54 -40.76 52.48
C HIS A 240 9.35 -39.85 52.15
N TYR A 241 8.32 -39.92 52.98
CA TYR A 241 7.16 -39.04 52.83
C TYR A 241 7.50 -37.58 53.12
N LEU A 242 8.31 -37.32 54.15
CA LEU A 242 8.73 -35.95 54.42
C LEU A 242 9.63 -35.43 53.30
N ALA A 243 10.38 -36.32 52.66
CA ALA A 243 11.19 -35.94 51.50
C ALA A 243 10.31 -35.53 50.33
N ILE A 244 9.23 -36.24 50.07
CA ILE A 244 8.38 -35.84 48.95
C ILE A 244 7.57 -34.60 49.31
N VAL A 245 7.31 -34.39 50.60
CA VAL A 245 6.65 -33.16 51.07
C VAL A 245 7.55 -31.96 50.84
N LEU A 246 8.81 -32.05 51.26
CA LEU A 246 9.71 -30.91 51.18
C LEU A 246 10.18 -30.65 49.75
N LEU A 247 10.44 -31.69 48.97
CA LEU A 247 11.13 -31.48 47.71
C LEU A 247 10.21 -31.16 46.54
N GLU A 248 9.00 -31.73 46.48
CA GLU A 248 8.15 -31.43 45.34
C GLU A 248 6.69 -31.10 45.67
N LEU A 249 6.25 -31.22 46.91
CA LEU A 249 4.86 -30.90 47.23
C LEU A 249 4.67 -29.53 47.87
N ARG A 250 5.72 -28.94 48.43
CA ARG A 250 5.58 -27.63 49.07
C ARG A 250 5.33 -26.52 48.06
N GLN A 251 5.80 -26.69 46.82
CA GLN A 251 5.64 -25.68 45.79
C GLN A 251 4.54 -26.00 44.78
N LEU A 252 3.66 -26.96 45.09
CA LEU A 252 2.57 -27.26 44.17
C LEU A 252 1.52 -26.16 44.14
N GLN A 253 1.20 -25.61 45.29
CA GLN A 253 0.20 -24.55 45.36
C GLN A 253 0.83 -23.22 44.95
N PRO A 254 0.33 -22.56 43.89
CA PRO A 254 1.03 -21.40 43.31
C PRO A 254 0.97 -20.13 44.13
N MET A 255 1.91 -19.92 45.06
CA MET A 255 1.84 -18.75 45.92
C MET A 255 2.21 -17.46 45.21
N PHE A 256 3.08 -17.52 44.20
CA PHE A 256 3.65 -16.32 43.63
C PHE A 256 3.51 -16.32 42.12
N THR A 257 3.64 -15.15 41.53
CA THR A 257 3.83 -15.02 40.10
C THR A 257 5.19 -14.41 39.84
N LEU A 258 5.78 -14.74 38.69
CA LEU A 258 7.13 -14.30 38.36
C LEU A 258 7.13 -13.73 36.95
N GLN A 259 7.46 -12.45 36.82
CA GLN A 259 7.63 -11.81 35.53
C GLN A 259 9.10 -11.91 35.13
N VAL A 260 9.39 -12.69 34.10
CA VAL A 260 10.75 -12.93 33.63
C VAL A 260 10.91 -12.19 32.31
N VAL A 261 11.83 -11.22 32.27
CA VAL A 261 12.04 -10.37 31.11
C VAL A 261 13.50 -10.49 30.70
N ARG A 262 13.76 -10.69 29.40
CA ARG A 262 15.12 -10.52 28.90
C ARG A 262 15.48 -9.05 28.83
N SER A 263 16.71 -8.74 29.24
CA SER A 263 17.19 -7.37 29.25
C SER A 263 17.50 -6.84 27.86
N THR A 264 17.59 -7.70 26.85
CA THR A 264 17.99 -7.28 25.52
C THR A 264 16.80 -6.98 24.60
N ASP A 265 15.95 -7.97 24.33
CA ASP A 265 14.81 -7.76 23.45
C ASP A 265 13.51 -7.54 24.19
N GLY A 266 13.49 -7.74 25.50
CA GLY A 266 12.30 -7.47 26.28
C GLY A 266 11.27 -8.57 26.29
N GLU A 267 11.57 -9.74 25.71
CA GLU A 267 10.61 -10.85 25.68
C GLU A 267 10.29 -11.29 27.09
N SER A 268 9.01 -11.42 27.39
CA SER A 268 8.55 -11.57 28.76
C SER A 268 7.43 -12.59 28.84
N ARG A 269 7.51 -13.44 29.86
CA ARG A 269 6.48 -14.43 30.15
C ARG A 269 6.27 -14.49 31.65
N PHE A 270 5.07 -14.86 32.07
CA PHE A 270 4.76 -14.92 33.49
C PHE A 270 4.60 -16.37 33.92
N TYR A 271 5.08 -16.68 35.11
CA TYR A 271 5.03 -18.04 35.63
C TYR A 271 4.53 -18.03 37.06
N SER A 272 3.74 -19.03 37.43
CA SER A 272 3.30 -19.20 38.80
C SER A 272 4.17 -20.22 39.51
N LEU A 273 4.58 -19.87 40.74
CA LEU A 273 5.40 -20.75 41.56
C LEU A 273 4.89 -20.75 42.99
N GLY A 274 5.15 -21.85 43.68
CA GLY A 274 4.84 -21.99 45.08
C GLY A 274 5.93 -21.46 45.97
N HIS A 275 6.02 -22.02 47.17
CA HIS A 275 7.10 -21.67 48.09
C HIS A 275 8.37 -22.39 47.67
N LEU A 276 9.18 -21.70 46.90
CA LEU A 276 10.53 -22.12 46.56
C LEU A 276 11.52 -21.12 47.11
N SER A 277 12.76 -21.55 47.22
CA SER A 277 13.85 -20.60 47.45
C SER A 277 14.15 -19.86 46.15
N ILE A 278 15.00 -18.84 46.25
CA ILE A 278 15.38 -18.05 45.09
C ILE A 278 16.22 -18.89 44.12
N GLN A 279 17.05 -19.79 44.66
CA GLN A 279 17.74 -20.81 43.88
C GLN A 279 16.80 -21.63 43.02
N ARG A 280 15.83 -22.27 43.66
CA ARG A 280 14.97 -23.23 42.97
C ARG A 280 13.99 -22.53 42.06
N ALA A 281 13.55 -21.32 42.45
CA ALA A 281 12.74 -20.51 41.56
C ALA A 281 13.53 -20.12 40.32
N ALA A 282 14.82 -19.78 40.50
CA ALA A 282 15.68 -19.48 39.36
C ALA A 282 15.89 -20.70 38.47
N LEU A 283 15.92 -21.89 39.07
CA LEU A 283 16.03 -23.12 38.29
C LEU A 283 14.79 -23.35 37.43
N VAL A 284 13.60 -23.19 38.01
CA VAL A 284 12.36 -23.35 37.25
C VAL A 284 12.24 -22.28 36.17
N VAL A 285 12.70 -21.06 36.46
CA VAL A 285 12.76 -19.99 35.46
C VAL A 285 13.67 -20.37 34.31
N LEU A 286 14.81 -21.00 34.60
CA LEU A 286 15.71 -21.37 33.50
C LEU A 286 15.19 -22.54 32.68
N GLU A 287 14.51 -23.49 33.32
CA GLU A 287 13.80 -24.56 32.61
C GLU A 287 12.81 -23.96 31.61
N ASN A 288 11.98 -23.04 32.10
CA ASN A 288 11.03 -22.36 31.25
C ASN A 288 11.69 -21.43 30.24
N TYR A 289 12.91 -20.95 30.52
CA TYR A 289 13.64 -20.16 29.54
C TYR A 289 14.02 -21.00 28.34
N TYR A 290 14.59 -22.17 28.59
CA TYR A 290 14.98 -23.03 27.49
C TYR A 290 13.76 -23.60 26.76
N LYS A 291 12.62 -23.72 27.43
CA LYS A 291 11.43 -24.21 26.76
C LYS A 291 10.67 -23.12 26.00
N ASP A 292 10.66 -21.89 26.50
CA ASP A 292 9.62 -20.92 26.16
C ASP A 292 10.10 -19.68 25.41
N PHE A 293 11.21 -19.08 25.84
CA PHE A 293 11.72 -17.88 25.20
C PHE A 293 12.38 -18.23 23.88
N THR A 294 12.24 -17.35 22.89
CA THR A 294 13.02 -17.49 21.67
C THR A 294 14.50 -17.33 21.97
N ILE A 295 15.33 -17.91 21.11
CA ILE A 295 16.76 -17.98 21.39
C ILE A 295 17.37 -16.59 21.27
N TYR A 296 18.36 -16.33 22.13
CA TYR A 296 19.10 -15.07 22.10
C TYR A 296 19.83 -14.91 20.77
N ASN A 297 19.46 -13.88 20.03
CA ASN A 297 20.11 -13.57 18.76
C ASN A 297 20.70 -12.19 18.87
N PRO A 298 22.02 -12.05 19.01
CA PRO A 298 22.63 -10.72 19.09
C PRO A 298 22.56 -9.94 17.80
N ASN A 299 22.38 -10.60 16.66
CA ASN A 299 22.27 -9.93 15.38
C ASN A 299 20.94 -9.20 15.22
N LEU A 300 19.91 -9.60 15.97
CA LEU A 300 18.64 -8.87 15.98
C LEU A 300 18.70 -7.62 16.85
N LEU A 301 19.81 -7.39 17.54
CA LEU A 301 19.95 -6.29 18.48
C LEU A 301 20.88 -5.21 18.00
N THR A 302 21.64 -5.46 16.93
CA THR A 302 22.66 -4.53 16.49
C THR A 302 22.10 -3.29 15.81
N ALA A 303 20.88 -3.36 15.28
CA ALA A 303 20.28 -2.20 14.61
C ALA A 303 20.03 -1.06 15.60
N SER A 304 19.54 -1.39 16.78
CA SER A 304 19.35 -0.38 17.82
C SER A 304 20.68 0.17 18.32
N LYS A 305 21.72 -0.67 18.37
CA LYS A 305 23.03 -0.21 18.83
C LYS A 305 23.67 0.73 17.82
N PHE A 306 23.59 0.40 16.52
CA PHE A 306 24.10 1.31 15.51
C PHE A 306 23.26 2.57 15.40
N ARG A 307 21.96 2.49 15.72
CA ARG A 307 21.13 3.69 15.69
C ARG A 307 21.47 4.62 16.85
N ALA A 308 21.75 4.05 18.02
CA ALA A 308 22.19 4.84 19.15
C ALA A 308 23.58 5.42 18.94
N ALA A 309 24.47 4.67 18.27
CA ALA A 309 25.78 5.20 17.92
C ALA A 309 25.70 6.27 16.84
N LYS A 310 24.69 6.18 15.96
CA LYS A 310 24.48 7.22 14.96
C LYS A 310 23.95 8.49 15.61
N HIS A 311 23.15 8.37 16.67
CA HIS A 311 22.84 9.53 17.48
C HIS A 311 24.06 10.04 18.24
N MET A 312 24.99 9.14 18.58
CA MET A 312 26.25 9.58 19.18
C MET A 312 27.17 10.27 18.17
N ALA A 313 26.94 10.07 16.88
CA ALA A 313 27.73 10.76 15.87
C ALA A 313 27.43 12.25 15.80
N GLY A 314 26.32 12.69 16.37
CA GLY A 314 25.98 14.10 16.41
C GLY A 314 25.32 14.51 17.71
N ALA A 333 15.15 21.73 29.32
CA ALA A 333 14.80 22.86 28.48
C ALA A 333 15.15 22.58 27.02
N MET A 334 16.45 22.45 26.75
CA MET A 334 16.90 22.13 25.40
C MET A 334 16.65 20.65 25.08
N ILE A 335 16.54 19.81 26.11
CA ILE A 335 16.37 18.38 25.88
C ILE A 335 14.92 18.08 25.47
N ALA A 336 13.99 18.98 25.79
CA ALA A 336 12.62 18.81 25.32
C ALA A 336 12.47 19.36 23.90
N ALA A 337 13.20 20.42 23.57
CA ALA A 337 13.13 20.97 22.22
C ALA A 337 13.84 20.08 21.22
N ALA A 338 14.91 19.41 21.65
CA ALA A 338 15.58 18.44 20.79
C ALA A 338 14.70 17.23 20.52
N ALA A 339 13.95 16.79 21.53
CA ALA A 339 12.98 15.73 21.34
C ALA A 339 11.83 16.16 20.45
N ARG A 340 11.44 17.44 20.54
CA ARG A 340 10.39 17.98 19.67
C ARG A 340 10.86 18.04 18.23
N ARG A 341 12.13 18.38 18.01
CA ARG A 341 12.68 18.40 16.65
C ARG A 341 12.88 16.98 16.13
N ARG A 342 13.17 16.03 17.02
CA ARG A 342 13.30 14.63 16.59
C ARG A 342 11.96 14.05 16.18
N ASP A 343 10.92 14.26 16.99
CA ASP A 343 9.63 13.64 16.71
C ASP A 343 8.93 14.31 15.54
N SER A 344 9.37 15.50 15.15
CA SER A 344 8.79 16.17 13.98
C SER A 344 9.53 15.78 12.70
N SER A 345 10.69 15.14 12.83
CA SER A 345 11.49 14.80 11.67
C SER A 345 10.92 13.61 10.93
N HIS A 346 11.61 13.21 9.87
CA HIS A 346 11.23 12.01 9.11
C HIS A 346 11.59 10.75 9.89
N ASN A 347 10.59 9.92 10.19
CA ASN A 347 10.88 8.66 10.88
C ASN A 347 11.38 7.66 9.85
N GLU A 348 12.71 7.53 9.78
CA GLU A 348 13.35 6.49 9.00
C GLU A 348 12.97 5.11 9.49
N LEU A 349 12.73 4.95 10.80
CA LEU A 349 12.56 3.62 11.39
C LEU A 349 11.26 2.97 10.95
N TYR A 350 10.17 3.73 10.85
CA TYR A 350 8.88 3.19 10.40
C TYR A 350 8.98 2.63 8.98
N TYR A 351 9.58 3.39 8.07
CA TYR A 351 9.64 2.95 6.68
C TYR A 351 10.67 1.85 6.49
N GLU A 352 11.76 1.86 7.27
CA GLU A 352 12.73 0.77 7.16
C GLU A 352 12.17 -0.52 7.75
N GLU A 353 11.37 -0.44 8.81
CA GLU A 353 10.73 -1.64 9.34
C GLU A 353 9.66 -2.18 8.41
N ALA A 354 8.89 -1.30 7.77
CA ALA A 354 7.90 -1.75 6.79
C ALA A 354 8.56 -2.38 5.57
N GLU A 355 9.67 -1.79 5.12
CA GLU A 355 10.37 -2.33 3.95
C GLU A 355 11.06 -3.65 4.28
N HIS A 356 11.60 -3.77 5.50
CA HIS A 356 12.21 -5.03 5.92
C HIS A 356 11.17 -6.13 6.08
N GLU A 357 9.99 -5.79 6.61
CA GLU A 357 8.91 -6.77 6.75
C GLU A 357 8.41 -7.23 5.39
N ARG A 358 8.38 -6.31 4.41
CA ARG A 358 8.01 -6.66 3.05
C ARG A 358 9.05 -7.58 2.40
N ARG A 359 10.34 -7.30 2.62
CA ARG A 359 11.38 -8.19 2.09
C ARG A 359 11.35 -9.56 2.74
N VAL A 360 11.03 -9.62 4.04
CA VAL A 360 10.94 -10.90 4.74
C VAL A 360 9.77 -11.71 4.22
N LYS A 361 8.63 -11.05 3.94
CA LYS A 361 7.49 -11.77 3.36
C LYS A 361 7.79 -12.26 1.95
N LYS A 362 8.55 -11.49 1.17
CA LYS A 362 8.90 -11.94 -0.18
C LYS A 362 9.87 -13.12 -0.15
N ARG A 363 10.91 -13.05 0.70
CA ARG A 363 11.82 -14.17 0.84
C ARG A 363 11.14 -15.40 1.43
N LYS A 364 10.15 -15.19 2.30
CA LYS A 364 9.37 -16.31 2.84
C LYS A 364 8.54 -16.99 1.76
N ALA A 365 7.93 -16.20 0.87
CA ALA A 365 7.16 -16.79 -0.23
C ALA A 365 8.05 -17.56 -1.20
N ARG A 366 9.23 -16.99 -1.52
CA ARG A 366 10.22 -17.72 -2.32
C ARG A 366 10.65 -19.02 -1.67
N LEU A 367 10.85 -18.99 -0.35
CA LEU A 367 11.27 -20.17 0.38
C LEU A 367 10.18 -21.24 0.42
N VAL A 368 8.92 -20.84 0.59
CA VAL A 368 7.82 -21.79 0.60
C VAL A 368 7.69 -22.48 -0.76
N VAL A 369 7.79 -21.70 -1.84
CA VAL A 369 7.71 -22.28 -3.18
C VAL A 369 8.89 -23.22 -3.45
N ALA A 370 10.08 -22.83 -3.01
CA ALA A 370 11.28 -23.64 -3.21
C ALA A 370 11.20 -24.95 -2.45
N VAL A 371 10.72 -24.93 -1.21
CA VAL A 371 10.67 -26.17 -0.43
C VAL A 371 9.54 -27.08 -0.89
N GLU A 372 8.42 -26.53 -1.36
CA GLU A 372 7.37 -27.36 -1.94
C GLU A 372 7.83 -28.04 -3.22
N GLU A 373 8.46 -27.29 -4.12
CA GLU A 373 8.93 -27.91 -5.36
C GLU A 373 10.20 -28.74 -5.13
N ALA A 374 10.82 -28.63 -3.97
CA ALA A 374 11.88 -29.57 -3.62
C ALA A 374 11.31 -30.89 -3.09
N PHE A 375 10.28 -30.83 -2.24
CA PHE A 375 9.72 -32.07 -1.70
C PHE A 375 8.93 -32.84 -2.75
N ILE A 376 8.50 -32.18 -3.82
CA ILE A 376 7.77 -32.90 -4.84
C ILE A 376 8.71 -33.74 -5.73
N HIS A 377 10.03 -33.62 -5.56
CA HIS A 377 10.96 -34.31 -6.45
C HIS A 377 11.22 -35.75 -6.04
N ILE A 378 10.83 -36.14 -4.83
CA ILE A 378 11.04 -37.50 -4.37
C ILE A 378 9.71 -38.12 -3.97
N GLN A 379 9.67 -39.46 -3.95
CA GLN A 379 8.46 -40.22 -3.74
C GLN A 379 8.70 -41.26 -2.65
N ARG A 380 7.65 -41.54 -1.87
CA ARG A 380 7.76 -42.36 -0.66
C ARG A 380 8.03 -43.83 -1.00
N LEU A 381 7.70 -44.25 -2.23
CA LEU A 381 7.93 -45.61 -2.75
C LEU A 381 7.26 -46.70 -1.90
N GLU A 392 16.22 -45.10 -8.82
CA GLU A 392 17.25 -45.50 -7.86
C GLU A 392 16.79 -45.31 -6.42
N VAL A 393 16.97 -46.36 -5.62
CA VAL A 393 16.51 -46.37 -4.24
C VAL A 393 17.55 -45.72 -3.33
N MET A 394 17.10 -44.83 -2.45
CA MET A 394 17.99 -44.15 -1.51
C MET A 394 17.30 -43.93 -0.18
N ASP A 395 18.11 -43.84 0.87
CA ASP A 395 17.68 -43.59 2.24
C ASP A 395 17.34 -42.10 2.40
N PRO A 396 16.68 -41.69 3.51
CA PRO A 396 16.30 -40.25 3.62
C PRO A 396 17.45 -39.27 3.68
N ARG A 397 18.65 -39.70 4.06
CA ARG A 397 19.80 -38.81 4.02
C ARG A 397 20.18 -38.46 2.58
N GLU A 398 20.24 -39.47 1.71
CA GLU A 398 20.57 -39.22 0.31
C GLU A 398 19.42 -38.55 -0.43
N ALA A 399 18.18 -38.80 -0.02
CA ALA A 399 17.05 -38.06 -0.60
C ALA A 399 17.07 -36.60 -0.19
N ALA A 400 17.45 -36.33 1.06
CA ALA A 400 17.65 -34.96 1.53
C ALA A 400 18.75 -34.25 0.77
N GLN A 401 19.88 -34.95 0.55
CA GLN A 401 20.97 -34.39 -0.23
C GLN A 401 20.60 -34.21 -1.69
N ALA A 402 19.67 -35.02 -2.20
CA ALA A 402 19.22 -34.88 -3.57
C ALA A 402 18.36 -33.64 -3.75
N ILE A 403 17.39 -33.44 -2.85
CA ILE A 403 16.44 -32.34 -3.05
C ILE A 403 16.88 -31.03 -2.41
N PHE A 404 17.94 -31.03 -1.59
CA PHE A 404 18.40 -29.79 -0.98
C PHE A 404 18.96 -28.72 -1.93
N PRO A 405 19.69 -29.01 -3.02
CA PRO A 405 20.14 -27.91 -3.90
C PRO A 405 19.02 -27.15 -4.61
N SER A 406 17.82 -27.67 -4.68
CA SER A 406 16.71 -26.91 -5.25
C SER A 406 16.02 -26.00 -4.23
N MET A 407 16.40 -26.07 -2.96
CA MET A 407 15.88 -25.14 -1.95
C MET A 407 16.96 -24.34 -1.25
N ALA A 408 18.24 -24.61 -1.53
CA ALA A 408 19.33 -24.13 -0.67
C ALA A 408 19.52 -22.62 -0.75
N ARG A 409 19.38 -22.05 -1.95
CA ARG A 409 19.63 -20.62 -2.11
C ARG A 409 18.50 -19.79 -1.49
N ALA A 410 17.26 -20.23 -1.66
CA ALA A 410 16.12 -19.53 -1.06
C ALA A 410 16.18 -19.58 0.46
N LEU A 411 16.59 -20.73 1.01
CA LEU A 411 16.74 -20.85 2.45
C LEU A 411 17.89 -20.02 2.96
N GLN A 412 18.99 -19.96 2.21
CA GLN A 412 20.13 -19.12 2.60
C GLN A 412 19.75 -17.64 2.61
N LYS A 413 19.01 -17.20 1.59
CA LYS A 413 18.57 -15.81 1.54
C LYS A 413 17.57 -15.48 2.63
N TYR A 414 16.70 -16.44 2.97
CA TYR A 414 15.75 -16.20 4.06
C TYR A 414 16.44 -16.16 5.41
N LEU A 415 17.40 -17.05 5.65
CA LEU A 415 18.12 -17.03 6.92
C LEU A 415 19.02 -15.81 7.03
N ARG A 416 19.50 -15.27 5.91
CA ARG A 416 20.24 -14.01 5.99
C ARG A 416 19.32 -12.83 6.24
N ILE A 417 18.14 -12.79 5.63
CA ILE A 417 17.26 -11.64 5.83
C ILE A 417 16.63 -11.65 7.22
N THR A 418 16.46 -12.84 7.82
CA THR A 418 15.93 -12.94 9.17
C THR A 418 17.01 -13.07 10.23
N ARG A 419 18.28 -13.03 9.81
CA ARG A 419 19.46 -13.00 10.69
C ARG A 419 19.56 -14.27 11.53
N GLN A 420 19.25 -15.40 10.89
CA GLN A 420 19.29 -16.71 11.53
C GLN A 420 20.35 -17.62 10.91
N GLN A 421 21.28 -17.07 10.13
CA GLN A 421 22.19 -17.90 9.37
C GLN A 421 23.30 -18.50 10.23
N ASN A 422 23.56 -17.95 11.41
CA ASN A 422 24.55 -18.53 12.32
C ASN A 422 24.00 -19.73 13.07
N TYR A 423 22.69 -19.96 13.02
CA TYR A 423 22.04 -20.99 13.81
C TYR A 423 21.86 -22.30 13.07
N HIS A 424 22.03 -22.31 11.76
CA HIS A 424 21.74 -23.49 10.95
C HIS A 424 22.91 -23.73 9.99
N SER A 425 23.75 -24.69 10.32
CA SER A 425 24.74 -25.18 9.37
C SER A 425 24.05 -26.05 8.31
N MET A 426 24.78 -26.35 7.24
CA MET A 426 24.23 -27.18 6.18
C MET A 426 23.99 -28.61 6.66
N GLU A 427 24.85 -29.09 7.56
CA GLU A 427 24.66 -30.41 8.15
C GLU A 427 23.39 -30.47 9.00
N SER A 428 23.13 -29.42 9.77
CA SER A 428 21.91 -29.36 10.59
C SER A 428 20.66 -29.34 9.73
N ILE A 429 20.69 -28.57 8.63
CA ILE A 429 19.55 -28.48 7.73
C ILE A 429 19.34 -29.81 7.01
N LEU A 430 20.41 -30.49 6.62
CA LEU A 430 20.28 -31.80 5.99
C LEU A 430 19.76 -32.86 6.96
N GLN A 431 20.17 -32.80 8.22
CA GLN A 431 19.66 -33.75 9.21
C GLN A 431 18.18 -33.51 9.48
N HIS A 432 17.77 -32.24 9.59
CA HIS A 432 16.35 -31.95 9.78
C HIS A 432 15.54 -32.25 8.52
N LEU A 433 16.16 -32.12 7.36
CA LEU A 433 15.49 -32.43 6.10
C LEU A 433 15.24 -33.93 5.98
N ALA A 434 16.26 -34.75 6.27
CA ALA A 434 16.08 -36.19 6.31
C ALA A 434 15.12 -36.62 7.41
N PHE A 435 15.09 -35.88 8.52
CA PHE A 435 14.13 -36.13 9.58
C PHE A 435 12.70 -35.92 9.11
N CYS A 436 12.43 -34.83 8.39
CA CYS A 436 11.09 -34.55 7.92
C CYS A 436 10.70 -35.46 6.76
N ILE A 437 11.66 -35.84 5.91
CA ILE A 437 11.39 -36.80 4.85
C ILE A 437 11.08 -38.17 5.43
N THR A 438 11.76 -38.55 6.52
CA THR A 438 11.49 -39.83 7.19
C THR A 438 10.08 -39.88 7.76
N ASN A 439 9.67 -38.85 8.48
CA ASN A 439 8.44 -38.86 9.25
C ASN A 439 7.23 -38.40 8.44
N GLY A 440 7.38 -38.17 7.13
CA GLY A 440 6.25 -37.81 6.30
C GLY A 440 5.73 -36.41 6.52
N MET A 441 6.61 -35.48 6.87
CA MET A 441 6.21 -34.10 7.13
C MET A 441 6.17 -33.30 5.83
N THR A 442 5.25 -32.33 5.80
CA THR A 442 5.02 -31.47 4.64
C THR A 442 6.15 -30.46 4.49
N PRO A 443 6.21 -29.71 3.36
CA PRO A 443 7.17 -28.61 3.29
C PRO A 443 7.01 -27.53 4.35
N LYS A 444 5.79 -27.17 4.71
CA LYS A 444 5.58 -26.18 5.76
C LYS A 444 6.00 -26.70 7.13
N ALA A 445 5.85 -28.01 7.36
CA ALA A 445 6.27 -28.60 8.63
C ALA A 445 7.79 -28.68 8.74
N PHE A 446 8.47 -28.94 7.62
CA PHE A 446 9.91 -28.79 7.57
C PHE A 446 10.32 -27.34 7.80
N LEU A 447 9.53 -26.41 7.28
CA LEU A 447 9.97 -25.04 7.17
C LEU A 447 9.71 -24.23 8.43
N GLU A 448 8.84 -24.72 9.32
CA GLU A 448 8.53 -24.00 10.55
C GLU A 448 9.73 -23.89 11.49
N ARG A 449 10.72 -24.77 11.36
CA ARG A 449 11.97 -24.61 12.11
C ARG A 449 12.71 -23.34 11.70
N TYR A 450 12.55 -22.92 10.44
CA TYR A 450 13.34 -21.83 9.89
C TYR A 450 12.57 -20.54 9.72
N LEU A 451 11.23 -20.58 9.69
CA LEU A 451 10.45 -19.38 9.43
C LEU A 451 10.50 -18.42 10.62
N SER A 452 10.35 -18.94 11.83
CA SER A 452 10.34 -18.11 13.02
C SER A 452 11.64 -18.32 13.80
N ALA A 453 11.74 -17.63 14.94
CA ALA A 453 12.95 -17.71 15.74
C ALA A 453 13.05 -19.04 16.46
N GLY A 454 12.00 -19.45 17.15
CA GLY A 454 12.00 -20.72 17.84
C GLY A 454 12.74 -20.67 19.15
N PRO A 455 12.38 -21.56 20.08
CA PRO A 455 13.02 -21.54 21.40
C PRO A 455 14.43 -22.12 21.37
N THR A 456 15.08 -22.02 22.53
CA THR A 456 16.52 -22.26 22.61
C THR A 456 16.86 -23.73 22.43
N LEU A 457 15.97 -24.63 22.83
CA LEU A 457 16.23 -26.06 22.72
C LEU A 457 16.01 -26.64 21.33
N GLN A 458 15.53 -25.86 20.35
CA GLN A 458 15.55 -26.35 18.97
C GLN A 458 16.96 -26.50 18.45
N TYR A 459 17.88 -25.68 18.93
CA TYR A 459 19.15 -25.44 18.26
C TYR A 459 20.20 -26.39 18.80
N ASP A 460 21.45 -26.20 18.36
CA ASP A 460 22.53 -27.08 18.74
C ASP A 460 22.87 -26.93 20.22
N LYS A 461 23.48 -27.96 20.79
CA LYS A 461 23.70 -28.02 22.23
C LYS A 461 24.80 -27.05 22.68
N ASP A 462 25.64 -26.60 21.74
CA ASP A 462 26.63 -25.59 22.10
C ASP A 462 26.07 -24.18 22.01
N ARG A 463 24.99 -24.01 21.25
CA ARG A 463 24.40 -22.68 21.05
C ARG A 463 23.69 -22.22 22.31
N TRP A 464 23.08 -23.13 23.04
CA TRP A 464 22.70 -22.87 24.41
C TRP A 464 23.85 -23.27 25.31
N LEU A 465 23.92 -22.64 26.48
CA LEU A 465 25.04 -22.85 27.40
C LEU A 465 24.52 -22.70 28.83
N SER A 466 24.18 -23.83 29.44
CA SER A 466 23.53 -23.86 30.73
C SER A 466 24.50 -23.79 31.89
N THR A 467 25.80 -23.93 31.63
CA THR A 467 26.77 -23.86 32.71
C THR A 467 27.14 -22.41 33.02
N GLN A 468 26.91 -21.50 32.08
CA GLN A 468 27.21 -20.08 32.29
C GLN A 468 25.94 -19.32 32.66
N TRP A 469 25.43 -19.59 33.85
CA TRP A 469 24.34 -18.81 34.43
C TRP A 469 24.78 -18.24 35.77
N ARG A 470 24.49 -16.96 35.98
CA ARG A 470 24.87 -16.26 37.19
C ARG A 470 23.62 -15.68 37.83
N LEU A 471 23.49 -15.87 39.14
CA LEU A 471 22.30 -15.44 39.88
C LEU A 471 22.67 -14.24 40.74
N VAL A 472 22.08 -13.09 40.40
CA VAL A 472 22.25 -11.85 41.15
C VAL A 472 21.01 -11.67 42.02
N SER A 473 21.22 -11.46 43.31
CA SER A 473 20.11 -11.23 44.21
C SER A 473 20.58 -10.32 45.34
N ASP A 474 19.70 -9.43 45.79
CA ASP A 474 20.04 -8.52 46.88
C ASP A 474 20.07 -9.22 48.23
N GLU A 475 19.55 -10.43 48.33
CA GLU A 475 19.51 -11.16 49.58
C GLU A 475 20.06 -12.57 49.38
N ALA A 476 19.94 -13.39 50.41
CA ALA A 476 20.40 -14.77 50.35
C ALA A 476 19.50 -15.57 49.43
N VAL A 477 20.11 -16.34 48.53
CA VAL A 477 19.34 -17.11 47.55
C VAL A 477 18.67 -18.34 48.15
N THR A 478 19.02 -18.71 49.38
CA THR A 478 18.31 -19.76 50.09
C THR A 478 17.04 -19.26 50.76
N ASN A 479 16.83 -17.95 50.82
CA ASN A 479 15.57 -17.43 51.31
C ASN A 479 14.45 -17.75 50.32
N GLY A 480 13.25 -17.93 50.86
CA GLY A 480 12.11 -18.20 50.03
C GLY A 480 11.69 -16.97 49.25
N LEU A 481 10.86 -17.21 48.23
CA LEU A 481 10.26 -16.12 47.48
C LEU A 481 9.33 -15.32 48.38
N ARG A 482 9.27 -14.01 48.14
CA ARG A 482 8.26 -13.18 48.76
C ARG A 482 7.91 -12.07 47.79
N ASP A 483 6.88 -11.31 48.14
CA ASP A 483 6.34 -10.26 47.27
C ASP A 483 7.35 -9.13 47.13
N GLY A 484 7.72 -8.82 45.90
CA GLY A 484 8.51 -7.64 45.60
C GLY A 484 10.00 -7.85 45.46
N ILE A 485 10.50 -9.07 45.56
CA ILE A 485 11.92 -9.30 45.39
C ILE A 485 12.25 -9.36 43.91
N VAL A 486 13.48 -8.96 43.58
CA VAL A 486 14.00 -9.00 42.22
C VAL A 486 15.28 -9.80 42.24
N PHE A 487 15.36 -10.80 41.37
CA PHE A 487 16.63 -11.50 41.15
C PHE A 487 16.88 -11.58 39.65
N VAL A 488 18.16 -11.54 39.29
CA VAL A 488 18.59 -11.43 37.90
C VAL A 488 19.39 -12.67 37.56
N LEU A 489 19.04 -13.31 36.44
CA LEU A 489 19.74 -14.48 35.92
C LEU A 489 20.57 -14.03 34.74
N LYS A 490 21.88 -13.87 34.95
CA LYS A 490 22.75 -13.32 33.93
C LYS A 490 23.45 -14.44 33.16
N CYS A 491 23.28 -14.42 31.85
CA CYS A 491 24.07 -15.19 30.91
C CYS A 491 25.26 -14.33 30.48
N LEU A 492 25.96 -14.74 29.42
CA LEU A 492 27.16 -14.01 29.03
C LEU A 492 26.84 -12.66 28.40
N ASP A 493 25.82 -12.59 27.54
CA ASP A 493 25.42 -11.33 26.94
C ASP A 493 24.13 -10.74 27.48
N PHE A 494 23.13 -11.57 27.78
CA PHE A 494 21.83 -11.04 28.21
C PHE A 494 21.60 -11.33 29.68
N SER A 495 20.43 -10.96 30.19
CA SER A 495 20.06 -11.32 31.54
C SER A 495 18.55 -11.49 31.61
N LEU A 496 18.11 -12.33 32.55
CA LEU A 496 16.70 -12.51 32.84
C LEU A 496 16.38 -11.78 34.13
N VAL A 497 15.68 -10.67 34.02
CA VAL A 497 15.30 -9.87 35.18
C VAL A 497 13.97 -10.38 35.68
N VAL A 498 13.94 -10.91 36.89
CA VAL A 498 12.77 -11.60 37.42
C VAL A 498 12.32 -10.87 38.67
N ASN A 499 11.15 -10.23 38.62
CA ASN A 499 10.53 -9.67 39.82
C ASN A 499 9.32 -10.51 40.22
N VAL A 500 9.20 -10.74 41.51
CA VAL A 500 8.25 -11.68 42.08
C VAL A 500 7.10 -10.90 42.69
N LYS A 501 5.88 -11.25 42.34
CA LYS A 501 4.70 -10.67 42.95
C LYS A 501 3.86 -11.76 43.60
N LYS A 502 3.38 -11.48 44.80
CA LYS A 502 2.43 -12.36 45.46
C LYS A 502 1.13 -12.41 44.66
N ILE A 503 0.63 -13.62 44.44
CA ILE A 503 -0.69 -13.75 43.82
C ILE A 503 -1.74 -13.25 44.80
N PRO A 504 -2.65 -12.35 44.38
CA PRO A 504 -3.46 -11.60 45.34
C PRO A 504 -4.50 -12.44 46.06
N PHE A 505 -4.88 -11.94 47.23
CA PHE A 505 -5.97 -12.54 48.00
C PHE A 505 -7.29 -12.27 47.28
N ILE A 506 -7.95 -13.33 46.84
CA ILE A 506 -9.15 -13.23 46.02
C ILE A 506 -10.35 -13.54 46.90
N ILE A 507 -11.39 -12.71 46.83
CA ILE A 507 -12.63 -12.95 47.55
C ILE A 507 -13.69 -13.31 46.52
N LEU A 508 -14.18 -14.54 46.57
CA LEU A 508 -15.33 -14.95 45.77
C LEU A 508 -16.62 -14.83 46.58
N SER A 509 -17.70 -14.61 45.85
CA SER A 509 -19.03 -14.62 46.41
C SER A 509 -19.97 -15.17 45.36
N GLU A 510 -21.07 -15.78 45.80
CA GLU A 510 -22.11 -16.12 44.85
C GLU A 510 -23.02 -14.93 44.61
N GLU A 511 -23.59 -14.88 43.42
CA GLU A 511 -24.82 -14.18 43.18
C GLU A 511 -25.71 -15.07 42.34
N PHE A 512 -27.01 -15.04 42.64
CA PHE A 512 -27.96 -15.92 41.99
C PHE A 512 -28.54 -15.19 40.78
N ILE A 513 -28.37 -15.79 39.61
CA ILE A 513 -29.09 -15.38 38.41
C ILE A 513 -30.17 -16.41 38.14
N ASP A 514 -31.41 -15.96 38.18
CA ASP A 514 -32.53 -16.81 37.83
C ASP A 514 -32.45 -17.14 36.34
N PRO A 515 -32.45 -18.42 35.96
CA PRO A 515 -32.51 -18.75 34.53
C PRO A 515 -33.84 -18.41 33.86
N LYS A 516 -34.86 -18.07 34.64
CA LYS A 516 -36.07 -17.47 34.08
C LYS A 516 -35.89 -15.99 33.76
N SER A 517 -34.86 -15.36 34.30
CA SER A 517 -34.62 -13.94 34.10
C SER A 517 -33.81 -13.63 32.84
N HIS A 518 -33.70 -14.60 31.92
CA HIS A 518 -33.02 -14.41 30.65
C HIS A 518 -34.00 -14.12 29.53
N LYS A 519 -35.02 -13.33 29.81
CA LYS A 519 -36.02 -13.00 28.81
C LYS A 519 -35.59 -11.80 27.98
N PHE A 520 -35.81 -11.88 26.68
CA PHE A 520 -35.35 -10.85 25.76
C PHE A 520 -36.53 -10.35 24.94
N VAL A 521 -36.42 -9.10 24.49
CA VAL A 521 -37.45 -8.49 23.65
C VAL A 521 -36.82 -8.09 22.33
N LEU A 522 -37.68 -8.02 21.30
CA LEU A 522 -37.26 -7.59 19.98
C LEU A 522 -37.01 -6.09 19.90
N ARG A 523 -37.36 -5.34 20.95
CA ARG A 523 -37.11 -3.91 21.02
C ARG A 523 -35.61 -3.62 20.99
N LEU A 524 -35.27 -2.49 20.40
CA LEU A 524 -33.88 -2.09 20.28
C LEU A 524 -33.36 -1.63 21.64
N GLN A 525 -32.04 -1.79 21.85
CA GLN A 525 -31.46 -1.33 23.11
C GLN A 525 -30.53 -0.14 22.91
N THR B 120 -18.68 -54.17 41.26
CA THR B 120 -18.08 -54.59 40.01
C THR B 120 -16.91 -55.55 40.25
N VAL B 121 -16.01 -55.65 39.28
CA VAL B 121 -14.86 -56.55 39.41
C VAL B 121 -13.83 -55.96 40.37
N ALA B 122 -13.43 -54.72 40.13
CA ALA B 122 -12.46 -54.07 41.03
C ALA B 122 -13.10 -53.66 42.35
N SER B 123 -14.41 -53.41 42.35
CA SER B 123 -15.09 -53.02 43.58
C SER B 123 -15.20 -54.19 44.56
N PHE B 124 -15.35 -55.41 44.05
CA PHE B 124 -15.41 -56.57 44.93
C PHE B 124 -14.06 -56.87 45.54
N LEU B 125 -12.98 -56.71 44.77
CA LEU B 125 -11.64 -56.86 45.32
C LEU B 125 -11.30 -55.74 46.30
N GLY B 126 -11.83 -54.54 46.05
CA GLY B 126 -11.69 -53.46 47.02
C GLY B 126 -12.43 -53.74 48.31
N LEU B 127 -13.61 -54.36 48.21
CA LEU B 127 -14.35 -54.75 49.40
C LEU B 127 -13.61 -55.85 50.16
N LEU B 128 -12.95 -56.76 49.44
CA LEU B 128 -12.18 -57.81 50.10
C LEU B 128 -10.95 -57.25 50.80
N VAL B 129 -10.24 -56.33 50.15
CA VAL B 129 -9.03 -55.77 50.77
C VAL B 129 -9.41 -54.82 51.91
N PHE B 130 -10.63 -54.25 51.89
CA PHE B 130 -11.06 -53.45 53.02
C PHE B 130 -11.57 -54.30 54.19
N LEU B 131 -12.19 -55.44 53.90
CA LEU B 131 -12.72 -56.30 54.96
C LEU B 131 -11.72 -57.32 55.48
N THR B 132 -10.56 -57.47 54.84
CA THR B 132 -9.50 -58.34 55.37
C THR B 132 -9.03 -57.98 56.77
N PRO B 133 -8.73 -56.72 57.15
CA PRO B 133 -8.36 -56.47 58.56
C PRO B 133 -9.52 -56.67 59.51
N ILE B 134 -10.73 -56.33 59.05
CA ILE B 134 -11.94 -56.50 59.85
C ILE B 134 -12.20 -57.99 60.07
N ALA B 135 -11.95 -58.83 59.06
CA ALA B 135 -12.13 -60.26 59.23
C ALA B 135 -11.07 -60.84 60.15
N PHE B 136 -9.82 -60.34 60.05
CA PHE B 136 -8.76 -60.77 60.96
C PHE B 136 -9.06 -60.41 62.41
N ILE B 137 -9.80 -59.32 62.61
CA ILE B 137 -10.27 -58.96 63.95
C ILE B 137 -11.42 -59.84 64.39
N LEU B 138 -12.43 -60.03 63.54
CA LEU B 138 -13.68 -60.65 63.98
C LEU B 138 -13.58 -62.16 64.15
N LEU B 139 -12.74 -62.84 63.36
CA LEU B 139 -12.67 -64.30 63.45
C LEU B 139 -12.16 -64.93 64.77
N PRO B 140 -11.20 -64.37 65.52
CA PRO B 140 -10.80 -65.04 66.79
C PRO B 140 -11.87 -64.97 67.89
N PRO B 141 -12.64 -63.89 68.08
CA PRO B 141 -13.73 -64.00 69.07
C PRO B 141 -14.93 -64.81 68.60
N ILE B 142 -14.99 -65.21 67.33
CA ILE B 142 -16.08 -66.05 66.85
C ILE B 142 -15.70 -67.53 66.87
N LEU B 143 -14.50 -67.86 66.38
CA LEU B 143 -14.13 -69.25 66.24
C LEU B 143 -13.68 -69.87 67.56
N TRP B 144 -12.86 -69.17 68.34
CA TRP B 144 -12.49 -69.61 69.69
C TRP B 144 -12.74 -68.45 70.66
N ARG B 145 -13.98 -68.36 71.15
CA ARG B 145 -14.37 -67.22 71.96
C ARG B 145 -13.80 -67.31 73.37
N ASP B 146 -13.79 -68.49 73.96
CA ASP B 146 -13.36 -68.68 75.34
C ASP B 146 -11.84 -68.79 75.47
N GLU B 147 -11.09 -68.76 74.38
CA GLU B 147 -9.66 -68.95 74.42
C GLU B 147 -8.88 -67.64 74.40
N LEU B 148 -9.56 -66.50 74.18
CA LEU B 148 -8.90 -65.20 74.18
C LEU B 148 -8.36 -64.84 75.56
N GLU B 149 -7.11 -64.40 75.59
CA GLU B 149 -6.55 -63.81 76.78
C GLU B 149 -7.22 -62.45 77.01
N PRO B 150 -7.39 -62.04 78.27
CA PRO B 150 -8.05 -60.74 78.54
C PRO B 150 -7.18 -59.55 78.14
N CYS B 151 -7.54 -58.91 77.02
CA CYS B 151 -6.78 -57.75 76.55
C CYS B 151 -7.19 -56.48 77.30
N GLY B 152 -8.45 -56.10 77.19
CA GLY B 152 -8.96 -54.97 77.93
C GLY B 152 -8.70 -53.63 77.27
N THR B 153 -7.70 -52.91 77.78
CA THR B 153 -7.47 -51.54 77.35
C THR B 153 -6.74 -51.47 76.02
N ILE B 154 -5.65 -52.21 75.87
CA ILE B 154 -4.72 -51.98 74.77
C ILE B 154 -5.31 -52.44 73.45
N CYS B 155 -6.08 -53.54 73.49
CA CYS B 155 -6.75 -54.03 72.29
C CYS B 155 -7.79 -53.04 71.80
N GLU B 156 -8.54 -52.41 72.71
CA GLU B 156 -9.57 -51.45 72.29
C GLU B 156 -8.95 -50.15 71.79
N GLY B 157 -7.89 -49.68 72.45
CA GLY B 157 -7.16 -48.52 71.96
C GLY B 157 -6.43 -48.78 70.66
N LEU B 158 -6.20 -50.03 70.32
CA LEU B 158 -5.67 -50.37 69.02
C LEU B 158 -6.78 -50.54 67.97
N PHE B 159 -7.99 -50.96 68.39
CA PHE B 159 -9.12 -50.97 67.47
C PHE B 159 -9.50 -49.57 67.02
N ILE B 160 -9.36 -48.59 67.92
CA ILE B 160 -9.71 -47.21 67.57
C ILE B 160 -8.75 -46.67 66.52
N SER B 161 -7.45 -46.93 66.71
CA SER B 161 -6.45 -46.55 65.72
C SER B 161 -6.65 -47.26 64.39
N MET B 162 -7.05 -48.54 64.46
CA MET B 162 -7.38 -49.31 63.26
C MET B 162 -8.55 -48.69 62.49
N ALA B 163 -9.61 -48.31 63.21
CA ALA B 163 -10.79 -47.74 62.55
C ALA B 163 -10.48 -46.38 61.94
N PHE B 164 -9.67 -45.57 62.62
CA PHE B 164 -9.31 -44.26 62.08
C PHE B 164 -8.38 -44.38 60.87
N LYS B 165 -7.44 -45.33 60.89
CA LYS B 165 -6.57 -45.52 59.75
C LYS B 165 -7.32 -46.14 58.56
N LEU B 166 -8.30 -47.01 58.82
CA LEU B 166 -9.14 -47.51 57.74
C LEU B 166 -10.03 -46.41 57.16
N LEU B 167 -10.47 -45.46 57.99
CA LEU B 167 -11.23 -44.34 57.46
C LEU B 167 -10.36 -43.44 56.58
N ILE B 168 -9.12 -43.20 57.01
CA ILE B 168 -8.15 -42.45 56.19
C ILE B 168 -7.90 -43.16 54.87
N LEU B 169 -7.75 -44.49 54.91
CA LEU B 169 -7.49 -45.27 53.71
C LEU B 169 -8.68 -45.25 52.75
N LEU B 170 -9.90 -45.33 53.29
CA LEU B 170 -11.08 -45.31 52.43
C LEU B 170 -11.29 -43.93 51.80
N ILE B 171 -11.05 -42.85 52.56
CA ILE B 171 -11.21 -41.51 52.01
C ILE B 171 -10.15 -41.23 50.95
N GLY B 172 -8.90 -41.61 51.20
CA GLY B 172 -7.86 -41.39 50.21
C GLY B 172 -8.02 -42.25 48.97
N THR B 173 -8.51 -43.48 49.14
CA THR B 173 -8.76 -44.35 48.00
C THR B 173 -9.90 -43.83 47.14
N TRP B 174 -10.97 -43.32 47.78
CA TRP B 174 -12.03 -42.65 47.04
C TRP B 174 -11.51 -41.41 46.32
N ALA B 175 -10.64 -40.63 46.99
CA ALA B 175 -10.19 -39.36 46.44
C ALA B 175 -9.31 -39.56 45.21
N LEU B 176 -8.41 -40.53 45.24
CA LEU B 176 -7.44 -40.66 44.15
C LEU B 176 -7.69 -41.82 43.20
N PHE B 177 -8.56 -42.77 43.53
CA PHE B 177 -8.69 -43.94 42.68
C PHE B 177 -10.12 -44.32 42.34
N PHE B 178 -11.13 -43.69 42.94
CA PHE B 178 -12.50 -43.87 42.49
C PHE B 178 -12.73 -42.86 41.37
N ARG B 179 -12.23 -43.22 40.19
CA ARG B 179 -12.40 -42.41 38.99
C ARG B 179 -12.26 -43.35 37.79
N LYS B 180 -12.89 -42.96 36.70
CA LYS B 180 -12.96 -43.81 35.52
C LYS B 180 -11.61 -43.90 34.82
N ARG B 181 -11.40 -44.99 34.10
CA ARG B 181 -10.18 -45.19 33.33
C ARG B 181 -10.11 -44.15 32.22
N ARG B 182 -8.97 -43.48 32.10
CA ARG B 182 -8.91 -42.26 31.31
C ARG B 182 -8.52 -42.54 29.87
N ALA B 183 -7.72 -43.58 29.65
CA ALA B 183 -7.20 -43.85 28.32
C ALA B 183 -6.91 -45.32 28.14
N ASP B 184 -6.96 -45.75 26.89
CA ASP B 184 -6.46 -47.06 26.47
C ASP B 184 -5.09 -46.87 25.84
N MET B 185 -4.12 -47.59 26.36
CA MET B 185 -2.72 -47.60 25.99
C MET B 185 -2.40 -48.87 25.23
N PRO B 186 -1.32 -48.89 24.41
CA PRO B 186 -1.01 -50.10 23.64
C PRO B 186 -0.60 -51.28 24.51
N ARG B 187 0.42 -51.11 25.31
CA ARG B 187 0.89 -52.16 26.20
C ARG B 187 0.34 -51.91 27.60
N VAL B 188 0.81 -52.73 28.56
CA VAL B 188 0.29 -52.65 29.91
C VAL B 188 0.86 -51.42 30.61
N PHE B 189 0.02 -50.78 31.41
CA PHE B 189 0.47 -49.77 32.36
C PHE B 189 1.38 -50.51 33.32
N VAL B 190 2.69 -50.21 33.32
CA VAL B 190 3.64 -50.99 34.09
C VAL B 190 3.47 -50.73 35.59
N PHE B 191 3.24 -49.47 35.96
CA PHE B 191 3.16 -49.13 37.37
C PHE B 191 1.85 -49.61 38.00
N ARG B 192 0.74 -49.54 37.26
CA ARG B 192 -0.52 -50.07 37.80
C ARG B 192 -0.49 -51.58 37.89
N ALA B 193 0.17 -52.25 36.93
CA ALA B 193 0.36 -53.69 37.03
C ALA B 193 1.22 -54.06 38.23
N LEU B 194 2.26 -53.26 38.49
CA LEU B 194 3.11 -53.48 39.66
C LEU B 194 2.34 -53.28 40.95
N LEU B 195 1.48 -52.26 40.99
CA LEU B 195 0.67 -52.00 42.19
C LEU B 195 -0.35 -53.10 42.41
N LEU B 196 -0.98 -53.61 41.34
CA LEU B 196 -1.97 -54.67 41.52
C LEU B 196 -1.32 -55.98 41.90
N VAL B 197 -0.16 -56.31 41.32
CA VAL B 197 0.60 -57.49 41.73
C VAL B 197 1.06 -57.37 43.18
N LEU B 198 1.45 -56.15 43.58
CA LEU B 198 1.89 -55.93 44.96
C LEU B 198 0.74 -56.09 45.95
N ILE B 199 -0.45 -55.54 45.61
CA ILE B 199 -1.63 -55.71 46.46
C ILE B 199 -2.04 -57.19 46.53
N PHE B 200 -1.94 -57.89 45.40
CA PHE B 200 -2.33 -59.31 45.37
C PHE B 200 -1.41 -60.16 46.23
N LEU B 201 -0.08 -60.04 46.04
CA LEU B 201 0.86 -60.80 46.86
C LEU B 201 0.80 -60.38 48.33
N PHE B 202 0.54 -59.10 48.59
CA PHE B 202 0.35 -58.57 49.93
C PHE B 202 -0.80 -59.25 50.66
N VAL B 203 -2.00 -59.21 50.06
CA VAL B 203 -3.19 -59.72 50.72
C VAL B 203 -3.18 -61.25 50.75
N VAL B 204 -2.63 -61.88 49.71
CA VAL B 204 -2.54 -63.34 49.70
C VAL B 204 -1.53 -63.83 50.75
N SER B 205 -0.42 -63.11 50.94
CA SER B 205 0.52 -63.50 51.98
C SER B 205 -0.05 -63.28 53.37
N TYR B 206 -0.84 -62.23 53.57
CA TYR B 206 -1.47 -62.04 54.88
C TYR B 206 -2.55 -63.08 55.16
N TRP B 207 -3.39 -63.44 54.17
CA TRP B 207 -4.35 -64.51 54.38
C TRP B 207 -3.67 -65.85 54.56
N LEU B 208 -2.53 -66.06 53.89
CA LEU B 208 -1.80 -67.31 54.03
C LEU B 208 -1.22 -67.46 55.43
N PHE B 209 -0.61 -66.39 55.94
CA PHE B 209 -0.08 -66.45 57.31
C PHE B 209 -1.20 -66.50 58.34
N TYR B 210 -2.36 -65.89 58.04
CA TYR B 210 -3.46 -65.92 58.97
C TYR B 210 -4.14 -67.27 59.01
N GLY B 211 -4.14 -68.00 57.89
CA GLY B 211 -4.75 -69.31 57.86
C GLY B 211 -3.82 -70.38 58.39
N VAL B 212 -2.54 -70.31 58.03
CA VAL B 212 -1.60 -71.35 58.45
C VAL B 212 -1.22 -71.20 59.91
N ARG B 213 -0.80 -70.00 60.33
CA ARG B 213 -0.18 -69.83 61.63
C ARG B 213 -1.08 -69.15 62.67
N ILE B 214 -2.33 -68.86 62.35
CA ILE B 214 -3.23 -68.29 63.34
C ILE B 214 -4.51 -69.12 63.45
N LEU B 215 -5.17 -69.39 62.32
CA LEU B 215 -6.41 -70.16 62.37
C LEU B 215 -6.17 -71.64 62.62
N ASP B 216 -5.17 -72.23 61.97
CA ASP B 216 -4.88 -73.65 62.18
C ASP B 216 -4.27 -73.92 63.54
N SER B 217 -3.70 -72.91 64.19
CA SER B 217 -3.17 -73.08 65.53
C SER B 217 -4.13 -72.63 66.63
N ARG B 218 -5.13 -71.81 66.27
CA ARG B 218 -6.14 -71.26 67.19
C ARG B 218 -5.48 -70.52 68.35
N ASP B 219 -4.83 -69.42 67.99
CA ASP B 219 -3.88 -68.76 68.87
C ASP B 219 -4.55 -68.08 70.05
N ARG B 220 -3.75 -67.91 71.10
CA ARG B 220 -4.01 -67.03 72.22
C ARG B 220 -3.51 -65.62 71.85
N ASN B 221 -3.30 -64.78 72.87
CA ASN B 221 -2.78 -63.39 72.84
C ASN B 221 -3.34 -62.56 71.67
N TYR B 222 -4.66 -62.38 71.75
CA TYR B 222 -5.47 -61.64 70.78
C TYR B 222 -4.97 -60.22 70.53
N GLN B 223 -4.29 -59.61 71.51
CA GLN B 223 -3.60 -58.33 71.31
C GLN B 223 -2.61 -58.41 70.15
N GLY B 224 -1.89 -59.52 70.04
CA GLY B 224 -0.99 -59.69 68.90
C GLY B 224 -1.72 -59.86 67.58
N ILE B 225 -2.92 -60.43 67.61
CA ILE B 225 -3.72 -60.54 66.39
C ILE B 225 -4.20 -59.16 65.95
N VAL B 226 -4.58 -58.31 66.91
CA VAL B 226 -4.97 -56.95 66.57
C VAL B 226 -3.76 -56.15 66.09
N GLN B 227 -2.58 -56.43 66.64
CA GLN B 227 -1.35 -55.81 66.13
C GLN B 227 -1.06 -56.25 64.70
N TYR B 228 -1.34 -57.51 64.38
CA TYR B 228 -1.18 -58.02 63.02
C TYR B 228 -2.12 -57.32 62.05
N ALA B 229 -3.37 -57.12 62.46
CA ALA B 229 -4.34 -56.42 61.62
C ALA B 229 -3.99 -54.95 61.45
N VAL B 230 -3.46 -54.31 62.51
CA VAL B 230 -3.07 -52.91 62.41
C VAL B 230 -1.82 -52.75 61.55
N SER B 231 -0.91 -53.73 61.58
CA SER B 231 0.23 -53.71 60.67
C SER B 231 -0.20 -53.90 59.22
N LEU B 232 -1.25 -54.71 58.99
CA LEU B 232 -1.89 -54.78 57.68
C LEU B 232 -2.44 -53.42 57.24
N VAL B 233 -3.16 -52.73 58.12
CA VAL B 233 -3.74 -51.44 57.75
C VAL B 233 -2.65 -50.40 57.49
N ASP B 234 -1.57 -50.44 58.28
CA ASP B 234 -0.43 -49.55 58.09
C ASP B 234 0.23 -49.77 56.74
N ALA B 235 0.59 -51.02 56.44
CA ALA B 235 1.26 -51.32 55.19
C ALA B 235 0.34 -51.14 53.98
N LEU B 236 -0.97 -51.22 54.16
CA LEU B 236 -1.87 -50.92 53.06
C LEU B 236 -2.01 -49.42 52.83
N LEU B 237 -1.93 -48.62 53.89
CA LEU B 237 -1.77 -47.18 53.73
C LEU B 237 -0.47 -46.82 53.02
N PHE B 238 0.61 -47.54 53.32
CA PHE B 238 1.85 -47.29 52.60
C PHE B 238 1.81 -47.81 51.17
N ILE B 239 0.96 -48.80 50.87
CA ILE B 239 0.70 -49.18 49.48
C ILE B 239 -0.03 -48.06 48.75
N HIS B 240 -1.00 -47.42 49.41
CA HIS B 240 -1.68 -46.25 48.86
C HIS B 240 -0.68 -45.11 48.60
N TYR B 241 0.27 -44.94 49.52
CA TYR B 241 1.33 -43.95 49.34
C TYR B 241 2.27 -44.31 48.20
N LEU B 242 2.64 -45.58 48.07
CA LEU B 242 3.46 -46.00 46.94
C LEU B 242 2.71 -45.84 45.62
N ALA B 243 1.39 -46.00 45.65
CA ALA B 243 0.58 -45.76 44.47
C ALA B 243 0.61 -44.30 44.06
N ILE B 244 0.54 -43.38 45.02
CA ILE B 244 0.57 -41.96 44.61
C ILE B 244 2.00 -41.55 44.23
N VAL B 245 3.00 -42.25 44.77
CA VAL B 245 4.39 -42.02 44.36
C VAL B 245 4.59 -42.45 42.91
N LEU B 246 4.15 -43.65 42.56
CA LEU B 246 4.39 -44.18 41.22
C LEU B 246 3.52 -43.52 40.17
N LEU B 247 2.26 -43.23 40.49
CA LEU B 247 1.32 -42.84 39.44
C LEU B 247 1.31 -41.35 39.14
N GLU B 248 1.52 -40.47 40.12
CA GLU B 248 1.49 -39.05 39.80
C GLU B 248 2.60 -38.21 40.40
N LEU B 249 3.47 -38.76 41.25
CA LEU B 249 4.55 -37.97 41.82
C LEU B 249 5.90 -38.18 41.15
N ARG B 250 6.08 -39.29 40.44
CA ARG B 250 7.36 -39.57 39.80
C ARG B 250 7.63 -38.62 38.63
N GLN B 251 6.58 -38.11 38.00
CA GLN B 251 6.72 -37.22 36.85
C GLN B 251 6.48 -35.75 37.19
N LEU B 252 6.48 -35.38 38.47
CA LEU B 252 6.29 -33.98 38.82
C LEU B 252 7.52 -33.15 38.47
N GLN B 253 8.71 -33.68 38.71
CA GLN B 253 9.93 -32.95 38.43
C GLN B 253 10.24 -33.03 36.94
N PRO B 254 10.31 -31.91 36.22
CA PRO B 254 10.37 -31.95 34.74
C PRO B 254 11.71 -32.40 34.17
N MET B 255 11.90 -33.70 33.96
CA MET B 255 13.20 -34.19 33.49
C MET B 255 13.44 -33.88 32.02
N PHE B 256 12.39 -33.80 31.21
CA PHE B 256 12.55 -33.76 29.77
C PHE B 256 11.76 -32.62 29.17
N THR B 257 12.11 -32.24 27.96
CA THR B 257 11.28 -31.38 27.14
C THR B 257 10.85 -32.15 25.91
N LEU B 258 9.69 -31.79 25.37
CA LEU B 258 9.11 -32.51 24.24
C LEU B 258 8.67 -31.50 23.19
N GLN B 259 9.27 -31.58 22.01
CA GLN B 259 8.85 -30.78 20.87
C GLN B 259 7.83 -31.57 20.05
N VAL B 260 6.58 -31.11 20.06
CA VAL B 260 5.49 -31.77 19.38
C VAL B 260 5.13 -30.94 18.16
N VAL B 261 5.29 -31.51 16.97
CA VAL B 261 5.06 -30.82 15.71
C VAL B 261 4.02 -31.59 14.91
N ARG B 262 3.01 -30.89 14.38
CA ARG B 262 2.16 -31.52 13.37
C ARG B 262 2.89 -31.65 12.05
N SER B 263 2.71 -32.80 11.41
CA SER B 263 3.37 -33.07 10.14
C SER B 263 2.77 -32.30 8.98
N THR B 264 1.58 -31.72 9.13
CA THR B 264 0.88 -31.05 8.05
C THR B 264 1.14 -29.55 8.00
N ASP B 265 0.78 -28.82 9.04
CA ASP B 265 0.97 -27.38 9.02
C ASP B 265 2.19 -26.93 9.80
N GLY B 266 2.83 -27.83 10.55
CA GLY B 266 4.03 -27.50 11.27
C GLY B 266 3.84 -26.83 12.60
N GLU B 267 2.61 -26.71 13.09
CA GLU B 267 2.34 -26.07 14.37
C GLU B 267 3.02 -26.83 15.49
N SER B 268 3.74 -26.12 16.33
CA SER B 268 4.67 -26.74 17.26
C SER B 268 4.60 -26.06 18.62
N ARG B 269 4.60 -26.87 19.67
CA ARG B 269 4.63 -26.38 21.05
C ARG B 269 5.57 -27.28 21.85
N PHE B 270 6.16 -26.71 22.89
CA PHE B 270 7.10 -27.47 23.71
C PHE B 270 6.48 -27.74 25.08
N TYR B 271 6.71 -28.93 25.61
CA TYR B 271 6.15 -29.33 26.89
C TYR B 271 7.23 -29.96 27.75
N SER B 272 7.19 -29.70 29.05
CA SER B 272 8.09 -30.33 30.00
C SER B 272 7.40 -31.52 30.66
N LEU B 273 8.11 -32.64 30.74
CA LEU B 273 7.61 -33.85 31.37
C LEU B 273 8.69 -34.47 32.24
N GLY B 274 8.25 -35.19 33.26
CA GLY B 274 9.12 -35.95 34.13
C GLY B 274 9.42 -37.32 33.59
N HIS B 275 9.70 -38.25 34.50
CA HIS B 275 9.93 -39.63 34.13
C HIS B 275 8.58 -40.29 33.87
N LEU B 276 8.19 -40.32 32.61
CA LEU B 276 7.04 -41.07 32.13
C LEU B 276 7.52 -42.10 31.14
N SER B 277 6.68 -43.12 30.91
CA SER B 277 6.89 -43.99 29.78
C SER B 277 6.47 -43.27 28.49
N ILE B 278 6.78 -43.89 27.36
CA ILE B 278 6.42 -43.31 26.06
C ILE B 278 4.91 -43.31 25.87
N GLN B 279 4.22 -44.33 26.40
CA GLN B 279 2.76 -44.34 26.50
C GLN B 279 2.20 -43.11 27.19
N ARG B 280 2.64 -42.90 28.43
CA ARG B 280 2.04 -41.86 29.26
C ARG B 280 2.47 -40.48 28.80
N ALA B 281 3.69 -40.37 28.27
CA ALA B 281 4.11 -39.12 27.64
C ALA B 281 3.25 -38.81 26.42
N ALA B 282 2.94 -39.84 25.63
CA ALA B 282 2.05 -39.65 24.49
C ALA B 282 0.65 -39.26 24.92
N LEU B 283 0.20 -39.77 26.08
CA LEU B 283 -1.09 -39.38 26.62
C LEU B 283 -1.13 -37.91 27.01
N VAL B 284 -0.09 -37.45 27.71
CA VAL B 284 -0.02 -36.03 28.10
C VAL B 284 0.11 -35.14 26.86
N VAL B 285 0.85 -35.61 25.84
CA VAL B 285 0.95 -34.89 24.58
C VAL B 285 -0.42 -34.78 23.91
N LEU B 286 -1.24 -35.83 23.97
CA LEU B 286 -2.55 -35.74 23.32
C LEU B 286 -3.52 -34.87 24.10
N GLU B 287 -3.44 -34.88 25.44
CA GLU B 287 -4.18 -33.93 26.28
C GLU B 287 -3.87 -32.50 25.86
N ASN B 288 -2.57 -32.18 25.78
CA ASN B 288 -2.15 -30.87 25.35
C ASN B 288 -2.45 -30.60 23.89
N TYR B 289 -2.59 -31.63 23.06
CA TYR B 289 -3.00 -31.45 21.67
C TYR B 289 -4.42 -30.94 21.59
N TYR B 290 -5.33 -31.59 22.32
CA TYR B 290 -6.72 -31.16 22.30
C TYR B 290 -6.89 -29.80 22.99
N LYS B 291 -6.02 -29.46 23.93
CA LYS B 291 -6.13 -28.16 24.59
C LYS B 291 -5.49 -27.03 23.79
N ASP B 292 -4.38 -27.29 23.08
CA ASP B 292 -3.43 -26.25 22.70
C ASP B 292 -3.30 -26.02 21.20
N PHE B 293 -3.22 -27.07 20.40
CA PHE B 293 -3.06 -26.93 18.96
C PHE B 293 -4.37 -26.52 18.33
N THR B 294 -4.31 -25.69 17.30
CA THR B 294 -5.48 -25.40 16.48
C THR B 294 -5.94 -26.67 15.78
N ILE B 295 -7.23 -26.71 15.44
CA ILE B 295 -7.82 -27.93 14.93
C ILE B 295 -7.29 -28.23 13.53
N TYR B 296 -7.12 -29.51 13.23
CA TYR B 296 -6.69 -29.94 11.92
C TYR B 296 -7.72 -29.55 10.86
N ASN B 297 -7.29 -28.71 9.92
CA ASN B 297 -8.14 -28.28 8.83
C ASN B 297 -7.47 -28.71 7.53
N PRO B 298 -7.97 -29.74 6.85
CA PRO B 298 -7.36 -30.16 5.59
C PRO B 298 -7.56 -29.17 4.46
N ASN B 299 -8.55 -28.29 4.56
CA ASN B 299 -8.79 -27.29 3.54
C ASN B 299 -7.75 -26.18 3.55
N LEU B 300 -7.06 -25.98 4.67
CA LEU B 300 -5.95 -25.04 4.74
C LEU B 300 -4.67 -25.61 4.15
N LEU B 301 -4.68 -26.87 3.74
CA LEU B 301 -3.49 -27.56 3.27
C LEU B 301 -3.53 -27.83 1.77
N THR B 302 -4.68 -27.66 1.13
CA THR B 302 -4.84 -28.04 -0.26
C THR B 302 -4.14 -27.10 -1.23
N ALA B 303 -3.89 -25.84 -0.83
CA ALA B 303 -3.22 -24.89 -1.71
C ALA B 303 -1.80 -25.33 -2.02
N SER B 304 -1.07 -25.81 -1.01
CA SER B 304 0.27 -26.33 -1.22
C SER B 304 0.25 -27.60 -2.06
N LYS B 305 -0.78 -28.43 -1.90
CA LYS B 305 -0.88 -29.66 -2.68
C LYS B 305 -1.17 -29.37 -4.15
N PHE B 306 -2.08 -28.44 -4.43
CA PHE B 306 -2.33 -28.05 -5.81
C PHE B 306 -1.15 -27.30 -6.41
N ARG B 307 -0.37 -26.59 -5.59
CA ARG B 307 0.80 -25.90 -6.11
C ARG B 307 1.90 -26.89 -6.47
N ALA B 308 2.06 -27.94 -5.65
CA ALA B 308 3.01 -29.00 -5.97
C ALA B 308 2.56 -29.82 -7.17
N ALA B 309 1.26 -30.04 -7.32
CA ALA B 309 0.75 -30.71 -8.51
C ALA B 309 0.86 -29.84 -9.75
N LYS B 310 0.79 -28.52 -9.59
CA LYS B 310 1.01 -27.61 -10.71
C LYS B 310 2.47 -27.61 -11.14
N HIS B 311 3.39 -27.77 -10.19
CA HIS B 311 4.78 -28.04 -10.57
C HIS B 311 4.93 -29.42 -11.21
N MET B 312 4.08 -30.37 -10.83
CA MET B 312 4.09 -31.67 -11.51
C MET B 312 3.49 -31.60 -12.90
N ALA B 313 2.73 -30.55 -13.22
CA ALA B 313 2.20 -30.39 -14.56
C ALA B 313 3.29 -30.04 -15.58
N GLY B 314 4.46 -29.60 -15.13
CA GLY B 314 5.56 -29.29 -16.02
C GLY B 314 6.90 -29.69 -15.44
N ALA B 333 23.33 -29.97 -10.91
CA ALA B 333 23.75 -29.08 -11.97
C ALA B 333 22.56 -28.34 -12.57
N MET B 334 21.67 -29.10 -13.22
CA MET B 334 20.45 -28.51 -13.77
C MET B 334 19.44 -28.19 -12.69
N ILE B 335 19.55 -28.87 -11.54
CA ILE B 335 18.57 -28.67 -10.47
C ILE B 335 18.85 -27.36 -9.73
N ALA B 336 20.09 -26.86 -9.82
CA ALA B 336 20.39 -25.56 -9.24
C ALA B 336 20.01 -24.44 -10.20
N ALA B 337 20.14 -24.68 -11.50
CA ALA B 337 19.76 -23.66 -12.48
C ALA B 337 18.26 -23.53 -12.59
N ALA B 338 17.53 -24.64 -12.40
CA ALA B 338 16.07 -24.58 -12.38
C ALA B 338 15.58 -23.83 -11.15
N ALA B 339 16.25 -24.02 -10.01
CA ALA B 339 15.93 -23.25 -8.81
C ALA B 339 16.28 -21.77 -8.99
N ARG B 340 17.35 -21.48 -9.73
CA ARG B 340 17.72 -20.10 -10.01
C ARG B 340 16.70 -19.43 -10.92
N ARG B 341 16.16 -20.18 -11.89
CA ARG B 341 15.12 -19.63 -12.76
C ARG B 341 13.80 -19.49 -12.02
N ARG B 342 13.55 -20.38 -11.05
CA ARG B 342 12.34 -20.26 -10.23
C ARG B 342 12.38 -19.04 -9.33
N ASP B 343 13.51 -18.84 -8.63
CA ASP B 343 13.59 -17.75 -7.66
C ASP B 343 13.70 -16.39 -8.35
N SER B 344 14.02 -16.37 -9.64
CA SER B 344 14.08 -15.12 -10.37
C SER B 344 12.74 -14.79 -11.00
N SER B 345 11.81 -15.74 -11.01
CA SER B 345 10.52 -15.54 -11.65
C SER B 345 9.60 -14.68 -10.79
N HIS B 346 8.38 -14.48 -11.29
CA HIS B 346 7.37 -13.75 -10.54
C HIS B 346 6.82 -14.62 -9.42
N ASN B 347 6.96 -14.15 -8.18
CA ASN B 347 6.38 -14.90 -7.06
C ASN B 347 4.89 -14.62 -6.99
N GLU B 348 4.11 -15.54 -7.56
CA GLU B 348 2.66 -15.51 -7.42
C GLU B 348 2.22 -15.65 -5.97
N LEU B 349 3.00 -16.39 -5.17
CA LEU B 349 2.57 -16.76 -3.81
C LEU B 349 2.53 -15.57 -2.88
N TYR B 350 3.52 -14.66 -2.98
CA TYR B 350 3.54 -13.46 -2.16
C TYR B 350 2.32 -12.57 -2.40
N TYR B 351 1.99 -12.33 -3.67
CA TYR B 351 0.89 -11.45 -3.97
C TYR B 351 -0.46 -12.12 -3.71
N GLU B 352 -0.55 -13.44 -3.91
CA GLU B 352 -1.80 -14.13 -3.59
C GLU B 352 -2.02 -14.21 -2.09
N GLU B 353 -0.96 -14.35 -1.30
CA GLU B 353 -1.12 -14.34 0.16
C GLU B 353 -1.47 -12.94 0.67
N ALA B 354 -0.88 -11.90 0.10
CA ALA B 354 -1.24 -10.53 0.48
C ALA B 354 -2.68 -10.21 0.11
N GLU B 355 -3.11 -10.66 -1.07
CA GLU B 355 -4.48 -10.39 -1.52
C GLU B 355 -5.49 -11.19 -0.71
N HIS B 356 -5.15 -12.43 -0.34
CA HIS B 356 -6.02 -13.22 0.51
C HIS B 356 -6.13 -12.65 1.91
N GLU B 357 -5.01 -12.14 2.46
CA GLU B 357 -5.04 -11.53 3.77
C GLU B 357 -5.87 -10.24 3.77
N ARG B 358 -5.81 -9.50 2.65
CA ARG B 358 -6.64 -8.31 2.50
C ARG B 358 -8.12 -8.66 2.42
N ARG B 359 -8.46 -9.73 1.69
CA ARG B 359 -9.85 -10.17 1.61
C ARG B 359 -10.36 -10.67 2.96
N VAL B 360 -9.49 -11.35 3.73
CA VAL B 360 -9.88 -11.83 5.05
C VAL B 360 -10.12 -10.67 6.00
N LYS B 361 -9.29 -9.63 5.93
CA LYS B 361 -9.51 -8.44 6.76
C LYS B 361 -10.81 -7.72 6.38
N LYS B 362 -11.13 -7.68 5.08
CA LYS B 362 -12.37 -7.03 4.65
C LYS B 362 -13.59 -7.81 5.11
N ARG B 363 -13.58 -9.14 4.93
CA ARG B 363 -14.69 -9.98 5.40
C ARG B 363 -14.81 -9.95 6.92
N LYS B 364 -13.68 -9.83 7.61
CA LYS B 364 -13.70 -9.69 9.07
C LYS B 364 -14.35 -8.39 9.51
N ALA B 365 -14.05 -7.29 8.81
CA ALA B 365 -14.67 -6.02 9.16
C ALA B 365 -16.17 -6.04 8.88
N ARG B 366 -16.58 -6.63 7.75
CA ARG B 366 -18.01 -6.84 7.46
C ARG B 366 -18.68 -7.66 8.53
N LEU B 367 -18.01 -8.72 8.99
CA LEU B 367 -18.57 -9.59 10.01
C LEU B 367 -18.70 -8.90 11.35
N VAL B 368 -17.71 -8.09 11.73
CA VAL B 368 -17.78 -7.35 13.00
C VAL B 368 -18.93 -6.36 12.98
N VAL B 369 -19.10 -5.63 11.87
CA VAL B 369 -20.21 -4.68 11.75
C VAL B 369 -21.56 -5.40 11.78
N ALA B 370 -21.64 -6.55 11.09
CA ALA B 370 -22.89 -7.32 11.05
C ALA B 370 -23.27 -7.87 12.42
N VAL B 371 -22.30 -8.37 13.18
CA VAL B 371 -22.63 -8.95 14.48
C VAL B 371 -22.93 -7.87 15.52
N GLU B 372 -22.27 -6.70 15.43
CA GLU B 372 -22.63 -5.59 16.32
C GLU B 372 -24.04 -5.07 16.05
N GLU B 373 -24.39 -4.87 14.78
CA GLU B 373 -25.72 -4.40 14.47
C GLU B 373 -26.77 -5.50 14.59
N ALA B 374 -26.34 -6.76 14.73
CA ALA B 374 -27.28 -7.82 15.08
C ALA B 374 -27.54 -7.84 16.58
N PHE B 375 -26.50 -7.69 17.41
CA PHE B 375 -26.73 -7.72 18.86
C PHE B 375 -27.43 -6.48 19.36
N ILE B 376 -27.40 -5.38 18.60
CA ILE B 376 -28.10 -4.19 19.05
C ILE B 376 -29.61 -4.30 18.84
N HIS B 377 -30.09 -5.37 18.19
CA HIS B 377 -31.52 -5.47 17.86
C HIS B 377 -32.35 -6.02 19.02
N ILE B 378 -31.71 -6.60 20.03
CA ILE B 378 -32.44 -7.14 21.17
C ILE B 378 -31.95 -6.50 22.46
N GLN B 379 -32.78 -6.56 23.48
CA GLN B 379 -32.56 -5.88 24.75
C GLN B 379 -32.74 -6.86 25.91
N ARG B 380 -31.94 -6.65 26.96
CA ARG B 380 -31.83 -7.62 28.06
C ARG B 380 -33.11 -7.67 28.89
N LEU B 381 -33.93 -6.61 28.84
CA LEU B 381 -35.22 -6.49 29.53
C LEU B 381 -35.11 -6.66 31.05
N GLU B 392 -42.51 -8.24 22.48
CA GLU B 392 -42.73 -9.66 22.71
C GLU B 392 -41.55 -10.32 23.42
N VAL B 393 -41.87 -11.07 24.48
CA VAL B 393 -40.85 -11.68 25.31
C VAL B 393 -40.43 -13.02 24.72
N MET B 394 -39.13 -13.26 24.64
CA MET B 394 -38.59 -14.51 24.11
C MET B 394 -37.33 -14.91 24.87
N ASP B 395 -37.07 -16.22 24.87
CA ASP B 395 -35.91 -16.84 25.49
C ASP B 395 -34.68 -16.63 24.60
N PRO B 396 -33.44 -16.89 25.08
CA PRO B 396 -32.27 -16.62 24.24
C PRO B 396 -32.17 -17.42 22.95
N ARG B 397 -32.82 -18.58 22.87
CA ARG B 397 -32.84 -19.33 21.63
C ARG B 397 -33.63 -18.60 20.55
N GLU B 398 -34.80 -18.09 20.90
CA GLU B 398 -35.61 -17.35 19.94
C GLU B 398 -35.03 -15.96 19.65
N ALA B 399 -34.34 -15.36 20.62
CA ALA B 399 -33.64 -14.10 20.35
C ALA B 399 -32.46 -14.32 19.40
N ALA B 400 -31.76 -15.45 19.58
CA ALA B 400 -30.69 -15.84 18.65
C ALA B 400 -31.22 -16.06 17.25
N GLN B 401 -32.36 -16.76 17.14
CA GLN B 401 -32.99 -16.99 15.85
C GLN B 401 -33.54 -15.70 15.25
N ALA B 402 -33.89 -14.73 16.09
CA ALA B 402 -34.36 -13.44 15.59
C ALA B 402 -33.22 -12.63 14.98
N ILE B 403 -32.09 -12.53 15.70
CA ILE B 403 -31.02 -11.66 15.23
C ILE B 403 -30.02 -12.34 14.30
N PHE B 404 -30.08 -13.66 14.16
CA PHE B 404 -29.15 -14.34 13.27
C PHE B 404 -29.28 -14.03 11.77
N PRO B 405 -30.47 -13.82 11.15
CA PRO B 405 -30.47 -13.48 9.72
C PRO B 405 -29.84 -12.14 9.37
N SER B 406 -29.61 -11.24 10.31
CA SER B 406 -28.89 -10.01 10.01
C SER B 406 -27.37 -10.16 10.10
N MET B 407 -26.87 -11.33 10.54
CA MET B 407 -25.44 -11.59 10.52
C MET B 407 -25.05 -12.81 9.71
N ALA B 408 -26.03 -13.56 9.17
CA ALA B 408 -25.77 -14.90 8.66
C ALA B 408 -24.93 -14.89 7.39
N ARG B 409 -25.17 -13.94 6.50
CA ARG B 409 -24.46 -13.93 5.22
C ARG B 409 -23.01 -13.49 5.41
N ALA B 410 -22.76 -12.50 6.28
CA ALA B 410 -21.40 -12.05 6.55
C ALA B 410 -20.59 -13.15 7.23
N LEU B 411 -21.22 -13.89 8.14
CA LEU B 411 -20.55 -15.01 8.80
C LEU B 411 -20.29 -16.15 7.84
N GLN B 412 -21.23 -16.41 6.92
CA GLN B 412 -21.03 -17.45 5.92
C GLN B 412 -19.88 -17.10 4.99
N LYS B 413 -19.80 -15.83 4.56
CA LYS B 413 -18.72 -15.41 3.68
C LYS B 413 -17.37 -15.42 4.41
N TYR B 414 -17.36 -15.08 5.70
CA TYR B 414 -16.11 -15.13 6.45
C TYR B 414 -15.65 -16.57 6.69
N LEU B 415 -16.58 -17.47 7.01
CA LEU B 415 -16.20 -18.87 7.19
C LEU B 415 -15.79 -19.52 5.88
N ARG B 416 -16.31 -19.07 4.74
CA ARG B 416 -15.82 -19.59 3.47
C ARG B 416 -14.45 -19.03 3.13
N ILE B 417 -14.19 -17.75 3.41
CA ILE B 417 -12.89 -17.19 3.04
C ILE B 417 -11.78 -17.69 3.98
N THR B 418 -12.12 -18.06 5.21
CA THR B 418 -11.14 -18.61 6.14
C THR B 418 -11.17 -20.13 6.19
N ARG B 419 -12.01 -20.75 5.35
CA ARG B 419 -12.08 -22.20 5.16
C ARG B 419 -12.47 -22.93 6.44
N GLN B 420 -13.41 -22.33 7.17
CA GLN B 420 -13.93 -22.87 8.42
C GLN B 420 -15.39 -23.27 8.32
N GLN B 421 -15.94 -23.37 7.12
CA GLN B 421 -17.38 -23.55 6.97
C GLN B 421 -17.83 -24.98 7.28
N ASN B 422 -16.92 -25.95 7.25
CA ASN B 422 -17.26 -27.31 7.62
C ASN B 422 -17.35 -27.51 9.12
N TYR B 423 -16.87 -26.55 9.89
CA TYR B 423 -16.76 -26.68 11.34
C TYR B 423 -17.95 -26.12 12.10
N HIS B 424 -18.79 -25.32 11.45
CA HIS B 424 -19.88 -24.63 12.12
C HIS B 424 -21.16 -24.82 11.32
N SER B 425 -22.03 -25.71 11.79
CA SER B 425 -23.38 -25.79 11.26
C SER B 425 -24.20 -24.62 11.79
N MET B 426 -25.38 -24.43 11.20
CA MET B 426 -26.25 -23.33 11.63
C MET B 426 -26.79 -23.59 13.03
N GLU B 427 -27.01 -24.85 13.38
CA GLU B 427 -27.43 -25.20 14.74
C GLU B 427 -26.36 -24.88 15.76
N SER B 428 -25.09 -25.16 15.43
CA SER B 428 -23.98 -24.85 16.32
C SER B 428 -23.84 -23.34 16.53
N ILE B 429 -23.98 -22.56 15.46
CA ILE B 429 -23.88 -21.11 15.55
C ILE B 429 -25.04 -20.54 16.35
N LEU B 430 -26.24 -21.09 16.17
CA LEU B 430 -27.39 -20.63 16.95
C LEU B 430 -27.27 -20.99 18.42
N GLN B 431 -26.71 -22.16 18.74
CA GLN B 431 -26.50 -22.52 20.14
C GLN B 431 -25.45 -21.63 20.79
N HIS B 432 -24.37 -21.33 20.07
CA HIS B 432 -23.36 -20.43 20.61
C HIS B 432 -23.87 -19.00 20.68
N LEU B 433 -24.76 -18.62 19.77
CA LEU B 433 -25.36 -17.30 19.79
C LEU B 433 -26.28 -17.12 20.98
N ALA B 434 -27.14 -18.10 21.25
CA ALA B 434 -27.98 -18.08 22.44
C ALA B 434 -27.14 -18.17 23.71
N PHE B 435 -26.01 -18.87 23.65
CA PHE B 435 -25.08 -18.93 24.77
C PHE B 435 -24.50 -17.56 25.09
N CYS B 436 -24.07 -16.81 24.07
CA CYS B 436 -23.49 -15.50 24.31
C CYS B 436 -24.55 -14.46 24.67
N ILE B 437 -25.76 -14.60 24.14
CA ILE B 437 -26.87 -13.73 24.52
C ILE B 437 -27.27 -13.98 25.97
N THR B 438 -27.23 -15.24 26.40
CA THR B 438 -27.53 -15.59 27.79
C THR B 438 -26.54 -14.97 28.76
N ASN B 439 -25.26 -15.12 28.49
CA ASN B 439 -24.21 -14.75 29.43
C ASN B 439 -23.77 -13.30 29.31
N GLY B 440 -24.45 -12.49 28.50
CA GLY B 440 -24.12 -11.09 28.40
C GLY B 440 -22.83 -10.79 27.68
N MET B 441 -22.46 -11.60 26.70
CA MET B 441 -21.22 -11.42 25.97
C MET B 441 -21.42 -10.44 24.81
N THR B 442 -20.36 -9.70 24.50
CA THR B 442 -20.34 -8.68 23.47
C THR B 442 -20.34 -9.34 22.08
N PRO B 443 -20.53 -8.55 21.00
CA PRO B 443 -20.33 -9.13 19.64
C PRO B 443 -18.95 -9.70 19.38
N LYS B 444 -17.89 -9.04 19.87
CA LYS B 444 -16.54 -9.55 19.67
C LYS B 444 -16.31 -10.84 20.47
N ALA B 445 -16.96 -10.97 21.62
CA ALA B 445 -16.81 -12.18 22.42
C ALA B 445 -17.57 -13.35 21.80
N PHE B 446 -18.71 -13.08 21.19
CA PHE B 446 -19.36 -14.08 20.36
C PHE B 446 -18.49 -14.44 19.15
N LEU B 447 -17.79 -13.46 18.61
CA LEU B 447 -17.19 -13.62 17.31
C LEU B 447 -15.81 -14.27 17.37
N GLU B 448 -15.18 -14.27 18.55
CA GLU B 448 -13.85 -14.86 18.70
C GLU B 448 -13.83 -16.38 18.45
N ARG B 449 -14.99 -17.05 18.58
CA ARG B 449 -15.07 -18.45 18.19
C ARG B 449 -14.84 -18.62 16.69
N TYR B 450 -15.22 -17.63 15.90
CA TYR B 450 -15.22 -17.75 14.45
C TYR B 450 -14.09 -17.00 13.76
N LEU B 451 -13.48 -16.02 14.43
CA LEU B 451 -12.45 -15.21 13.77
C LEU B 451 -11.17 -16.01 13.55
N SER B 452 -10.73 -16.77 14.55
CA SER B 452 -9.51 -17.54 14.45
C SER B 452 -9.84 -19.02 14.33
N ALA B 453 -8.79 -19.85 14.25
CA ALA B 453 -8.99 -21.28 14.08
C ALA B 453 -9.49 -21.93 15.36
N GLY B 454 -8.83 -21.66 16.48
CA GLY B 454 -9.26 -22.21 17.73
C GLY B 454 -8.84 -23.65 17.93
N PRO B 455 -8.72 -24.09 19.18
CA PRO B 455 -8.26 -25.45 19.45
C PRO B 455 -9.35 -26.48 19.18
N THR B 456 -8.96 -27.75 19.31
CA THR B 456 -9.77 -28.85 18.82
C THR B 456 -11.02 -29.07 19.69
N LEU B 457 -10.93 -28.75 20.98
CA LEU B 457 -12.04 -28.94 21.90
C LEU B 457 -13.11 -27.86 21.84
N GLN B 458 -12.92 -26.79 21.05
CA GLN B 458 -14.04 -25.88 20.80
C GLN B 458 -15.15 -26.55 20.01
N TYR B 459 -14.80 -27.49 19.15
CA TYR B 459 -15.65 -27.92 18.06
C TYR B 459 -16.48 -29.11 18.51
N ASP B 460 -17.24 -29.70 17.58
CA ASP B 460 -18.13 -30.79 17.89
C ASP B 460 -17.35 -32.05 18.26
N LYS B 461 -18.01 -32.94 19.00
CA LYS B 461 -17.31 -34.10 19.56
C LYS B 461 -16.99 -35.14 18.50
N ASP B 462 -17.64 -35.08 17.34
CA ASP B 462 -17.28 -35.98 16.26
C ASP B 462 -16.14 -35.43 15.42
N ARG B 463 -15.92 -34.11 15.48
CA ARG B 463 -14.88 -33.49 14.66
C ARG B 463 -13.51 -33.82 15.21
N TRP B 464 -13.38 -33.93 16.53
CA TRP B 464 -12.22 -34.59 17.11
C TRP B 464 -12.53 -36.06 17.25
N LEU B 465 -11.51 -36.89 17.25
CA LEU B 465 -11.66 -38.33 17.28
C LEU B 465 -10.49 -38.93 18.04
N SER B 466 -10.71 -39.19 19.33
CA SER B 466 -9.66 -39.61 20.23
C SER B 466 -9.43 -41.11 20.22
N THR B 467 -10.31 -41.87 19.59
CA THR B 467 -10.14 -43.32 19.54
C THR B 467 -9.20 -43.72 18.41
N GLN B 468 -9.03 -42.84 17.41
CA GLN B 468 -8.14 -43.12 16.28
C GLN B 468 -6.80 -42.42 16.47
N TRP B 469 -6.04 -42.89 17.45
CA TRP B 469 -4.66 -42.46 17.63
C TRP B 469 -3.74 -43.67 17.58
N ARG B 470 -2.64 -43.53 16.85
CA ARG B 470 -1.67 -44.60 16.67
C ARG B 470 -0.31 -44.12 17.12
N LEU B 471 0.38 -44.93 17.90
CA LEU B 471 1.68 -44.57 18.47
C LEU B 471 2.77 -45.34 17.75
N VAL B 472 3.61 -44.63 17.02
CA VAL B 472 4.77 -45.19 16.33
C VAL B 472 6.00 -44.89 17.17
N SER B 473 6.77 -45.92 17.48
CA SER B 473 8.00 -45.73 18.23
C SER B 473 9.00 -46.80 17.82
N ASP B 474 10.28 -46.42 17.76
CA ASP B 474 11.32 -47.36 17.39
C ASP B 474 11.63 -48.36 18.49
N GLU B 475 11.15 -48.13 19.70
CA GLU B 475 11.41 -49.00 20.83
C GLU B 475 10.11 -49.34 21.54
N ALA B 476 10.24 -50.02 22.68
CA ALA B 476 9.07 -50.38 23.47
C ALA B 476 8.47 -49.15 24.12
N VAL B 477 7.15 -49.01 24.01
CA VAL B 477 6.47 -47.82 24.53
C VAL B 477 6.35 -47.82 26.04
N THR B 478 6.64 -48.95 26.70
CA THR B 478 6.72 -49.00 28.15
C THR B 478 8.07 -48.50 28.68
N ASN B 479 9.05 -48.32 27.81
CA ASN B 479 10.31 -47.71 28.24
C ASN B 479 10.09 -46.26 28.58
N GLY B 480 10.87 -45.77 29.54
CA GLY B 480 10.79 -44.38 29.92
C GLY B 480 11.35 -43.47 28.86
N LEU B 481 11.03 -42.19 28.99
CA LEU B 481 11.61 -41.17 28.13
C LEU B 481 13.10 -41.08 28.36
N ARG B 482 13.85 -40.80 27.28
CA ARG B 482 15.25 -40.45 27.42
C ARG B 482 15.58 -39.46 26.32
N ASP B 483 16.80 -38.91 26.39
CA ASP B 483 17.24 -37.87 25.48
C ASP B 483 17.40 -38.43 24.07
N GLY B 484 16.70 -37.83 23.11
CA GLY B 484 16.91 -38.12 21.71
C GLY B 484 15.95 -39.11 21.08
N ILE B 485 14.96 -39.61 21.82
CA ILE B 485 14.01 -40.54 21.22
C ILE B 485 12.95 -39.75 20.46
N VAL B 486 12.41 -40.38 19.44
CA VAL B 486 11.34 -39.82 18.61
C VAL B 486 10.20 -40.81 18.62
N PHE B 487 9.00 -40.33 18.95
CA PHE B 487 7.80 -41.12 18.77
C PHE B 487 6.76 -40.28 18.05
N VAL B 488 5.94 -40.94 17.25
CA VAL B 488 5.00 -40.29 16.34
C VAL B 488 3.59 -40.70 16.75
N LEU B 489 2.72 -39.71 16.91
CA LEU B 489 1.31 -39.93 17.22
C LEU B 489 0.50 -39.69 15.96
N LYS B 490 0.07 -40.75 15.32
CA LYS B 490 -0.59 -40.65 14.03
C LYS B 490 -2.10 -40.69 14.20
N CYS B 491 -2.75 -39.66 13.69
CA CYS B 491 -4.19 -39.62 13.48
C CYS B 491 -4.47 -40.13 12.07
N LEU B 492 -5.69 -39.93 11.57
CA LEU B 492 -6.04 -40.50 10.27
C LEU B 492 -5.37 -39.74 9.13
N ASP B 493 -5.32 -38.40 9.19
CA ASP B 493 -4.64 -37.63 8.16
C ASP B 493 -3.31 -37.04 8.57
N PHE B 494 -3.16 -36.58 9.82
CA PHE B 494 -1.94 -35.90 10.23
C PHE B 494 -1.15 -36.78 11.20
N SER B 495 -0.04 -36.26 11.71
CA SER B 495 0.69 -36.95 12.76
C SER B 495 1.37 -35.92 13.65
N LEU B 496 1.58 -36.30 14.90
CA LEU B 496 2.33 -35.50 15.85
C LEU B 496 3.71 -36.12 16.02
N VAL B 497 4.72 -35.47 15.46
CA VAL B 497 6.08 -35.96 15.55
C VAL B 497 6.72 -35.36 16.79
N VAL B 498 7.07 -36.21 17.75
CA VAL B 498 7.52 -35.78 19.06
C VAL B 498 8.93 -36.28 19.28
N ASN B 499 9.89 -35.36 19.33
CA ASN B 499 11.25 -35.70 19.74
C ASN B 499 11.55 -35.15 21.12
N VAL B 500 12.21 -35.97 21.94
CA VAL B 500 12.39 -35.73 23.35
C VAL B 500 13.82 -35.29 23.59
N LYS B 501 14.00 -34.18 24.29
CA LYS B 501 15.31 -33.73 24.68
C LYS B 501 15.39 -33.63 26.20
N LYS B 502 16.51 -34.09 26.74
CA LYS B 502 16.79 -33.92 28.16
C LYS B 502 16.94 -32.43 28.46
N ILE B 503 16.29 -31.99 29.53
CA ILE B 503 16.50 -30.61 30.00
C ILE B 503 17.91 -30.50 30.55
N PRO B 504 18.70 -29.51 30.11
CA PRO B 504 20.14 -29.55 30.36
C PRO B 504 20.54 -29.34 31.82
N PHE B 505 21.72 -29.84 32.14
CA PHE B 505 22.31 -29.62 33.46
C PHE B 505 22.73 -28.16 33.57
N ILE B 506 22.12 -27.44 34.49
CA ILE B 506 22.33 -26.01 34.64
C ILE B 506 23.23 -25.77 35.85
N ILE B 507 24.24 -24.92 35.68
CA ILE B 507 25.11 -24.54 36.78
C ILE B 507 24.82 -23.08 37.11
N LEU B 508 24.29 -22.84 38.31
CA LEU B 508 24.14 -21.48 38.81
C LEU B 508 25.31 -21.10 39.69
N SER B 509 25.59 -19.81 39.74
CA SER B 509 26.58 -19.24 40.63
C SER B 509 26.08 -17.86 41.04
N GLU B 510 26.47 -17.41 42.21
CA GLU B 510 26.23 -16.03 42.56
C GLU B 510 27.32 -15.14 41.99
N GLU B 511 26.94 -13.91 41.70
CA GLU B 511 27.90 -12.80 41.66
C GLU B 511 27.27 -11.64 42.41
N PHE B 512 28.10 -10.91 43.12
CA PHE B 512 27.64 -9.81 43.97
C PHE B 512 27.70 -8.53 43.17
N ILE B 513 26.56 -7.87 43.02
CA ILE B 513 26.50 -6.50 42.54
C ILE B 513 26.21 -5.61 43.72
N ASP B 514 27.14 -4.71 44.00
CA ASP B 514 26.94 -3.70 45.02
C ASP B 514 25.84 -2.76 44.57
N PRO B 515 24.78 -2.56 45.38
CA PRO B 515 23.77 -1.55 45.03
C PRO B 515 24.27 -0.11 45.12
N LYS B 516 25.46 0.11 45.69
CA LYS B 516 26.12 1.40 45.58
C LYS B 516 26.81 1.58 44.23
N SER B 517 27.03 0.49 43.48
CA SER B 517 27.71 0.54 42.20
C SER B 517 26.78 0.85 41.04
N HIS B 518 25.58 1.35 41.30
CA HIS B 518 24.61 1.74 40.28
C HIS B 518 24.66 3.24 40.04
N LYS B 519 25.84 3.83 40.05
CA LYS B 519 25.98 5.26 39.85
C LYS B 519 26.08 5.60 38.37
N PHE B 520 25.38 6.64 37.95
CA PHE B 520 25.29 7.01 36.55
C PHE B 520 25.74 8.45 36.38
N VAL B 521 26.24 8.75 35.18
CA VAL B 521 26.67 10.11 34.86
C VAL B 521 25.85 10.60 33.67
N LEU B 522 25.74 11.92 33.57
CA LEU B 522 25.05 12.56 32.46
C LEU B 522 25.86 12.53 31.17
N ARG B 523 27.11 12.09 31.23
CA ARG B 523 27.95 11.94 30.06
C ARG B 523 27.38 10.90 29.10
N LEU B 524 27.61 11.13 27.82
CA LEU B 524 27.11 10.24 26.79
C LEU B 524 27.92 8.94 26.79
N GLN B 525 27.29 7.85 26.37
CA GLN B 525 28.02 6.58 26.30
C GLN B 525 28.21 6.12 24.86
N THR C 120 -2.49 -18.26 68.06
CA THR C 120 -3.78 -17.84 67.52
C THR C 120 -4.85 -18.90 67.79
N VAL C 121 -5.92 -18.88 67.00
CA VAL C 121 -6.99 -19.84 67.18
C VAL C 121 -6.57 -21.22 66.67
N ALA C 122 -6.10 -21.29 65.42
CA ALA C 122 -5.65 -22.55 64.87
C ALA C 122 -4.32 -22.99 65.44
N SER C 123 -3.49 -22.03 65.88
CA SER C 123 -2.20 -22.37 66.47
C SER C 123 -2.35 -23.03 67.83
N PHE C 124 -3.36 -22.64 68.61
CA PHE C 124 -3.59 -23.28 69.91
C PHE C 124 -4.10 -24.71 69.74
N LEU C 125 -4.98 -24.92 68.76
CA LEU C 125 -5.43 -26.28 68.46
C LEU C 125 -4.31 -27.13 67.88
N GLY C 126 -3.39 -26.51 67.13
CA GLY C 126 -2.21 -27.22 66.66
C GLY C 126 -1.29 -27.60 67.81
N LEU C 127 -1.16 -26.72 68.79
CA LEU C 127 -0.38 -27.03 69.98
C LEU C 127 -1.02 -28.16 70.79
N LEU C 128 -2.35 -28.19 70.84
CA LEU C 128 -3.04 -29.26 71.55
C LEU C 128 -2.90 -30.60 70.84
N VAL C 129 -3.02 -30.61 69.51
CA VAL C 129 -2.90 -31.87 68.78
C VAL C 129 -1.43 -32.33 68.74
N PHE C 130 -0.48 -31.41 68.90
CA PHE C 130 0.91 -31.83 68.99
C PHE C 130 1.27 -32.32 70.39
N LEU C 131 0.67 -31.74 71.45
CA LEU C 131 0.98 -32.14 72.82
C LEU C 131 0.12 -33.28 73.33
N THR C 132 -0.92 -33.68 72.59
CA THR C 132 -1.72 -34.86 72.97
C THR C 132 -0.92 -36.15 73.08
N PRO C 133 -0.02 -36.56 72.15
CA PRO C 133 0.75 -37.77 72.41
C PRO C 133 1.74 -37.61 73.54
N ILE C 134 2.31 -36.41 73.67
CA ILE C 134 3.26 -36.11 74.74
C ILE C 134 2.54 -36.16 76.09
N ALA C 135 1.30 -35.68 76.15
CA ALA C 135 0.54 -35.76 77.39
C ALA C 135 0.16 -37.20 77.72
N PHE C 136 -0.19 -37.99 76.70
CA PHE C 136 -0.48 -39.41 76.91
C PHE C 136 0.73 -40.17 77.42
N ILE C 137 1.93 -39.72 77.05
CA ILE C 137 3.17 -40.28 77.59
C ILE C 137 3.42 -39.81 79.02
N LEU C 138 3.30 -38.51 79.27
CA LEU C 138 3.77 -37.95 80.53
C LEU C 138 2.83 -38.23 81.69
N LEU C 139 1.52 -38.34 81.46
CA LEU C 139 0.59 -38.52 82.58
C LEU C 139 0.67 -39.83 83.38
N PRO C 140 0.99 -41.02 82.83
CA PRO C 140 1.08 -42.22 83.69
C PRO C 140 2.29 -42.22 84.65
N PRO C 141 3.50 -41.73 84.28
CA PRO C 141 4.53 -41.63 85.34
C PRO C 141 4.31 -40.50 86.32
N ILE C 142 3.36 -39.60 86.10
CA ILE C 142 3.09 -38.53 87.05
C ILE C 142 1.94 -38.90 87.98
N LEU C 143 0.85 -39.44 87.44
CA LEU C 143 -0.33 -39.69 88.25
C LEU C 143 -0.21 -40.97 89.08
N TRP C 144 0.30 -42.05 88.48
CA TRP C 144 0.60 -43.28 89.24
C TRP C 144 2.04 -43.71 88.92
N ARG C 145 2.98 -43.14 89.67
CA ARG C 145 4.40 -43.36 89.36
C ARG C 145 4.85 -44.75 89.75
N ASP C 146 4.41 -45.23 90.92
CA ASP C 146 4.86 -46.52 91.45
C ASP C 146 4.11 -47.70 90.86
N GLU C 147 3.13 -47.48 89.99
CA GLU C 147 2.31 -48.56 89.46
C GLU C 147 2.78 -49.03 88.08
N LEU C 148 3.73 -48.31 87.46
CA LEU C 148 4.25 -48.71 86.16
C LEU C 148 5.01 -50.04 86.23
N GLU C 149 4.68 -50.93 85.30
CA GLU C 149 5.48 -52.13 85.10
C GLU C 149 6.83 -51.73 84.51
N PRO C 150 7.91 -52.45 84.83
CA PRO C 150 9.22 -52.09 84.28
C PRO C 150 9.35 -52.37 82.79
N CYS C 151 9.31 -51.30 81.99
CA CYS C 151 9.42 -51.45 80.54
C CYS C 151 10.87 -51.60 80.12
N GLY C 152 11.69 -50.60 80.39
CA GLY C 152 13.11 -50.68 80.11
C GLY C 152 13.47 -50.33 78.67
N THR C 153 13.73 -51.37 77.88
CA THR C 153 14.27 -51.15 76.54
C THR C 153 13.19 -50.74 75.54
N ILE C 154 12.08 -51.48 75.51
CA ILE C 154 11.13 -51.37 74.39
C ILE C 154 10.38 -50.06 74.46
N CYS C 155 10.06 -49.60 75.67
CA CYS C 155 9.40 -48.31 75.84
C CYS C 155 10.28 -47.16 75.37
N GLU C 156 11.59 -47.21 75.66
CA GLU C 156 12.49 -46.14 75.26
C GLU C 156 12.73 -46.16 73.75
N GLY C 157 12.90 -47.35 73.18
CA GLY C 157 13.00 -47.47 71.73
C GLY C 157 11.74 -47.10 70.99
N LEU C 158 10.60 -47.11 71.68
CA LEU C 158 9.37 -46.60 71.11
C LEU C 158 9.21 -45.10 71.31
N PHE C 159 9.79 -44.54 72.40
CA PHE C 159 9.82 -43.08 72.56
C PHE C 159 10.67 -42.43 71.48
N ILE C 160 11.75 -43.09 71.07
CA ILE C 160 12.63 -42.52 70.04
C ILE C 160 11.90 -42.45 68.70
N SER C 161 11.19 -43.53 68.35
CA SER C 161 10.37 -43.54 67.14
C SER C 161 9.25 -42.52 67.21
N MET C 162 8.65 -42.35 68.39
CA MET C 162 7.63 -41.33 68.59
C MET C 162 8.18 -39.92 68.35
N ALA C 163 9.36 -39.63 68.90
CA ALA C 163 9.95 -38.30 68.76
C ALA C 163 10.33 -38.02 67.30
N PHE C 164 10.84 -39.03 66.60
CA PHE C 164 11.21 -38.82 65.20
C PHE C 164 9.98 -38.67 64.31
N LYS C 165 8.91 -39.42 64.57
CA LYS C 165 7.69 -39.26 63.79
C LYS C 165 6.98 -37.93 64.10
N LEU C 166 7.05 -37.46 65.35
CA LEU C 166 6.53 -36.13 65.65
C LEU C 166 7.35 -35.03 65.01
N LEU C 167 8.67 -35.24 64.86
CA LEU C 167 9.49 -34.27 64.16
C LEU C 167 9.13 -34.23 62.68
N ILE C 168 8.92 -35.40 62.06
CA ILE C 168 8.46 -35.48 60.68
C ILE C 168 7.10 -34.79 60.51
N LEU C 169 6.19 -35.00 61.46
CA LEU C 169 4.86 -34.40 61.39
C LEU C 169 4.92 -32.89 61.53
N LEU C 170 5.78 -32.39 62.42
CA LEU C 170 5.90 -30.94 62.59
C LEU C 170 6.54 -30.27 61.38
N ILE C 171 7.57 -30.90 60.79
CA ILE C 171 8.20 -30.34 59.60
C ILE C 171 7.25 -30.35 58.41
N GLY C 172 6.52 -31.44 58.21
CA GLY C 172 5.57 -31.50 57.10
C GLY C 172 4.39 -30.56 57.28
N THR C 173 3.93 -30.39 58.52
CA THR C 173 2.83 -29.48 58.79
C THR C 173 3.25 -28.04 58.59
N TRP C 174 4.48 -27.69 58.99
CA TRP C 174 5.03 -26.37 58.67
C TRP C 174 5.16 -26.18 57.17
N ALA C 175 5.62 -27.20 56.45
CA ALA C 175 5.91 -27.08 55.03
C ALA C 175 4.65 -26.89 54.20
N LEU C 176 3.58 -27.60 54.52
CA LEU C 176 2.39 -27.55 53.68
C LEU C 176 1.22 -26.79 54.25
N PHE C 177 1.21 -26.44 55.54
CA PHE C 177 0.03 -25.82 56.10
C PHE C 177 0.30 -24.58 56.93
N PHE C 178 1.56 -24.24 57.22
CA PHE C 178 1.87 -22.95 57.82
C PHE C 178 1.99 -21.95 56.68
N ARG C 179 0.85 -21.51 56.18
CA ARG C 179 0.76 -20.51 55.13
C ARG C 179 -0.60 -19.84 55.23
N LYS C 180 -0.66 -18.60 54.76
CA LYS C 180 -1.85 -17.79 54.93
C LYS C 180 -2.97 -18.29 54.03
N ARG C 181 -4.21 -18.00 54.44
CA ARG C 181 -5.39 -18.35 53.65
C ARG C 181 -5.37 -17.57 52.34
N ARG C 182 -5.57 -18.28 51.24
CA ARG C 182 -5.26 -17.70 49.94
C ARG C 182 -6.46 -17.00 49.32
N ALA C 183 -7.66 -17.48 49.62
CA ALA C 183 -8.85 -16.95 48.98
C ALA C 183 -10.06 -17.12 49.88
N ASP C 184 -11.04 -16.24 49.68
CA ASP C 184 -12.37 -16.39 50.23
C ASP C 184 -13.30 -16.92 49.16
N MET C 185 -13.94 -18.02 49.45
CA MET C 185 -14.85 -18.78 48.62
C MET C 185 -16.28 -18.56 49.09
N PRO C 186 -17.30 -18.76 48.22
CA PRO C 186 -18.68 -18.52 48.64
C PRO C 186 -19.17 -19.48 49.72
N ARG C 187 -19.10 -20.77 49.44
CA ARG C 187 -19.52 -21.78 50.40
C ARG C 187 -18.28 -22.34 51.10
N VAL C 188 -18.50 -23.38 51.91
CA VAL C 188 -17.43 -23.94 52.71
C VAL C 188 -16.50 -24.76 51.80
N PHE C 189 -15.19 -24.68 52.08
CA PHE C 189 -14.23 -25.60 51.51
C PHE C 189 -14.62 -26.97 52.06
N VAL C 190 -15.07 -27.88 51.19
CA VAL C 190 -15.62 -29.16 51.67
C VAL C 190 -14.51 -30.05 52.21
N PHE C 191 -13.35 -30.06 51.54
CA PHE C 191 -12.29 -30.97 51.95
C PHE C 191 -11.58 -30.49 53.21
N ARG C 192 -11.41 -29.18 53.38
CA ARG C 192 -10.83 -28.68 54.62
C ARG C 192 -11.78 -28.84 55.79
N ALA C 193 -13.08 -28.70 55.56
CA ALA C 193 -14.06 -28.98 56.60
C ALA C 193 -14.05 -30.46 56.98
N LEU C 194 -13.90 -31.34 55.99
CA LEU C 194 -13.79 -32.77 56.26
C LEU C 194 -12.55 -33.09 57.05
N LEU C 195 -11.43 -32.44 56.71
CA LEU C 195 -10.18 -32.68 57.43
C LEU C 195 -10.25 -32.16 58.87
N LEU C 196 -10.88 -31.01 59.08
CA LEU C 196 -10.98 -30.47 60.44
C LEU C 196 -11.94 -31.28 61.29
N VAL C 197 -13.06 -31.74 60.71
CA VAL C 197 -13.98 -32.63 61.42
C VAL C 197 -13.30 -33.95 61.74
N LEU C 198 -12.47 -34.45 60.81
CA LEU C 198 -11.76 -35.70 61.04
C LEU C 198 -10.72 -35.56 62.14
N ILE C 199 -9.97 -34.46 62.17
CA ILE C 199 -9.01 -34.20 63.24
C ILE C 199 -9.73 -34.03 64.58
N PHE C 200 -10.88 -33.37 64.58
CA PHE C 200 -11.63 -33.15 65.82
C PHE C 200 -12.16 -34.46 66.40
N LEU C 201 -12.83 -35.27 65.58
CA LEU C 201 -13.34 -36.56 66.05
C LEU C 201 -12.20 -37.51 66.41
N PHE C 202 -11.08 -37.42 65.69
CA PHE C 202 -9.87 -38.19 65.96
C PHE C 202 -9.33 -37.91 67.36
N VAL C 203 -9.05 -36.64 67.65
CA VAL C 203 -8.41 -36.27 68.90
C VAL C 203 -9.39 -36.38 70.06
N VAL C 204 -10.68 -36.10 69.82
CA VAL C 204 -11.68 -36.24 70.87
C VAL C 204 -11.91 -37.70 71.22
N SER C 205 -11.88 -38.59 70.23
CA SER C 205 -12.00 -40.02 70.51
C SER C 205 -10.79 -40.56 71.25
N TYR C 206 -9.59 -40.06 70.92
CA TYR C 206 -8.41 -40.50 71.66
C TYR C 206 -8.39 -39.99 73.09
N TRP C 207 -8.77 -38.73 73.32
CA TRP C 207 -8.87 -38.24 74.69
C TRP C 207 -9.99 -38.93 75.46
N LEU C 208 -11.07 -39.30 74.78
CA LEU C 208 -12.17 -39.99 75.42
C LEU C 208 -11.76 -41.38 75.86
N PHE C 209 -11.07 -42.12 75.00
CA PHE C 209 -10.59 -43.45 75.38
C PHE C 209 -9.48 -43.36 76.42
N TYR C 210 -8.67 -42.29 76.38
CA TYR C 210 -7.61 -42.13 77.35
C TYR C 210 -8.13 -41.75 78.72
N GLY C 211 -9.25 -41.01 78.78
CA GLY C 211 -9.82 -40.64 80.05
C GLY C 211 -10.68 -41.73 80.64
N VAL C 212 -11.47 -42.41 79.81
CA VAL C 212 -12.38 -43.43 80.32
C VAL C 212 -11.63 -44.70 80.67
N ARG C 213 -10.83 -45.22 79.73
CA ARG C 213 -10.27 -46.56 79.88
C ARG C 213 -8.81 -46.59 80.26
N ILE C 214 -8.17 -45.45 80.51
CA ILE C 214 -6.78 -45.46 80.96
C ILE C 214 -6.63 -44.68 82.26
N LEU C 215 -7.12 -43.43 82.28
CA LEU C 215 -6.96 -42.62 83.49
C LEU C 215 -7.92 -43.04 84.60
N ASP C 216 -9.18 -43.34 84.27
CA ASP C 216 -10.12 -43.78 85.29
C ASP C 216 -9.83 -45.18 85.80
N SER C 217 -9.07 -45.98 85.05
CA SER C 217 -8.69 -47.31 85.51
C SER C 217 -7.29 -47.34 86.12
N ARG C 218 -6.46 -46.33 85.83
CA ARG C 218 -5.08 -46.20 86.31
C ARG C 218 -4.25 -47.44 85.94
N ASP C 219 -4.06 -47.59 84.63
CA ASP C 219 -3.60 -48.85 84.06
C ASP C 219 -2.15 -49.15 84.40
N ARG C 220 -1.85 -50.44 84.34
CA ARG C 220 -0.49 -50.99 84.29
C ARG C 220 -0.04 -51.00 82.84
N ASN C 221 0.99 -51.81 82.54
CA ASN C 221 1.61 -52.08 81.22
C ASN C 221 1.77 -50.83 80.36
N TYR C 222 2.59 -49.91 80.89
CA TYR C 222 2.93 -48.62 80.30
C TYR C 222 3.46 -48.72 78.87
N GLN C 223 4.09 -49.85 78.51
CA GLN C 223 4.46 -50.14 77.12
C GLN C 223 3.26 -50.06 76.19
N GLY C 224 2.10 -50.56 76.63
CA GLY C 224 0.89 -50.43 75.83
C GLY C 224 0.39 -49.00 75.73
N ILE C 225 0.64 -48.19 76.76
CA ILE C 225 0.27 -46.77 76.69
C ILE C 225 1.15 -46.05 75.68
N VAL C 226 2.44 -46.39 75.65
CA VAL C 226 3.33 -45.79 74.66
C VAL C 226 2.99 -46.29 73.26
N GLN C 227 2.53 -47.53 73.13
CA GLN C 227 2.02 -48.02 71.85
C GLN C 227 0.78 -47.27 71.41
N TYR C 228 -0.10 -46.92 72.36
CA TYR C 228 -1.29 -46.12 72.06
C TYR C 228 -0.91 -44.73 71.56
N ALA C 229 0.08 -44.11 72.21
CA ALA C 229 0.53 -42.79 71.78
C ALA C 229 1.23 -42.84 70.42
N VAL C 230 1.98 -43.91 70.15
CA VAL C 230 2.65 -44.06 68.86
C VAL C 230 1.64 -44.35 67.75
N SER C 231 0.56 -45.08 68.05
CA SER C 231 -0.51 -45.26 67.09
C SER C 231 -1.25 -43.95 66.81
N LEU C 232 -1.39 -43.09 67.82
CA LEU C 232 -1.86 -41.73 67.60
C LEU C 232 -0.96 -40.95 66.65
N VAL C 233 0.36 -41.00 66.87
CA VAL C 233 1.28 -40.25 66.02
C VAL C 233 1.27 -40.79 64.59
N ASP C 234 1.16 -42.12 64.44
CA ASP C 234 1.06 -42.76 63.14
C ASP C 234 -0.19 -42.32 62.38
N ALA C 235 -1.35 -42.44 63.03
CA ALA C 235 -2.60 -42.07 62.36
C ALA C 235 -2.71 -40.56 62.15
N LEU C 236 -2.00 -39.75 62.92
CA LEU C 236 -1.99 -38.32 62.66
C LEU C 236 -1.08 -37.97 61.48
N LEU C 237 0.02 -38.73 61.30
CA LEU C 237 0.79 -38.64 60.07
C LEU C 237 -0.04 -39.07 58.85
N PHE C 238 -0.87 -40.10 59.01
CA PHE C 238 -1.73 -40.47 57.91
C PHE C 238 -2.87 -39.48 57.68
N ILE C 239 -3.26 -38.71 58.71
CA ILE C 239 -4.17 -37.59 58.51
C ILE C 239 -3.49 -36.50 57.69
N HIS C 240 -2.22 -36.22 57.98
CA HIS C 240 -1.44 -35.28 57.17
C HIS C 240 -1.33 -35.75 55.72
N TYR C 241 -1.17 -37.06 55.53
CA TYR C 241 -1.15 -37.64 54.19
C TYR C 241 -2.52 -37.55 53.50
N LEU C 242 -3.60 -37.80 54.22
CA LEU C 242 -4.93 -37.63 53.65
C LEU C 242 -5.21 -36.18 53.31
N ALA C 243 -4.63 -35.26 54.08
CA ALA C 243 -4.74 -33.84 53.78
C ALA C 243 -4.04 -33.49 52.47
N ILE C 244 -2.85 -34.04 52.23
CA ILE C 244 -2.19 -33.72 50.98
C ILE C 244 -2.84 -34.44 49.81
N VAL C 245 -3.49 -35.59 50.09
CA VAL C 245 -4.27 -36.28 49.06
C VAL C 245 -5.47 -35.45 48.64
N LEU C 246 -6.24 -34.96 49.61
CA LEU C 246 -7.47 -34.23 49.31
C LEU C 246 -7.21 -32.84 48.76
N LEU C 247 -6.20 -32.14 49.29
CA LEU C 247 -6.09 -30.72 48.99
C LEU C 247 -5.28 -30.41 47.74
N GLU C 248 -4.25 -31.20 47.40
CA GLU C 248 -3.49 -30.87 46.21
C GLU C 248 -3.15 -32.04 45.29
N LEU C 249 -3.46 -33.28 45.67
CA LEU C 249 -3.15 -34.40 44.79
C LEU C 249 -4.35 -34.93 44.01
N ARG C 250 -5.57 -34.62 44.45
CA ARG C 250 -6.75 -35.13 43.75
C ARG C 250 -6.93 -34.45 42.39
N GLN C 251 -6.43 -33.23 42.24
CA GLN C 251 -6.58 -32.48 40.99
C GLN C 251 -5.32 -32.47 40.15
N LEU C 252 -4.33 -33.33 40.43
CA LEU C 252 -3.13 -33.35 39.61
C LEU C 252 -3.39 -33.95 38.24
N GLN C 253 -4.19 -34.99 38.17
CA GLN C 253 -4.48 -35.63 36.89
C GLN C 253 -5.55 -34.83 36.16
N PRO C 254 -5.26 -34.32 34.95
CA PRO C 254 -6.16 -33.35 34.30
C PRO C 254 -7.44 -33.94 33.74
N MET C 255 -8.51 -34.01 34.54
CA MET C 255 -9.74 -34.64 34.08
C MET C 255 -10.50 -33.77 33.08
N PHE C 256 -10.40 -32.45 33.18
CA PHE C 256 -11.28 -31.57 32.42
C PHE C 256 -10.47 -30.52 31.69
N THR C 257 -11.09 -29.91 30.69
CA THR C 257 -10.58 -28.70 30.08
C THR C 257 -11.58 -27.58 30.33
N LEU C 258 -11.07 -26.35 30.38
CA LEU C 258 -11.90 -25.20 30.72
C LEU C 258 -11.62 -24.10 29.71
N GLN C 259 -12.65 -23.71 28.96
CA GLN C 259 -12.56 -22.57 28.05
C GLN C 259 -13.03 -21.32 28.78
N VAL C 260 -12.11 -20.40 29.04
CA VAL C 260 -12.38 -19.18 29.77
C VAL C 260 -12.36 -18.03 28.78
N VAL C 261 -13.50 -17.35 28.62
CA VAL C 261 -13.65 -16.28 27.64
C VAL C 261 -14.09 -15.02 28.38
N ARG C 262 -13.44 -13.89 28.10
CA ARG C 262 -13.99 -12.61 28.55
C ARG C 262 -15.20 -12.22 27.71
N SER C 263 -16.23 -11.72 28.39
CA SER C 263 -17.46 -11.34 27.72
C SER C 263 -17.32 -10.05 26.91
N THR C 264 -16.26 -9.28 27.11
CA THR C 264 -16.11 -7.98 26.46
C THR C 264 -15.28 -8.05 25.19
N ASP C 265 -14.02 -8.46 25.26
CA ASP C 265 -13.19 -8.51 24.07
C ASP C 265 -13.05 -9.91 23.49
N GLY C 266 -13.53 -10.92 24.20
CA GLY C 266 -13.50 -12.27 23.68
C GLY C 266 -12.21 -13.02 23.85
N GLU C 267 -11.24 -12.46 24.57
CA GLU C 267 -9.96 -13.12 24.78
C GLU C 267 -10.17 -14.43 25.53
N SER C 268 -9.57 -15.50 25.01
CA SER C 268 -9.91 -16.84 25.45
C SER C 268 -8.66 -17.69 25.55
N ARG C 269 -8.57 -18.46 26.63
CA ARG C 269 -7.49 -19.42 26.84
C ARG C 269 -8.08 -20.68 27.42
N PHE C 270 -7.42 -21.81 27.18
CA PHE C 270 -7.91 -23.09 27.65
C PHE C 270 -6.99 -23.61 28.76
N TYR C 271 -7.58 -24.22 29.78
CA TYR C 271 -6.84 -24.72 30.91
C TYR C 271 -7.30 -26.13 31.25
N SER C 272 -6.36 -26.98 31.65
CA SER C 272 -6.68 -28.33 32.10
C SER C 272 -6.73 -28.36 33.62
N LEU C 273 -7.77 -28.99 34.16
CA LEU C 273 -7.95 -29.13 35.60
C LEU C 273 -8.40 -30.55 35.93
N GLY C 274 -8.07 -30.97 37.13
CA GLY C 274 -8.49 -32.25 37.66
C GLY C 274 -9.85 -32.17 38.33
N HIS C 275 -10.07 -33.06 39.28
CA HIS C 275 -11.31 -33.04 40.06
C HIS C 275 -11.22 -31.93 41.10
N LEU C 276 -11.75 -30.78 40.75
CA LEU C 276 -11.94 -29.67 41.66
C LEU C 276 -13.43 -29.38 41.78
N SER C 277 -13.80 -28.69 42.84
CA SER C 277 -15.12 -28.10 42.90
C SER C 277 -15.18 -26.87 42.00
N ILE C 278 -16.39 -26.33 41.82
CA ILE C 278 -16.57 -25.15 40.98
C ILE C 278 -15.92 -23.93 41.63
N GLN C 279 -15.94 -23.86 42.97
CA GLN C 279 -15.18 -22.88 43.73
C GLN C 279 -13.70 -22.89 43.36
N ARG C 280 -13.07 -24.04 43.55
CA ARG C 280 -11.62 -24.13 43.42
C ARG C 280 -11.19 -24.05 41.96
N ALA C 281 -12.02 -24.55 41.06
CA ALA C 281 -11.78 -24.35 39.63
C ALA C 281 -11.86 -22.87 39.27
N ALA C 282 -12.82 -22.14 39.85
CA ALA C 282 -12.91 -20.70 39.64
C ALA C 282 -11.71 -19.98 40.22
N LEU C 283 -11.16 -20.48 41.33
CA LEU C 283 -9.95 -19.90 41.90
C LEU C 283 -8.75 -20.06 40.98
N VAL C 284 -8.56 -21.27 40.43
CA VAL C 284 -7.46 -21.52 39.50
C VAL C 284 -7.64 -20.70 38.22
N VAL C 285 -8.90 -20.55 37.76
CA VAL C 285 -9.21 -19.70 36.62
C VAL C 285 -8.83 -18.24 36.90
N LEU C 286 -9.07 -17.76 38.12
CA LEU C 286 -8.73 -16.37 38.42
C LEU C 286 -7.22 -16.15 38.56
N GLU C 287 -6.52 -17.14 39.13
CA GLU C 287 -5.05 -17.13 39.13
C GLU C 287 -4.51 -16.99 37.71
N ASN C 288 -4.98 -17.84 36.81
CA ASN C 288 -4.59 -17.78 35.43
C ASN C 288 -5.09 -16.53 34.72
N TYR C 289 -6.18 -15.91 35.21
CA TYR C 289 -6.65 -14.65 34.65
C TYR C 289 -5.64 -13.55 34.92
N TYR C 290 -5.21 -13.43 36.18
CA TYR C 290 -4.24 -12.39 36.52
C TYR C 290 -2.88 -12.66 35.88
N LYS C 291 -2.55 -13.93 35.62
CA LYS C 291 -1.28 -14.23 34.98
C LYS C 291 -1.32 -14.07 33.45
N ASP C 292 -2.44 -14.39 32.81
CA ASP C 292 -2.45 -14.75 31.39
C ASP C 292 -3.23 -13.80 30.49
N PHE C 293 -4.40 -13.36 30.89
CA PHE C 293 -5.22 -12.47 30.07
C PHE C 293 -4.65 -11.06 30.13
N THR C 294 -4.74 -10.35 29.00
CA THR C 294 -4.42 -8.92 29.01
C THR C 294 -5.43 -8.18 29.87
N ILE C 295 -5.01 -7.03 30.38
CA ILE C 295 -5.80 -6.31 31.37
C ILE C 295 -7.05 -5.75 30.72
N TYR C 296 -8.15 -5.73 31.47
CA TYR C 296 -9.39 -5.15 31.01
C TYR C 296 -9.23 -3.67 30.74
N ASN C 297 -9.43 -3.27 29.49
CA ASN C 297 -9.36 -1.87 29.10
C ASN C 297 -10.71 -1.49 28.52
N PRO C 298 -11.53 -0.71 29.25
CA PRO C 298 -12.83 -0.31 28.71
C PRO C 298 -12.72 0.67 27.56
N ASN C 299 -11.59 1.37 27.42
CA ASN C 299 -11.42 2.31 26.33
C ASN C 299 -11.21 1.62 24.99
N LEU C 300 -10.77 0.35 25.01
CA LEU C 300 -10.66 -0.43 23.79
C LEU C 300 -12.01 -0.97 23.32
N LEU C 301 -13.06 -0.76 24.11
CA LEU C 301 -14.37 -1.33 23.84
C LEU C 301 -15.39 -0.28 23.41
N THR C 302 -15.07 1.01 23.55
CA THR C 302 -16.04 2.06 23.31
C THR C 302 -16.31 2.28 21.83
N ALA C 303 -15.40 1.89 20.94
CA ALA C 303 -15.61 2.08 19.50
C ALA C 303 -16.78 1.24 19.00
N SER C 304 -16.88 0.00 19.47
CA SER C 304 -18.01 -0.86 19.12
C SER C 304 -19.31 -0.33 19.71
N LYS C 305 -19.25 0.26 20.91
CA LYS C 305 -20.45 0.79 21.54
C LYS C 305 -20.95 2.04 20.82
N PHE C 306 -20.05 2.94 20.44
CA PHE C 306 -20.46 4.09 19.65
C PHE C 306 -20.90 3.71 18.25
N ARG C 307 -20.35 2.62 17.70
CA ARG C 307 -20.78 2.17 16.37
C ARG C 307 -22.19 1.57 16.43
N ALA C 308 -22.49 0.84 17.51
CA ALA C 308 -23.83 0.31 17.71
C ALA C 308 -24.83 1.42 18.01
N ALA C 309 -24.40 2.45 18.74
CA ALA C 309 -25.27 3.60 18.99
C ALA C 309 -25.47 4.43 17.72
N LYS C 310 -24.48 4.44 16.82
CA LYS C 310 -24.64 5.11 15.54
C LYS C 310 -25.60 4.36 14.64
N HIS C 311 -25.62 3.02 14.73
CA HIS C 311 -26.71 2.28 14.10
C HIS C 311 -28.05 2.53 14.78
N MET C 312 -28.04 2.82 16.08
CA MET C 312 -29.27 3.22 16.76
C MET C 312 -29.73 4.62 16.38
N ALA C 313 -28.84 5.44 15.82
CA ALA C 313 -29.24 6.77 15.36
C ALA C 313 -30.12 6.71 14.12
N GLY C 314 -30.16 5.58 13.42
CA GLY C 314 -31.03 5.42 12.26
C GLY C 314 -31.63 4.03 12.16
N ALA C 333 -37.39 -10.94 6.41
CA ALA C 333 -37.63 -10.45 5.06
C ALA C 333 -36.89 -9.14 4.82
N MET C 334 -37.32 -8.10 5.54
CA MET C 334 -36.65 -6.81 5.43
C MET C 334 -35.32 -6.82 6.17
N ILE C 335 -35.15 -7.72 7.14
CA ILE C 335 -33.93 -7.75 7.93
C ILE C 335 -32.79 -8.39 7.13
N ALA C 336 -33.13 -9.19 6.11
CA ALA C 336 -32.10 -9.73 5.23
C ALA C 336 -31.72 -8.72 4.15
N ALA C 337 -32.69 -7.93 3.70
CA ALA C 337 -32.40 -6.92 2.68
C ALA C 337 -31.63 -5.75 3.27
N ALA C 338 -31.89 -5.42 4.53
CA ALA C 338 -31.11 -4.39 5.20
C ALA C 338 -29.66 -4.84 5.42
N ALA C 339 -29.47 -6.12 5.75
CA ALA C 339 -28.13 -6.68 5.84
C ALA C 339 -27.44 -6.73 4.48
N ARG C 340 -28.20 -6.96 3.41
CA ARG C 340 -27.64 -6.96 2.08
C ARG C 340 -27.22 -5.54 1.66
N ARG C 341 -28.00 -4.54 2.06
CA ARG C 341 -27.62 -3.15 1.77
C ARG C 341 -26.45 -2.71 2.63
N ARG C 342 -26.34 -3.25 3.85
CA ARG C 342 -25.20 -2.94 4.71
C ARG C 342 -23.91 -3.53 4.15
N ASP C 343 -23.94 -4.80 3.76
CA ASP C 343 -22.71 -5.47 3.33
C ASP C 343 -22.27 -5.00 1.96
N SER C 344 -23.17 -4.35 1.21
CA SER C 344 -22.79 -3.80 -0.09
C SER C 344 -22.26 -2.37 0.04
N SER C 345 -22.43 -1.77 1.21
CA SER C 345 -22.03 -0.37 1.39
C SER C 345 -20.51 -0.26 1.57
N HIS C 346 -20.06 0.97 1.78
CA HIS C 346 -18.65 1.22 2.06
C HIS C 346 -18.30 0.79 3.48
N ASN C 347 -17.36 -0.15 3.61
CA ASN C 347 -16.93 -0.55 4.95
C ASN C 347 -15.96 0.49 5.49
N GLU C 348 -16.49 1.40 6.31
CA GLU C 348 -15.68 2.35 7.05
C GLU C 348 -14.73 1.64 8.00
N LEU C 349 -15.14 0.49 8.54
CA LEU C 349 -14.39 -0.15 9.62
C LEU C 349 -13.05 -0.71 9.14
N TYR C 350 -13.01 -1.29 7.95
CA TYR C 350 -11.77 -1.81 7.39
C TYR C 350 -10.73 -0.72 7.21
N TYR C 351 -11.13 0.41 6.63
CA TYR C 351 -10.18 1.47 6.36
C TYR C 351 -9.80 2.22 7.63
N GLU C 352 -10.72 2.35 8.59
CA GLU C 352 -10.37 2.98 9.86
C GLU C 352 -9.44 2.10 10.68
N GLU C 353 -9.61 0.77 10.63
CA GLU C 353 -8.70 -0.12 11.32
C GLU C 353 -7.32 -0.14 10.68
N ALA C 354 -7.26 -0.10 9.34
CA ALA C 354 -5.97 -0.03 8.66
C ALA C 354 -5.25 1.28 8.95
N GLU C 355 -6.01 2.38 8.98
CA GLU C 355 -5.41 3.69 9.24
C GLU C 355 -4.96 3.81 10.70
N HIS C 356 -5.73 3.24 11.63
CA HIS C 356 -5.33 3.23 13.03
C HIS C 356 -4.11 2.37 13.26
N GLU C 357 -4.02 1.22 12.58
CA GLU C 357 -2.85 0.36 12.71
C GLU C 357 -1.61 1.04 12.14
N ARG C 358 -1.79 1.80 11.05
CA ARG C 358 -0.69 2.58 10.49
C ARG C 358 -0.22 3.68 11.44
N ARG C 359 -1.17 4.37 12.10
CA ARG C 359 -0.80 5.39 13.06
C ARG C 359 -0.11 4.80 14.29
N VAL C 360 -0.55 3.61 14.71
CA VAL C 360 0.08 2.94 15.84
C VAL C 360 1.51 2.52 15.51
N LYS C 361 1.74 2.03 14.29
CA LYS C 361 3.09 1.69 13.86
C LYS C 361 3.99 2.92 13.77
N LYS C 362 3.44 4.06 13.32
CA LYS C 362 4.23 5.28 13.25
C LYS C 362 4.59 5.80 14.64
N ARG C 363 3.62 5.84 15.56
CA ARG C 363 3.89 6.27 16.93
C ARG C 363 4.84 5.30 17.64
N LYS C 364 4.75 4.01 17.30
CA LYS C 364 5.67 3.03 17.85
C LYS C 364 7.10 3.26 17.38
N ALA C 365 7.28 3.59 16.10
CA ALA C 365 8.62 3.88 15.59
C ALA C 365 9.20 5.15 16.21
N ARG C 366 8.36 6.19 16.37
CA ARG C 366 8.77 7.41 17.07
C ARG C 366 9.18 7.10 18.51
N LEU C 367 8.43 6.24 19.18
CA LEU C 367 8.70 5.89 20.56
C LEU C 367 9.99 5.08 20.69
N VAL C 368 10.24 4.16 19.77
CA VAL C 368 11.48 3.38 19.80
C VAL C 368 12.69 4.28 19.60
N VAL C 369 12.62 5.21 18.64
CA VAL C 369 13.73 6.14 18.42
C VAL C 369 13.94 7.05 19.61
N ALA C 370 12.85 7.53 20.23
CA ALA C 370 12.93 8.40 21.39
C ALA C 370 13.55 7.70 22.60
N VAL C 371 13.17 6.44 22.84
CA VAL C 371 13.70 5.75 24.01
C VAL C 371 15.15 5.31 23.80
N GLU C 372 15.53 4.97 22.55
CA GLU C 372 16.94 4.66 22.28
C GLU C 372 17.83 5.89 22.46
N GLU C 373 17.40 7.04 21.92
CA GLU C 373 18.21 8.24 22.07
C GLU C 373 18.07 8.84 23.45
N ALA C 374 17.13 8.37 24.26
CA ALA C 374 17.10 8.74 25.67
C ALA C 374 18.07 7.89 26.48
N PHE C 375 18.13 6.58 26.23
CA PHE C 375 19.04 5.73 27.00
C PHE C 375 20.49 5.97 26.62
N ILE C 376 20.76 6.53 25.45
CA ILE C 376 22.14 6.79 25.08
C ILE C 376 22.69 8.02 25.81
N HIS C 377 21.87 8.76 26.56
CA HIS C 377 22.34 10.00 27.18
C HIS C 377 23.04 9.75 28.51
N ILE C 378 22.93 8.57 29.08
CA ILE C 378 23.59 8.28 30.35
C ILE C 378 24.50 7.07 30.19
N GLN C 379 25.45 6.95 31.10
CA GLN C 379 26.51 5.95 31.03
C GLN C 379 26.63 5.22 32.36
N ARG C 380 26.97 3.93 32.29
CA ARG C 380 26.91 3.04 33.45
C ARG C 380 27.99 3.38 34.48
N LEU C 381 29.05 4.08 34.05
CA LEU C 381 30.18 4.52 34.89
C LEU C 381 30.87 3.39 35.63
N GLU C 392 28.62 14.54 36.64
CA GLU C 392 27.93 14.47 37.92
C GLU C 392 27.33 13.09 38.16
N VAL C 393 27.61 12.53 39.35
CA VAL C 393 27.17 11.19 39.68
C VAL C 393 25.75 11.23 40.24
N MET C 394 24.91 10.32 39.75
CA MET C 394 23.51 10.24 40.19
C MET C 394 23.05 8.78 40.22
N ASP C 395 22.08 8.52 41.09
CA ASP C 395 21.44 7.22 41.26
C ASP C 395 20.47 6.96 40.10
N PRO C 396 19.94 5.73 39.93
CA PRO C 396 19.07 5.48 38.77
C PRO C 396 17.75 6.25 38.77
N ARG C 397 17.27 6.71 39.93
CA ARG C 397 16.09 7.54 39.95
C ARG C 397 16.34 8.90 39.30
N GLU C 398 17.46 9.54 39.65
CA GLU C 398 17.80 10.82 39.05
C GLU C 398 18.25 10.68 37.60
N ALA C 399 18.85 9.54 37.24
CA ALA C 399 19.16 9.30 35.83
C ALA C 399 17.90 9.09 35.01
N ALA C 400 16.91 8.41 35.59
CA ALA C 400 15.60 8.26 34.96
C ALA C 400 14.92 9.60 34.78
N GLN C 401 14.96 10.45 35.81
CA GLN C 401 14.39 11.78 35.71
C GLN C 401 15.16 12.66 34.74
N ALA C 402 16.45 12.40 34.55
CA ALA C 402 17.24 13.15 33.57
C ALA C 402 16.85 12.79 32.15
N ILE C 403 16.76 11.50 31.84
CA ILE C 403 16.54 11.10 30.45
C ILE C 403 15.07 10.99 30.08
N PHE C 404 14.15 11.06 31.04
CA PHE C 404 12.73 10.97 30.71
C PHE C 404 12.15 12.11 29.88
N PRO C 405 12.52 13.41 30.03
CA PRO C 405 11.93 14.42 29.13
C PRO C 405 12.28 14.29 27.66
N SER C 406 13.30 13.52 27.29
CA SER C 406 13.57 13.27 25.88
C SER C 406 12.77 12.11 25.30
N MET C 407 12.00 11.39 26.12
CA MET C 407 11.12 10.36 25.62
C MET C 407 9.66 10.57 26.00
N ALA C 408 9.34 11.60 26.80
CA ALA C 408 8.05 11.69 27.47
C ALA C 408 6.91 11.96 26.49
N ARG C 409 7.15 12.82 25.49
CA ARG C 409 6.08 13.18 24.58
C ARG C 409 5.74 12.04 23.63
N ALA C 410 6.76 11.32 23.14
CA ALA C 410 6.53 10.17 22.26
C ALA C 410 5.80 9.05 23.00
N LEU C 411 6.15 8.83 24.27
CA LEU C 411 5.46 7.83 25.07
C LEU C 411 4.04 8.24 25.38
N GLN C 412 3.82 9.54 25.64
CA GLN C 412 2.47 10.03 25.89
C GLN C 412 1.58 9.88 24.65
N LYS C 413 2.12 10.19 23.47
CA LYS C 413 1.37 10.03 22.23
C LYS C 413 1.11 8.57 21.90
N TYR C 414 2.07 7.68 22.22
CA TYR C 414 1.84 6.26 21.98
C TYR C 414 0.81 5.69 22.95
N LEU C 415 0.85 6.09 24.22
CA LEU C 415 -0.14 5.60 25.17
C LEU C 415 -1.52 6.17 24.89
N ARG C 416 -1.61 7.37 24.30
CA ARG C 416 -2.91 7.86 23.89
C ARG C 416 -3.44 7.14 22.65
N ILE C 417 -2.56 6.83 21.68
CA ILE C 417 -3.06 6.18 20.46
C ILE C 417 -3.40 4.72 20.72
N THR C 418 -2.77 4.09 21.71
CA THR C 418 -3.09 2.70 22.06
C THR C 418 -4.03 2.60 23.24
N ARG C 419 -4.50 3.74 23.75
CA ARG C 419 -5.53 3.85 24.79
C ARG C 419 -5.07 3.20 26.10
N GLN C 420 -3.80 3.42 26.42
CA GLN C 420 -3.18 2.88 27.63
C GLN C 420 -2.77 3.97 28.60
N GLN C 421 -3.25 5.20 28.41
CA GLN C 421 -2.73 6.32 29.18
C GLN C 421 -3.27 6.36 30.61
N ASN C 422 -4.37 5.67 30.89
CA ASN C 422 -4.88 5.58 32.25
C ASN C 422 -4.11 4.59 33.10
N TYR C 423 -3.27 3.76 32.49
CA TYR C 423 -2.59 2.68 33.16
C TYR C 423 -1.20 3.04 33.66
N HIS C 424 -0.63 4.15 33.18
CA HIS C 424 0.75 4.51 33.48
C HIS C 424 0.81 5.97 33.90
N SER C 425 0.92 6.21 35.19
CA SER C 425 1.24 7.54 35.67
C SER C 425 2.72 7.83 35.42
N MET C 426 3.10 9.10 35.59
CA MET C 426 4.49 9.50 35.37
C MET C 426 5.39 8.89 36.44
N GLU C 427 4.87 8.74 37.66
CA GLU C 427 5.62 8.08 38.73
C GLU C 427 5.88 6.62 38.42
N SER C 428 4.88 5.92 37.87
CA SER C 428 5.05 4.53 37.48
C SER C 428 6.07 4.36 36.37
N ILE C 429 6.05 5.26 35.38
CA ILE C 429 6.99 5.20 34.28
C ILE C 429 8.40 5.53 34.76
N LEU C 430 8.54 6.48 35.69
CA LEU C 430 9.86 6.78 36.23
C LEU C 430 10.41 5.66 37.09
N GLN C 431 9.54 4.97 37.85
CA GLN C 431 10.00 3.82 38.64
C GLN C 431 10.43 2.68 37.73
N HIS C 432 9.68 2.41 36.67
CA HIS C 432 10.07 1.36 35.74
C HIS C 432 11.30 1.76 34.93
N LEU C 433 11.48 3.06 34.69
CA LEU C 433 12.64 3.56 33.97
C LEU C 433 13.90 3.40 34.82
N ALA C 434 13.84 3.78 36.09
CA ALA C 434 14.95 3.55 37.01
C ALA C 434 15.20 2.07 37.23
N PHE C 435 14.14 1.25 37.18
CA PHE C 435 14.28 -0.20 37.27
C PHE C 435 15.07 -0.76 36.09
N CYS C 436 14.76 -0.31 34.88
CA CYS C 436 15.47 -0.82 33.71
C CYS C 436 16.88 -0.25 33.60
N ILE C 437 17.09 0.99 34.05
CA ILE C 437 18.43 1.57 34.09
C ILE C 437 19.29 0.84 35.12
N THR C 438 18.70 0.43 36.25
CA THR C 438 19.41 -0.33 37.27
C THR C 438 19.88 -1.68 36.75
N ASN C 439 18.99 -2.42 36.12
CA ASN C 439 19.24 -3.81 35.74
C ASN C 439 19.90 -3.96 34.39
N GLY C 440 20.30 -2.86 33.75
CA GLY C 440 21.00 -2.93 32.48
C GLY C 440 20.15 -3.35 31.31
N MET C 441 18.87 -2.99 31.31
CA MET C 441 17.96 -3.37 30.26
C MET C 441 18.03 -2.37 29.10
N THR C 442 17.81 -2.87 27.89
CA THR C 442 17.87 -2.11 26.66
C THR C 442 16.65 -1.19 26.54
N PRO C 443 16.63 -0.25 25.57
CA PRO C 443 15.39 0.51 25.31
C PRO C 443 14.18 -0.33 24.95
N LYS C 444 14.36 -1.39 24.15
CA LYS C 444 13.24 -2.26 23.80
C LYS C 444 12.75 -3.05 25.01
N ALA C 445 13.64 -3.40 25.93
CA ALA C 445 13.23 -4.12 27.13
C ALA C 445 12.49 -3.23 28.10
N PHE C 446 12.89 -1.96 28.18
CA PHE C 446 12.08 -0.96 28.89
C PHE C 446 10.73 -0.78 28.22
N LEU C 447 10.70 -0.85 26.90
CA LEU C 447 9.55 -0.39 26.14
C LEU C 447 8.49 -1.47 25.98
N GLU C 448 8.84 -2.74 26.22
CA GLU C 448 7.88 -3.84 26.08
C GLU C 448 6.75 -3.76 27.11
N ARG C 449 6.95 -3.06 28.23
CA ARG C 449 5.85 -2.81 29.15
C ARG C 449 4.77 -1.94 28.52
N TYR C 450 5.15 -1.06 27.59
CA TYR C 450 4.24 -0.08 27.05
C TYR C 450 3.79 -0.36 25.63
N LEU C 451 4.50 -1.21 24.89
CA LEU C 451 4.14 -1.45 23.50
C LEU C 451 2.86 -2.26 23.37
N SER C 452 2.71 -3.30 24.17
CA SER C 452 1.54 -4.16 24.12
C SER C 452 0.68 -3.93 25.35
N ALA C 453 -0.43 -4.67 25.42
CA ALA C 453 -1.37 -4.49 26.53
C ALA C 453 -0.80 -5.06 27.83
N GLY C 454 -0.32 -6.29 27.80
CA GLY C 454 0.25 -6.89 28.97
C GLY C 454 -0.79 -7.41 29.95
N PRO C 455 -0.42 -8.38 30.76
CA PRO C 455 -1.39 -8.97 31.69
C PRO C 455 -1.66 -8.06 32.89
N THR C 456 -2.61 -8.51 33.71
CA THR C 456 -3.20 -7.65 34.72
C THR C 456 -2.22 -7.38 35.87
N LEU C 457 -1.33 -8.32 36.15
CA LEU C 457 -0.38 -8.16 37.25
C LEU C 457 0.82 -7.29 36.92
N GLN C 458 0.98 -6.81 35.68
CA GLN C 458 1.99 -5.78 35.42
C GLN C 458 1.64 -4.47 36.11
N TYR C 459 0.36 -4.19 36.27
CA TYR C 459 -0.11 -2.86 36.54
C TYR C 459 -0.21 -2.63 38.04
N ASP C 460 -0.75 -1.47 38.43
CA ASP C 460 -0.85 -1.11 39.84
C ASP C 460 -1.85 -2.00 40.56
N LYS C 461 -1.69 -2.10 41.89
CA LYS C 461 -2.45 -3.04 42.67
C LYS C 461 -3.90 -2.61 42.83
N ASP C 462 -4.20 -1.33 42.59
CA ASP C 462 -5.59 -0.89 42.62
C ASP C 462 -6.28 -1.10 41.28
N ARG C 463 -5.49 -1.22 40.20
CA ARG C 463 -6.07 -1.37 38.87
C ARG C 463 -6.66 -2.76 38.69
N TRP C 464 -6.04 -3.76 39.29
CA TRP C 464 -6.71 -5.04 39.48
C TRP C 464 -7.44 -5.00 40.82
N LEU C 465 -8.49 -5.79 40.94
CA LEU C 465 -9.34 -5.77 42.13
C LEU C 465 -9.89 -7.19 42.34
N SER C 466 -9.20 -7.93 43.20
CA SER C 466 -9.48 -9.34 43.42
C SER C 466 -10.58 -9.58 44.43
N THR C 467 -10.99 -8.55 45.16
CA THR C 467 -12.05 -8.73 46.14
C THR C 467 -13.43 -8.64 45.49
N GLN C 468 -13.52 -8.02 44.31
CA GLN C 468 -14.79 -7.90 43.59
C GLN C 468 -14.89 -8.95 42.49
N TRP C 469 -15.02 -10.20 42.91
CA TRP C 469 -15.32 -11.30 42.00
C TRP C 469 -16.59 -11.99 42.43
N ARG C 470 -17.47 -12.27 41.48
CA ARG C 470 -18.75 -12.90 41.74
C ARG C 470 -18.85 -14.16 40.91
N LEU C 471 -19.29 -15.25 41.53
CA LEU C 471 -19.37 -16.55 40.89
C LEU C 471 -20.83 -16.88 40.62
N VAL C 472 -21.20 -16.94 39.34
CA VAL C 472 -22.53 -17.33 38.92
C VAL C 472 -22.47 -18.77 38.46
N SER C 473 -23.35 -19.61 39.00
CA SER C 473 -23.41 -21.00 38.59
C SER C 473 -24.84 -21.49 38.73
N ASP C 474 -25.26 -22.35 37.80
CA ASP C 474 -26.61 -22.90 37.84
C ASP C 474 -26.79 -23.93 38.94
N GLU C 475 -25.71 -24.43 39.52
CA GLU C 475 -25.76 -25.45 40.55
C GLU C 475 -24.92 -25.03 41.76
N ALA C 476 -24.78 -25.94 42.70
CA ALA C 476 -23.99 -25.67 43.90
C ALA C 476 -22.51 -25.62 43.54
N VAL C 477 -21.82 -24.57 44.02
CA VAL C 477 -20.41 -24.39 43.68
C VAL C 477 -19.49 -25.35 44.41
N THR C 478 -20.00 -26.07 45.41
CA THR C 478 -19.24 -27.14 46.04
C THR C 478 -19.28 -28.43 45.26
N ASN C 479 -20.15 -28.55 44.25
CA ASN C 479 -20.14 -29.71 43.37
C ASN C 479 -18.87 -29.70 42.54
N GLY C 480 -18.40 -30.90 42.22
CA GLY C 480 -17.24 -31.03 41.37
C GLY C 480 -17.54 -30.64 39.94
N LEU C 481 -16.46 -30.42 39.18
CA LEU C 481 -16.58 -30.18 37.76
C LEU C 481 -17.13 -31.41 37.06
N ARG C 482 -17.92 -31.19 36.02
CA ARG C 482 -18.31 -32.27 35.13
C ARG C 482 -18.47 -31.69 33.74
N ASP C 483 -18.67 -32.58 32.77
CA ASP C 483 -18.73 -32.22 31.36
C ASP C 483 -19.99 -31.39 31.09
N GLY C 484 -19.79 -30.18 30.56
CA GLY C 484 -20.88 -29.38 30.06
C GLY C 484 -21.41 -28.31 31.00
N ILE C 485 -20.83 -28.15 32.17
CA ILE C 485 -21.30 -27.10 33.08
C ILE C 485 -20.69 -25.77 32.66
N VAL C 486 -21.43 -24.70 32.94
CA VAL C 486 -21.00 -23.33 32.67
C VAL C 486 -21.07 -22.56 33.98
N PHE C 487 -19.97 -21.91 34.34
CA PHE C 487 -19.99 -20.96 35.44
C PHE C 487 -19.34 -19.67 34.99
N VAL C 488 -19.82 -18.56 35.54
CA VAL C 488 -19.44 -17.22 35.10
C VAL C 488 -18.77 -16.52 36.27
N LEU C 489 -17.60 -15.94 36.02
CA LEU C 489 -16.86 -15.16 37.01
C LEU C 489 -17.03 -13.70 36.66
N LYS C 490 -17.89 -13.00 37.39
CA LYS C 490 -18.22 -11.62 37.06
C LYS C 490 -17.39 -10.65 37.91
N CYS C 491 -16.68 -9.77 37.22
CA CYS C 491 -16.06 -8.59 37.79
C CYS C 491 -17.07 -7.44 37.69
N LEU C 492 -16.61 -6.21 37.91
CA LEU C 492 -17.55 -5.08 37.94
C LEU C 492 -18.05 -4.74 36.53
N ASP C 493 -17.16 -4.74 35.53
CA ASP C 493 -17.58 -4.47 34.16
C ASP C 493 -17.62 -5.69 33.26
N PHE C 494 -16.69 -6.61 33.38
CA PHE C 494 -16.62 -7.75 32.46
C PHE C 494 -17.02 -9.04 33.17
N SER C 495 -16.95 -10.15 32.46
CA SER C 495 -17.16 -11.45 33.09
C SER C 495 -16.32 -12.49 32.38
N LEU C 496 -15.96 -13.53 33.12
CA LEU C 496 -15.26 -14.69 32.56
C LEU C 496 -16.26 -15.83 32.44
N VAL C 497 -16.66 -16.13 31.21
CA VAL C 497 -17.61 -17.20 30.96
C VAL C 497 -16.82 -18.48 30.74
N VAL C 498 -17.01 -19.45 31.64
CA VAL C 498 -16.19 -20.65 31.67
C VAL C 498 -17.10 -21.86 31.45
N ASN C 499 -16.95 -22.53 30.32
CA ASN C 499 -17.61 -23.80 30.10
C ASN C 499 -16.61 -24.95 30.15
N VAL C 500 -17.02 -26.03 30.81
CA VAL C 500 -16.13 -27.13 31.17
C VAL C 500 -16.43 -28.29 30.24
N LYS C 501 -15.39 -28.84 29.63
CA LYS C 501 -15.53 -30.04 28.81
C LYS C 501 -14.64 -31.14 29.37
N LYS C 502 -15.18 -32.34 29.42
CA LYS C 502 -14.40 -33.51 29.78
C LYS C 502 -13.33 -33.76 28.72
N ILE C 503 -12.11 -33.99 29.17
CA ILE C 503 -11.04 -34.39 28.24
C ILE C 503 -11.36 -35.78 27.71
N PRO C 504 -11.35 -35.99 26.39
CA PRO C 504 -11.95 -37.20 25.82
C PRO C 504 -11.19 -38.48 26.12
N PHE C 505 -11.92 -39.59 26.07
CA PHE C 505 -11.32 -40.91 26.19
C PHE C 505 -10.52 -41.21 24.94
N ILE C 506 -9.21 -41.37 25.10
CA ILE C 506 -8.29 -41.53 23.98
C ILE C 506 -7.89 -42.99 23.90
N ILE C 507 -7.94 -43.56 22.69
CA ILE C 507 -7.50 -44.93 22.46
C ILE C 507 -6.21 -44.86 21.65
N LEU C 508 -5.11 -45.30 22.24
CA LEU C 508 -3.86 -45.46 21.52
C LEU C 508 -3.69 -46.89 21.05
N SER C 509 -2.96 -47.04 19.96
CA SER C 509 -2.56 -48.34 19.45
C SER C 509 -1.19 -48.19 18.83
N GLU C 510 -0.42 -49.26 18.81
CA GLU C 510 0.81 -49.25 18.03
C GLU C 510 0.52 -49.58 16.59
N GLU C 511 1.35 -49.04 15.71
CA GLU C 511 1.56 -49.63 14.40
C GLU C 511 3.07 -49.63 14.15
N PHE C 512 3.54 -50.69 13.51
CA PHE C 512 4.97 -50.87 13.27
C PHE C 512 5.32 -50.28 11.92
N ILE C 513 6.23 -49.33 11.92
CA ILE C 513 6.88 -48.86 10.70
C ILE C 513 8.29 -49.43 10.68
N ASP C 514 8.56 -50.23 9.68
CA ASP C 514 9.90 -50.75 9.46
C ASP C 514 10.82 -49.59 9.09
N PRO C 515 11.92 -49.38 9.80
CA PRO C 515 12.90 -48.35 9.38
C PRO C 515 13.62 -48.69 8.09
N LYS C 516 13.52 -49.93 7.60
CA LYS C 516 13.96 -50.25 6.26
C LYS C 516 12.96 -49.80 5.19
N SER C 517 11.72 -49.50 5.58
CA SER C 517 10.68 -49.11 4.64
C SER C 517 10.68 -47.61 4.35
N HIS C 518 11.76 -46.90 4.67
CA HIS C 518 11.90 -45.48 4.39
C HIS C 518 12.73 -45.26 3.13
N LYS C 519 12.52 -46.08 2.11
CA LYS C 519 13.28 -45.96 0.88
C LYS C 519 12.60 -44.99 -0.07
N PHE C 520 13.39 -44.14 -0.70
CA PHE C 520 12.88 -43.08 -1.56
C PHE C 520 13.50 -43.19 -2.94
N VAL C 521 12.77 -42.71 -3.94
CA VAL C 521 13.24 -42.71 -5.31
C VAL C 521 13.30 -41.28 -5.81
N LEU C 522 14.16 -41.05 -6.80
CA LEU C 522 14.29 -39.75 -7.44
C LEU C 522 13.13 -39.44 -8.38
N ARG C 523 12.26 -40.41 -8.62
CA ARG C 523 11.07 -40.21 -9.43
C ARG C 523 10.13 -39.20 -8.80
N LEU C 524 9.43 -38.45 -9.64
CA LEU C 524 8.51 -37.44 -9.18
C LEU C 524 7.25 -38.10 -8.60
N GLN C 525 6.62 -37.41 -7.65
CA GLN C 525 5.38 -37.96 -7.06
C GLN C 525 4.16 -37.13 -7.45
N THR D 120 -4.13 61.37 -34.59
CA THR D 120 -2.87 61.20 -33.87
C THR D 120 -1.68 61.42 -34.79
N VAL D 121 -0.54 60.86 -34.42
CA VAL D 121 0.67 61.01 -35.23
C VAL D 121 0.60 60.13 -36.47
N ALA D 122 0.33 58.85 -36.28
CA ALA D 122 0.22 57.94 -37.42
C ALA D 122 -1.09 58.13 -38.18
N SER D 123 -2.13 58.63 -37.49
CA SER D 123 -3.41 58.86 -38.15
C SER D 123 -3.34 60.04 -39.12
N PHE D 124 -2.54 61.06 -38.80
CA PHE D 124 -2.40 62.20 -39.70
C PHE D 124 -1.60 61.81 -40.94
N LEU D 125 -0.56 60.98 -40.78
CA LEU D 125 0.18 60.48 -41.94
C LEU D 125 -0.68 59.51 -42.76
N GLY D 126 -1.57 58.76 -42.10
CA GLY D 126 -2.51 57.94 -42.84
C GLY D 126 -3.51 58.77 -43.62
N LEU D 127 -3.94 59.89 -43.05
CA LEU D 127 -4.82 60.81 -43.77
C LEU D 127 -4.10 61.44 -44.96
N LEU D 128 -2.81 61.73 -44.81
CA LEU D 128 -2.03 62.30 -45.91
C LEU D 128 -1.83 61.28 -47.03
N VAL D 129 -1.51 60.02 -46.68
CA VAL D 129 -1.30 59.02 -47.72
C VAL D 129 -2.62 58.61 -48.36
N PHE D 130 -3.74 58.78 -47.66
CA PHE D 130 -5.03 58.53 -48.29
C PHE D 130 -5.49 59.68 -49.17
N LEU D 131 -5.17 60.93 -48.81
CA LEU D 131 -5.60 62.09 -49.58
C LEU D 131 -4.62 62.48 -50.68
N THR D 132 -3.43 61.88 -50.72
CA THR D 132 -2.49 62.12 -51.82
C THR D 132 -3.04 61.79 -53.21
N PRO D 133 -3.70 60.63 -53.48
CA PRO D 133 -4.26 60.45 -54.83
C PRO D 133 -5.42 61.40 -55.11
N ILE D 134 -6.21 61.67 -54.07
CA ILE D 134 -7.34 62.60 -54.21
C ILE D 134 -6.84 64.01 -54.49
N ALA D 135 -5.72 64.41 -53.87
CA ALA D 135 -5.16 65.71 -54.15
C ALA D 135 -4.57 65.77 -55.56
N PHE D 136 -3.93 64.68 -55.99
CA PHE D 136 -3.41 64.61 -57.37
C PHE D 136 -4.53 64.69 -58.40
N ILE D 137 -5.71 64.21 -58.05
CA ILE D 137 -6.88 64.38 -58.91
C ILE D 137 -7.43 65.80 -58.86
N LEU D 138 -7.60 66.36 -57.66
CA LEU D 138 -8.35 67.61 -57.52
C LEU D 138 -7.55 68.83 -57.96
N LEU D 139 -6.23 68.83 -57.80
CA LEU D 139 -5.45 70.02 -58.13
C LEU D 139 -5.40 70.47 -59.61
N PRO D 140 -5.40 69.61 -60.64
CA PRO D 140 -5.40 70.15 -62.03
C PRO D 140 -6.70 70.84 -62.45
N PRO D 141 -7.91 70.38 -62.06
CA PRO D 141 -9.09 71.22 -62.39
C PRO D 141 -9.24 72.45 -61.53
N ILE D 142 -8.44 72.62 -60.48
CA ILE D 142 -8.52 73.83 -59.66
C ILE D 142 -7.47 74.85 -60.08
N LEU D 143 -6.23 74.41 -60.30
CA LEU D 143 -5.16 75.35 -60.58
C LEU D 143 -5.16 75.83 -62.02
N TRP D 144 -5.37 74.92 -62.99
CA TRP D 144 -5.53 75.30 -64.40
C TRP D 144 -6.79 74.62 -64.93
N ARG D 145 -7.93 75.29 -64.72
CA ARG D 145 -9.23 74.68 -65.06
C ARG D 145 -9.47 74.65 -66.56
N ASP D 146 -9.12 75.74 -67.25
CA ASP D 146 -9.38 75.87 -68.67
C ASP D 146 -8.36 75.18 -69.55
N GLU D 147 -7.31 74.58 -68.97
CA GLU D 147 -6.24 73.97 -69.75
C GLU D 147 -6.41 72.46 -69.91
N LEU D 148 -7.37 71.86 -69.20
CA LEU D 148 -7.62 70.42 -69.32
C LEU D 148 -8.11 70.05 -70.72
N GLU D 149 -7.49 69.02 -71.28
CA GLU D 149 -8.01 68.41 -72.49
C GLU D 149 -9.32 67.68 -72.16
N PRO D 150 -10.28 67.61 -73.10
CA PRO D 150 -11.54 66.93 -72.79
C PRO D 150 -11.39 65.41 -72.69
N CYS D 151 -11.43 64.91 -71.46
CA CYS D 151 -11.30 63.47 -71.24
C CYS D 151 -12.62 62.75 -71.49
N GLY D 152 -13.65 63.09 -70.72
CA GLY D 152 -14.97 62.54 -70.93
C GLY D 152 -15.18 61.18 -70.29
N THR D 153 -15.12 60.13 -71.11
CA THR D 153 -15.50 58.80 -70.64
C THR D 153 -14.38 58.14 -69.83
N ILE D 154 -13.15 58.15 -70.36
CA ILE D 154 -12.10 57.29 -69.84
C ILE D 154 -11.61 57.79 -68.49
N CYS D 155 -11.57 59.12 -68.31
CA CYS D 155 -11.19 59.71 -67.03
C CYS D 155 -12.19 59.36 -65.94
N GLU D 156 -13.49 59.37 -66.26
CA GLU D 156 -14.50 59.06 -65.25
C GLU D 156 -14.52 57.58 -64.92
N GLY D 157 -14.37 56.72 -65.93
CA GLY D 157 -14.25 55.30 -65.69
C GLY D 157 -12.98 54.91 -64.96
N LEU D 158 -11.98 55.77 -64.99
CA LEU D 158 -10.79 55.57 -64.18
C LEU D 158 -10.95 56.15 -62.76
N PHE D 159 -11.77 57.20 -62.60
CA PHE D 159 -12.09 57.68 -61.26
C PHE D 159 -12.89 56.64 -60.47
N ILE D 160 -13.76 55.89 -61.16
CA ILE D 160 -14.56 54.88 -60.48
C ILE D 160 -13.67 53.75 -59.96
N SER D 161 -12.73 53.30 -60.79
CA SER D 161 -11.76 52.29 -60.38
C SER D 161 -10.87 52.81 -59.25
N MET D 162 -10.49 54.08 -59.31
CA MET D 162 -9.72 54.70 -58.24
C MET D 162 -10.48 54.69 -56.92
N ALA D 163 -11.77 55.07 -56.95
CA ALA D 163 -12.56 55.12 -55.72
C ALA D 163 -12.78 53.73 -55.14
N PHE D 164 -12.98 52.72 -56.00
CA PHE D 164 -13.17 51.37 -55.50
C PHE D 164 -11.88 50.79 -54.93
N LYS D 165 -10.74 51.07 -55.57
CA LYS D 165 -9.47 50.58 -55.03
C LYS D 165 -9.07 51.32 -53.75
N LEU D 166 -9.41 52.61 -53.62
CA LEU D 166 -9.19 53.30 -52.36
C LEU D 166 -10.10 52.78 -51.26
N LEU D 167 -11.33 52.35 -51.61
CA LEU D 167 -12.20 51.74 -50.61
C LEU D 167 -11.64 50.40 -50.14
N ILE D 168 -11.13 49.59 -51.08
CA ILE D 168 -10.46 48.33 -50.73
C ILE D 168 -9.26 48.58 -49.82
N LEU D 169 -8.47 49.61 -50.15
CA LEU D 169 -7.28 49.93 -49.37
C LEU D 169 -7.65 50.39 -47.96
N LEU D 170 -8.70 51.20 -47.83
CA LEU D 170 -9.11 51.69 -46.51
C LEU D 170 -9.68 50.55 -45.66
N ILE D 171 -10.47 49.65 -46.26
CA ILE D 171 -11.02 48.53 -45.51
C ILE D 171 -9.92 47.56 -45.07
N GLY D 172 -8.97 47.27 -45.96
CA GLY D 172 -7.89 46.37 -45.59
C GLY D 172 -6.95 46.96 -44.57
N THR D 173 -6.71 48.29 -44.66
CA THR D 173 -5.85 48.96 -43.70
C THR D 173 -6.50 49.01 -42.33
N TRP D 174 -7.81 49.25 -42.27
CA TRP D 174 -8.54 49.14 -41.01
C TRP D 174 -8.49 47.73 -40.46
N ALA D 175 -8.63 46.72 -41.33
CA ALA D 175 -8.74 45.34 -40.89
C ALA D 175 -7.43 44.83 -40.30
N LEU D 176 -6.30 45.17 -40.92
CA LEU D 176 -5.04 44.59 -40.47
C LEU D 176 -4.12 45.54 -39.72
N PHE D 177 -4.37 46.84 -39.73
CA PHE D 177 -3.42 47.75 -39.11
C PHE D 177 -4.04 48.78 -38.17
N PHE D 178 -5.37 48.89 -38.10
CA PHE D 178 -5.99 49.70 -37.07
C PHE D 178 -6.14 48.81 -35.84
N ARG D 179 -5.03 48.66 -35.12
CA ARG D 179 -4.98 47.90 -33.90
C ARG D 179 -3.81 48.41 -33.08
N LYS D 180 -3.90 48.26 -31.76
CA LYS D 180 -2.92 48.82 -30.85
C LYS D 180 -1.60 48.05 -30.94
N ARG D 181 -0.52 48.74 -30.58
CA ARG D 181 0.81 48.13 -30.55
C ARG D 181 0.83 47.06 -29.47
N ARG D 182 1.32 45.88 -29.82
CA ARG D 182 1.09 44.71 -28.99
C ARG D 182 2.22 44.52 -27.98
N ALA D 183 3.44 44.91 -28.35
CA ALA D 183 4.58 44.64 -27.50
C ALA D 183 5.66 45.69 -27.72
N ASP D 184 6.48 45.88 -26.69
CA ASP D 184 7.72 46.63 -26.77
C ASP D 184 8.87 45.66 -26.87
N MET D 185 9.66 45.80 -27.90
CA MET D 185 10.81 45.01 -28.28
C MET D 185 12.09 45.78 -27.99
N PRO D 186 13.24 45.09 -27.80
CA PRO D 186 14.48 45.80 -27.49
C PRO D 186 14.97 46.71 -28.61
N ARG D 187 15.19 46.14 -29.78
CA ARG D 187 15.64 46.90 -30.93
C ARG D 187 14.45 47.20 -31.83
N VAL D 188 14.74 47.78 -33.00
CA VAL D 188 13.68 48.20 -33.90
C VAL D 188 13.06 46.99 -34.58
N PHE D 189 11.74 47.02 -34.76
CA PHE D 189 11.06 46.09 -35.65
C PHE D 189 11.61 46.37 -37.03
N VAL D 190 12.36 45.42 -37.61
CA VAL D 190 13.05 45.69 -38.87
C VAL D 190 12.06 45.78 -40.03
N PHE D 191 11.04 44.93 -40.03
CA PHE D 191 10.11 44.91 -41.17
C PHE D 191 9.15 46.09 -41.13
N ARG D 192 8.72 46.53 -39.94
CA ARG D 192 7.87 47.72 -39.87
C ARG D 192 8.66 48.98 -40.20
N ALA D 193 9.94 49.03 -39.80
CA ALA D 193 10.79 50.14 -40.20
C ALA D 193 11.00 50.16 -41.70
N LEU D 194 11.16 48.99 -42.32
CA LEU D 194 11.29 48.90 -43.77
C LEU D 194 10.02 49.34 -44.46
N LEU D 195 8.86 48.96 -43.92
CA LEU D 195 7.58 49.37 -44.51
C LEU D 195 7.35 50.86 -44.38
N LEU D 196 7.70 51.45 -43.24
CA LEU D 196 7.51 52.89 -43.05
C LEU D 196 8.48 53.70 -43.91
N VAL D 197 9.74 53.24 -44.03
CA VAL D 197 10.69 53.90 -44.94
C VAL D 197 10.23 53.76 -46.39
N LEU D 198 9.65 52.62 -46.74
CA LEU D 198 9.16 52.41 -48.10
C LEU D 198 7.97 53.31 -48.40
N ILE D 199 7.03 53.44 -47.46
CA ILE D 199 5.89 54.35 -47.64
C ILE D 199 6.36 55.79 -47.72
N PHE D 200 7.36 56.16 -46.91
CA PHE D 200 7.86 57.53 -46.91
C PHE D 200 8.53 57.88 -48.24
N LEU D 201 9.47 57.05 -48.70
CA LEU D 201 10.13 57.30 -49.98
C LEU D 201 9.15 57.21 -51.15
N PHE D 202 8.15 56.33 -51.04
CA PHE D 202 7.08 56.19 -52.01
C PHE D 202 6.29 57.49 -52.19
N VAL D 203 5.74 58.00 -51.09
CA VAL D 203 4.87 59.16 -51.14
C VAL D 203 5.68 60.44 -51.41
N VAL D 204 6.91 60.51 -50.89
CA VAL D 204 7.76 61.67 -51.15
C VAL D 204 8.20 61.71 -52.61
N SER D 205 8.49 60.54 -53.21
CA SER D 205 8.83 60.51 -54.62
C SER D 205 7.65 60.86 -55.51
N TYR D 206 6.43 60.44 -55.13
CA TYR D 206 5.27 60.83 -55.92
C TYR D 206 4.94 62.31 -55.79
N TRP D 207 5.04 62.89 -54.58
CA TRP D 207 4.84 64.34 -54.46
C TRP D 207 5.94 65.12 -55.16
N LEU D 208 7.16 64.57 -55.17
CA LEU D 208 8.28 65.24 -55.84
C LEU D 208 8.07 65.27 -57.35
N PHE D 209 7.66 64.14 -57.93
CA PHE D 209 7.39 64.12 -59.35
C PHE D 209 6.13 64.92 -59.70
N TYR D 210 5.16 64.98 -58.79
CA TYR D 210 3.96 65.74 -59.06
C TYR D 210 4.20 67.25 -58.96
N GLY D 211 5.13 67.66 -58.11
CA GLY D 211 5.43 69.08 -58.00
C GLY D 211 6.38 69.56 -59.06
N VAL D 212 7.40 68.75 -59.37
CA VAL D 212 8.40 69.17 -60.35
C VAL D 212 7.86 69.07 -61.78
N ARG D 213 7.31 67.92 -62.14
CA ARG D 213 7.01 67.65 -63.54
C ARG D 213 5.53 67.73 -63.89
N ILE D 214 4.66 68.10 -62.96
CA ILE D 214 3.24 68.27 -63.27
C ILE D 214 2.77 69.66 -62.88
N LEU D 215 3.01 70.07 -61.63
CA LEU D 215 2.53 71.37 -61.17
C LEU D 215 3.37 72.51 -61.74
N ASP D 216 4.70 72.36 -61.76
CA ASP D 216 5.55 73.42 -62.30
C ASP D 216 5.45 73.53 -63.81
N SER D 217 4.98 72.49 -64.49
CA SER D 217 4.79 72.56 -65.93
C SER D 217 3.35 72.86 -66.33
N ARG D 218 2.39 72.67 -65.41
CA ARG D 218 0.95 72.89 -65.61
C ARG D 218 0.45 72.10 -66.82
N ASP D 219 0.48 70.79 -66.65
CA ASP D 219 0.35 69.87 -67.77
C ASP D 219 -1.06 69.84 -68.36
N ARG D 220 -1.10 69.43 -69.63
CA ARG D 220 -2.31 69.01 -70.33
C ARG D 220 -2.54 67.53 -70.03
N ASN D 221 -3.34 66.87 -70.88
CA ASN D 221 -3.70 65.43 -70.89
C ASN D 221 -3.96 64.86 -69.49
N TYR D 222 -5.02 65.42 -68.88
CA TYR D 222 -5.49 65.09 -67.53
C TYR D 222 -5.78 63.61 -67.35
N GLN D 223 -6.12 62.90 -68.42
CA GLN D 223 -6.23 61.44 -68.39
C GLN D 223 -4.94 60.79 -67.90
N GLY D 224 -3.79 61.31 -68.32
CA GLY D 224 -2.53 60.79 -67.81
C GLY D 224 -2.29 61.12 -66.35
N ILE D 225 -2.83 62.24 -65.87
CA ILE D 225 -2.73 62.57 -64.46
C ILE D 225 -3.58 61.62 -63.63
N VAL D 226 -4.75 61.26 -64.14
CA VAL D 226 -5.60 60.29 -63.44
C VAL D 226 -4.96 58.89 -63.50
N GLN D 227 -4.26 58.57 -64.59
CA GLN D 227 -3.50 57.33 -64.65
C GLN D 227 -2.36 57.31 -63.64
N TYR D 228 -1.71 58.47 -63.43
CA TYR D 228 -0.67 58.59 -62.42
C TYR D 228 -1.22 58.36 -61.02
N ALA D 229 -2.39 58.94 -60.74
CA ALA D 229 -3.02 58.75 -59.42
C ALA D 229 -3.50 57.30 -59.23
N VAL D 230 -3.98 56.66 -60.30
CA VAL D 230 -4.41 55.27 -60.18
C VAL D 230 -3.21 54.33 -60.03
N SER D 231 -2.07 54.67 -60.66
CA SER D 231 -0.86 53.89 -60.42
C SER D 231 -0.35 54.05 -59.00
N LEU D 232 -0.52 55.25 -58.42
CA LEU D 232 -0.29 55.45 -56.99
C LEU D 232 -1.17 54.55 -56.12
N VAL D 233 -2.47 54.49 -56.42
CA VAL D 233 -3.38 53.68 -55.62
C VAL D 233 -3.05 52.19 -55.77
N ASP D 234 -2.68 51.78 -56.98
CA ASP D 234 -2.27 50.39 -57.24
C ASP D 234 -1.04 50.01 -56.45
N ALA D 235 0.02 50.82 -56.56
CA ALA D 235 1.26 50.50 -55.85
C ALA D 235 1.11 50.66 -54.34
N LEU D 236 0.17 51.46 -53.87
CA LEU D 236 -0.08 51.52 -52.43
C LEU D 236 -0.86 50.32 -51.94
N LEU D 237 -1.75 49.76 -52.77
CA LEU D 237 -2.33 48.45 -52.48
C LEU D 237 -1.28 47.35 -52.46
N PHE D 238 -0.30 47.43 -53.35
CA PHE D 238 0.77 46.45 -53.30
C PHE D 238 1.72 46.68 -52.13
N ILE D 239 1.81 47.91 -51.62
CA ILE D 239 2.51 48.14 -50.36
C ILE D 239 1.77 47.48 -49.20
N HIS D 240 0.43 47.58 -49.19
CA HIS D 240 -0.38 46.88 -48.20
C HIS D 240 -0.18 45.37 -48.29
N TYR D 241 -0.06 44.85 -49.51
CA TYR D 241 0.22 43.44 -49.72
C TYR D 241 1.62 43.06 -49.27
N LEU D 242 2.63 43.90 -49.53
CA LEU D 242 3.97 43.63 -49.03
C LEU D 242 4.02 43.70 -47.51
N ALA D 243 3.17 44.53 -46.92
CA ALA D 243 3.06 44.59 -45.47
C ALA D 243 2.50 43.29 -44.90
N ILE D 244 1.49 42.71 -45.54
CA ILE D 244 0.96 41.46 -45.00
C ILE D 244 1.90 40.30 -45.31
N VAL D 245 2.70 40.43 -46.37
CA VAL D 245 3.74 39.43 -46.66
C VAL D 245 4.81 39.45 -45.58
N LEU D 246 5.33 40.64 -45.24
CA LEU D 246 6.43 40.73 -44.30
C LEU D 246 5.99 40.49 -42.87
N LEU D 247 4.81 40.96 -42.48
CA LEU D 247 4.47 40.99 -41.07
C LEU D 247 3.82 39.70 -40.56
N GLU D 248 3.01 39.01 -41.37
CA GLU D 248 2.38 37.80 -40.86
C GLU D 248 2.40 36.59 -41.79
N LEU D 249 2.88 36.72 -43.03
CA LEU D 249 2.92 35.58 -43.93
C LEU D 249 4.30 34.93 -44.05
N ARG D 250 5.37 35.65 -43.70
CA ARG D 250 6.70 35.09 -43.83
C ARG D 250 6.95 33.98 -42.80
N GLN D 251 6.27 34.01 -41.67
CA GLN D 251 6.45 33.03 -40.62
C GLN D 251 5.34 31.99 -40.56
N LEU D 252 4.51 31.89 -41.59
CA LEU D 252 3.46 30.87 -41.59
C LEU D 252 4.03 29.47 -41.77
N GLN D 253 5.01 29.31 -42.63
CA GLN D 253 5.60 28.00 -42.87
C GLN D 253 6.59 27.68 -41.76
N PRO D 254 6.39 26.59 -41.00
CA PRO D 254 7.18 26.36 -39.78
C PRO D 254 8.62 25.94 -40.00
N MET D 255 9.54 26.88 -40.13
CA MET D 255 10.93 26.52 -40.43
C MET D 255 11.65 25.90 -39.24
N PHE D 256 11.29 26.29 -38.02
CA PHE D 256 12.09 25.94 -36.85
C PHE D 256 11.22 25.32 -35.78
N THR D 257 11.86 24.62 -34.86
CA THR D 257 11.22 24.22 -33.62
C THR D 257 11.94 24.91 -32.46
N LEU D 258 11.22 25.14 -31.38
CA LEU D 258 11.75 25.88 -30.23
C LEU D 258 11.42 25.11 -28.96
N GLN D 259 12.45 24.68 -28.25
CA GLN D 259 12.30 24.06 -26.94
C GLN D 259 12.41 25.13 -25.87
N VAL D 260 11.31 25.41 -25.19
CA VAL D 260 11.24 26.45 -24.18
C VAL D 260 11.15 25.76 -22.82
N VAL D 261 12.14 25.97 -21.97
CA VAL D 261 12.23 25.31 -20.66
C VAL D 261 12.32 26.39 -19.59
N ARG D 262 11.52 26.27 -18.53
CA ARG D 262 11.76 27.09 -17.35
C ARG D 262 12.97 26.59 -16.59
N SER D 263 13.78 27.55 -16.13
CA SER D 263 15.00 27.23 -15.41
C SER D 263 14.75 26.72 -14.00
N THR D 264 13.53 26.91 -13.47
CA THR D 264 13.24 26.56 -12.08
C THR D 264 12.64 25.16 -11.93
N ASP D 265 11.48 24.90 -12.53
CA ASP D 265 10.85 23.60 -12.40
C ASP D 265 11.07 22.70 -13.60
N GLY D 266 11.62 23.23 -14.69
CA GLY D 266 11.92 22.41 -15.83
C GLY D 266 10.78 22.17 -16.79
N GLU D 267 9.63 22.80 -16.58
CA GLU D 267 8.47 22.61 -17.46
C GLU D 267 8.81 23.07 -18.86
N SER D 268 8.51 22.22 -19.83
CA SER D 268 9.02 22.38 -21.18
C SER D 268 7.95 22.06 -22.20
N ARG D 269 7.86 22.90 -23.23
CA ARG D 269 6.95 22.69 -24.35
C ARG D 269 7.68 23.05 -25.63
N PHE D 270 7.28 22.42 -26.74
CA PHE D 270 7.93 22.69 -28.02
C PHE D 270 6.97 23.45 -28.92
N TYR D 271 7.51 24.39 -29.68
CA TYR D 271 6.71 25.23 -30.57
C TYR D 271 7.38 25.30 -31.93
N SER D 272 6.57 25.32 -32.98
CA SER D 272 7.05 25.52 -34.34
C SER D 272 6.90 26.97 -34.76
N LEU D 273 7.95 27.52 -35.35
CA LEU D 273 7.94 28.90 -35.82
C LEU D 273 8.60 28.97 -37.20
N GLY D 274 8.18 29.97 -37.96
CA GLY D 274 8.75 30.26 -39.26
C GLY D 274 9.96 31.16 -39.15
N HIS D 275 10.20 31.92 -40.22
CA HIS D 275 11.29 32.90 -40.22
C HIS D 275 10.84 34.12 -39.45
N LEU D 276 11.19 34.15 -38.18
CA LEU D 276 11.04 35.32 -37.32
C LEU D 276 12.41 35.77 -36.86
N SER D 277 12.48 37.02 -36.41
CA SER D 277 13.65 37.46 -35.68
C SER D 277 13.61 36.89 -34.26
N ILE D 278 14.71 37.07 -33.53
CA ILE D 278 14.78 36.57 -32.16
C ILE D 278 13.83 37.35 -31.24
N GLN D 279 13.64 38.65 -31.53
CA GLN D 279 12.60 39.46 -30.89
C GLN D 279 11.22 38.83 -31.02
N ARG D 280 10.80 38.62 -32.26
CA ARG D 280 9.43 38.20 -32.53
C ARG D 280 9.21 36.75 -32.13
N ALA D 281 10.25 35.92 -32.25
CA ALA D 281 10.18 34.57 -31.73
C ALA D 281 10.03 34.58 -30.22
N ALA D 282 10.74 35.48 -29.54
CA ALA D 282 10.60 35.62 -28.09
C ALA D 282 9.21 36.12 -27.72
N LEU D 283 8.60 36.96 -28.57
CA LEU D 283 7.24 37.41 -28.34
C LEU D 283 6.24 36.27 -28.43
N VAL D 284 6.36 35.44 -29.47
CA VAL D 284 5.46 34.28 -29.62
C VAL D 284 5.68 33.28 -28.48
N VAL D 285 6.93 33.12 -28.04
CA VAL D 285 7.25 32.27 -26.89
C VAL D 285 6.56 32.81 -25.63
N LEU D 286 6.53 34.13 -25.44
CA LEU D 286 5.90 34.66 -24.24
C LEU D 286 4.38 34.57 -24.29
N GLU D 287 3.79 34.75 -25.49
CA GLU D 287 2.36 34.48 -25.70
C GLU D 287 2.01 33.06 -25.27
N ASN D 288 2.77 32.10 -25.78
CA ASN D 288 2.58 30.70 -25.42
C ASN D 288 2.94 30.41 -23.97
N TYR D 289 3.81 31.23 -23.36
CA TYR D 289 4.10 31.07 -21.94
C TYR D 289 2.88 31.40 -21.09
N TYR D 290 2.25 32.54 -21.37
CA TYR D 290 1.07 32.91 -20.61
C TYR D 290 -0.11 32.00 -20.91
N LYS D 291 -0.15 31.39 -22.08
CA LYS D 291 -1.24 30.47 -22.39
C LYS D 291 -1.01 29.07 -21.85
N ASP D 292 0.23 28.58 -21.82
CA ASP D 292 0.51 27.15 -21.79
C ASP D 292 1.22 26.65 -20.55
N PHE D 293 2.24 27.35 -20.06
CA PHE D 293 2.97 26.94 -18.88
C PHE D 293 2.14 27.19 -17.63
N THR D 294 2.27 26.30 -16.64
CA THR D 294 1.70 26.57 -15.33
C THR D 294 2.40 27.76 -14.70
N ILE D 295 1.71 28.43 -13.79
CA ILE D 295 2.20 29.69 -13.25
C ILE D 295 3.40 29.43 -12.35
N TYR D 296 4.36 30.35 -12.38
CA TYR D 296 5.53 30.28 -11.53
C TYR D 296 5.12 30.33 -10.06
N ASN D 297 5.43 29.27 -9.34
CA ASN D 297 5.17 29.19 -7.90
C ASN D 297 6.47 28.99 -7.19
N PRO D 298 7.02 30.02 -6.52
CA PRO D 298 8.29 29.84 -5.81
C PRO D 298 8.18 28.94 -4.58
N ASN D 299 6.96 28.77 -4.04
CA ASN D 299 6.77 27.90 -2.90
C ASN D 299 6.89 26.43 -3.24
N LEU D 300 6.69 26.06 -4.51
CA LEU D 300 6.93 24.70 -4.97
C LEU D 300 8.40 24.39 -5.18
N LEU D 301 9.27 25.38 -5.02
CA LEU D 301 10.69 25.24 -5.29
C LEU D 301 11.54 25.27 -4.04
N THR D 302 10.97 25.63 -2.89
CA THR D 302 11.75 25.82 -1.69
C THR D 302 12.20 24.51 -1.05
N ALA D 303 11.50 23.40 -1.33
CA ALA D 303 11.88 22.11 -0.75
C ALA D 303 13.25 21.66 -1.25
N SER D 304 13.51 21.84 -2.54
CA SER D 304 14.82 21.52 -3.10
C SER D 304 15.91 22.45 -2.57
N LYS D 305 15.56 23.72 -2.32
CA LYS D 305 16.53 24.67 -1.80
C LYS D 305 16.90 24.36 -0.35
N PHE D 306 15.90 24.03 0.48
CA PHE D 306 16.19 23.62 1.84
C PHE D 306 16.90 22.28 1.90
N ARG D 307 16.66 21.41 0.92
CA ARG D 307 17.35 20.12 0.89
C ARG D 307 18.82 20.30 0.51
N ALA D 308 19.08 21.21 -0.43
CA ALA D 308 20.46 21.53 -0.78
C ALA D 308 21.18 22.26 0.35
N ALA D 309 20.46 23.12 1.08
CA ALA D 309 21.06 23.77 2.24
C ALA D 309 21.29 22.79 3.39
N LYS D 310 20.45 21.75 3.49
CA LYS D 310 20.66 20.71 4.48
C LYS D 310 21.87 19.86 4.13
N HIS D 311 22.13 19.65 2.85
CA HIS D 311 23.42 19.07 2.45
C HIS D 311 24.57 20.04 2.70
N MET D 312 24.32 21.34 2.65
CA MET D 312 25.33 22.32 3.03
C MET D 312 25.58 22.36 4.53
N ALA D 313 24.64 21.84 5.33
CA ALA D 313 24.86 21.78 6.78
C ALA D 313 25.90 20.75 7.17
N GLY D 314 26.25 19.83 6.28
CA GLY D 314 27.29 18.85 6.55
C GLY D 314 28.15 18.55 5.33
N ALA D 333 37.39 10.71 -6.64
CA ALA D 333 37.72 9.57 -5.80
C ALA D 333 36.80 9.51 -4.58
N MET D 334 36.91 10.51 -3.72
CA MET D 334 36.03 10.58 -2.55
C MET D 334 34.63 11.03 -2.94
N ILE D 335 34.51 11.72 -4.08
CA ILE D 335 33.20 12.24 -4.50
C ILE D 335 32.34 11.11 -5.06
N ALA D 336 32.96 10.03 -5.51
CA ALA D 336 32.19 8.87 -5.95
C ALA D 336 31.80 7.99 -4.77
N ALA D 337 32.66 7.92 -3.76
CA ALA D 337 32.33 7.13 -2.57
C ALA D 337 31.28 7.81 -1.72
N ALA D 338 31.28 9.15 -1.70
CA ALA D 338 30.23 9.88 -1.00
C ALA D 338 28.89 9.71 -1.69
N ALA D 339 28.89 9.69 -3.03
CA ALA D 339 27.68 9.40 -3.77
C ALA D 339 27.21 7.96 -3.57
N ARG D 340 28.16 7.03 -3.41
CA ARG D 340 27.81 5.65 -3.14
C ARG D 340 27.20 5.49 -1.75
N ARG D 341 27.70 6.25 -0.78
CA ARG D 341 27.12 6.22 0.56
C ARG D 341 25.77 6.92 0.60
N ARG D 342 25.59 7.95 -0.25
CA ARG D 342 24.29 8.62 -0.33
C ARG D 342 23.23 7.72 -0.94
N ASP D 343 23.56 7.06 -2.06
CA ASP D 343 22.55 6.27 -2.76
C ASP D 343 22.24 4.97 -2.03
N SER D 344 23.09 4.58 -1.08
CA SER D 344 22.82 3.39 -0.28
C SER D 344 22.02 3.74 0.97
N SER D 345 21.90 5.04 1.28
CA SER D 345 21.21 5.46 2.50
C SER D 345 19.70 5.36 2.35
N HIS D 346 19.00 5.77 3.40
CA HIS D 346 17.54 5.82 3.37
C HIS D 346 17.08 7.01 2.54
N ASN D 347 16.31 6.75 1.48
CA ASN D 347 15.78 7.85 0.68
C ASN D 347 14.56 8.43 1.40
N GLU D 348 14.79 9.52 2.13
CA GLU D 348 13.72 10.29 2.72
C GLU D 348 12.78 10.87 1.67
N LEU D 349 13.31 11.19 0.49
CA LEU D 349 12.56 11.94 -0.51
C LEU D 349 11.43 11.10 -1.12
N TYR D 350 11.68 9.81 -1.36
CA TYR D 350 10.64 8.93 -1.91
C TYR D 350 9.45 8.81 -0.96
N TYR D 351 9.72 8.59 0.32
CA TYR D 351 8.63 8.40 1.26
C TYR D 351 7.94 9.72 1.59
N GLU D 352 8.68 10.83 1.60
CA GLU D 352 8.04 12.12 1.83
C GLU D 352 7.18 12.53 0.64
N GLU D 353 7.60 12.21 -0.58
CA GLU D 353 6.77 12.51 -1.75
C GLU D 353 5.53 11.63 -1.80
N ALA D 354 5.66 10.34 -1.43
CA ALA D 354 4.50 9.47 -1.39
C ALA D 354 3.51 9.91 -0.30
N GLU D 355 4.03 10.33 0.86
CA GLU D 355 3.17 10.77 1.95
C GLU D 355 2.51 12.10 1.62
N HIS D 356 3.22 13.00 0.95
CA HIS D 356 2.63 14.27 0.52
C HIS D 356 1.57 14.06 -0.54
N GLU D 357 1.80 13.14 -1.47
CA GLU D 357 0.80 12.83 -2.50
C GLU D 357 -0.45 12.21 -1.88
N ARG D 358 -0.26 11.40 -0.85
CA ARG D 358 -1.39 10.82 -0.13
C ARG D 358 -2.19 11.90 0.62
N ARG D 359 -1.49 12.85 1.25
CA ARG D 359 -2.19 13.95 1.93
C ARG D 359 -2.92 14.85 0.94
N VAL D 360 -2.34 15.06 -0.24
CA VAL D 360 -2.99 15.87 -1.26
C VAL D 360 -4.25 15.18 -1.79
N LYS D 361 -4.19 13.86 -1.97
CA LYS D 361 -5.39 13.14 -2.39
C LYS D 361 -6.48 13.16 -1.32
N LYS D 362 -6.09 13.10 -0.04
CA LYS D 362 -7.08 13.15 1.04
C LYS D 362 -7.72 14.54 1.12
N ARG D 363 -6.92 15.60 1.07
CA ARG D 363 -7.47 16.95 1.08
C ARG D 363 -8.30 17.24 -0.16
N LYS D 364 -7.95 16.64 -1.30
CA LYS D 364 -8.73 16.77 -2.51
C LYS D 364 -10.09 16.10 -2.37
N ALA D 365 -10.13 14.92 -1.75
CA ALA D 365 -11.42 14.25 -1.55
C ALA D 365 -12.31 15.02 -0.57
N ARG D 366 -11.71 15.57 0.50
CA ARG D 366 -12.44 16.44 1.42
C ARG D 366 -13.00 17.66 0.70
N LEU D 367 -12.19 18.25 -0.19
CA LEU D 367 -12.60 19.44 -0.92
C LEU D 367 -13.72 19.14 -1.90
N VAL D 368 -13.66 17.99 -2.59
CA VAL D 368 -14.72 17.62 -3.53
C VAL D 368 -16.03 17.41 -2.79
N VAL D 369 -16.00 16.72 -1.64
CA VAL D 369 -17.22 16.50 -0.86
C VAL D 369 -17.77 17.83 -0.33
N ALA D 370 -16.88 18.72 0.13
CA ALA D 370 -17.31 20.02 0.66
C ALA D 370 -17.94 20.90 -0.42
N VAL D 371 -17.38 20.91 -1.62
CA VAL D 371 -17.93 21.77 -2.67
C VAL D 371 -19.22 21.19 -3.24
N GLU D 372 -19.35 19.86 -3.30
CA GLU D 372 -20.63 19.26 -3.73
C GLU D 372 -21.74 19.55 -2.73
N GLU D 373 -21.47 19.37 -1.43
CA GLU D 373 -22.49 19.63 -0.44
C GLU D 373 -22.68 21.13 -0.21
N ALA D 374 -21.78 21.97 -0.73
CA ALA D 374 -22.04 23.39 -0.74
C ALA D 374 -22.94 23.80 -1.90
N PHE D 375 -22.71 23.24 -3.09
CA PHE D 375 -23.55 23.61 -4.22
C PHE D 375 -24.94 23.04 -4.12
N ILE D 376 -25.14 21.99 -3.31
CA ILE D 376 -26.48 21.45 -3.18
C ILE D 376 -27.36 22.32 -2.27
N HIS D 377 -26.80 23.36 -1.64
CA HIS D 377 -27.58 24.15 -0.68
C HIS D 377 -28.42 25.23 -1.35
N ILE D 378 -28.16 25.53 -2.62
CA ILE D 378 -28.94 26.55 -3.33
C ILE D 378 -29.56 25.95 -4.57
N GLN D 379 -30.61 26.61 -5.06
CA GLN D 379 -31.44 26.12 -6.14
C GLN D 379 -31.61 27.21 -7.20
N ARG D 380 -31.69 26.78 -8.47
CA ARG D 380 -31.63 27.69 -9.60
C ARG D 380 -32.90 28.55 -9.70
N LEU D 381 -33.99 28.10 -9.08
CA LEU D 381 -35.29 28.79 -9.04
C LEU D 381 -35.87 29.11 -10.42
N GLU D 392 -35.91 33.06 0.31
CA GLU D 392 -35.42 34.39 0.01
C GLU D 392 -34.61 34.41 -1.28
N VAL D 393 -34.94 35.36 -2.15
CA VAL D 393 -34.32 35.46 -3.45
C VAL D 393 -33.03 36.27 -3.36
N MET D 394 -31.97 35.74 -3.98
CA MET D 394 -30.67 36.42 -3.98
C MET D 394 -29.95 36.20 -5.30
N ASP D 395 -29.07 37.14 -5.64
CA ASP D 395 -28.24 37.13 -6.84
C ASP D 395 -27.07 36.15 -6.64
N PRO D 396 -26.31 35.79 -7.69
CA PRO D 396 -25.24 34.79 -7.51
C PRO D 396 -24.12 35.22 -6.58
N ARG D 397 -23.91 36.51 -6.37
CA ARG D 397 -22.90 36.96 -5.40
C ARG D 397 -23.31 36.60 -3.98
N GLU D 398 -24.58 36.86 -3.63
CA GLU D 398 -25.06 36.53 -2.29
C GLU D 398 -25.25 35.02 -2.12
N ALA D 399 -25.57 34.31 -3.20
CA ALA D 399 -25.63 32.85 -3.12
C ALA D 399 -24.24 32.25 -2.91
N ALA D 400 -23.23 32.84 -3.57
CA ALA D 400 -21.84 32.44 -3.37
C ALA D 400 -21.41 32.71 -1.94
N GLN D 401 -21.76 33.88 -1.40
CA GLN D 401 -21.43 34.19 -0.01
C GLN D 401 -22.21 33.32 0.97
N ALA D 402 -23.38 32.83 0.58
CA ALA D 402 -24.15 31.94 1.43
C ALA D 402 -23.50 30.56 1.51
N ILE D 403 -23.12 29.99 0.37
CA ILE D 403 -22.63 28.62 0.38
C ILE D 403 -21.13 28.51 0.57
N PHE D 404 -20.39 29.61 0.53
CA PHE D 404 -18.94 29.55 0.73
C PHE D 404 -18.47 29.12 2.13
N PRO D 405 -19.09 29.49 3.27
CA PRO D 405 -18.58 28.98 4.56
C PRO D 405 -18.68 27.48 4.76
N SER D 406 -19.47 26.76 3.97
CA SER D 406 -19.49 25.30 4.07
C SER D 406 -18.41 24.64 3.22
N MET D 407 -17.65 25.39 2.43
CA MET D 407 -16.52 24.84 1.70
C MET D 407 -15.20 25.53 2.02
N ALA D 408 -15.20 26.58 2.84
CA ALA D 408 -14.07 27.49 2.94
C ALA D 408 -12.87 26.83 3.62
N ARG D 409 -13.10 26.03 4.66
CA ARG D 409 -12.00 25.43 5.39
C ARG D 409 -11.32 24.34 4.59
N ALA D 410 -12.11 23.51 3.88
CA ALA D 410 -11.54 22.46 3.06
C ALA D 410 -10.74 23.04 1.90
N LEU D 411 -11.21 24.14 1.31
CA LEU D 411 -10.48 24.80 0.25
C LEU D 411 -9.22 25.46 0.77
N GLN D 412 -9.28 26.04 1.97
CA GLN D 412 -8.10 26.64 2.58
C GLN D 412 -7.03 25.59 2.87
N LYS D 413 -7.44 24.44 3.40
CA LYS D 413 -6.49 23.36 3.67
C LYS D 413 -5.92 22.75 2.40
N TYR D 414 -6.73 22.68 1.33
CA TYR D 414 -6.21 22.17 0.07
C TYR D 414 -5.23 23.15 -0.57
N LEU D 415 -5.55 24.45 -0.53
CA LEU D 415 -4.62 25.43 -1.10
C LEU D 415 -3.35 25.55 -0.28
N ARG D 416 -3.40 25.28 1.03
CA ARG D 416 -2.17 25.25 1.79
C ARG D 416 -1.35 23.99 1.50
N ILE D 417 -1.99 22.84 1.33
CA ILE D 417 -1.22 21.62 1.10
C ILE D 417 -0.65 21.59 -0.32
N THR D 418 -1.29 22.27 -1.27
CA THR D 418 -0.78 22.35 -2.64
C THR D 418 -0.01 23.64 -2.90
N ARG D 419 0.16 24.47 -1.87
CA ARG D 419 0.98 25.69 -1.88
C ARG D 419 0.48 26.70 -2.91
N GLN D 420 -0.85 26.82 -2.97
CA GLN D 420 -1.52 27.74 -3.89
C GLN D 420 -2.27 28.84 -3.15
N GLN D 421 -2.01 29.02 -1.86
CA GLN D 421 -2.82 29.92 -1.05
C GLN D 421 -2.53 31.39 -1.32
N ASN D 422 -1.37 31.71 -1.89
CA ASN D 422 -1.06 33.08 -2.25
C ASN D 422 -1.74 33.53 -3.53
N TYR D 423 -2.31 32.59 -4.28
CA TYR D 423 -2.87 32.86 -5.59
C TYR D 423 -4.35 33.15 -5.57
N HIS D 424 -5.05 32.84 -4.47
CA HIS D 424 -6.49 32.96 -4.41
C HIS D 424 -6.89 33.67 -3.13
N SER D 425 -7.24 34.95 -3.25
CA SER D 425 -7.87 35.65 -2.15
C SER D 425 -9.31 35.20 -2.01
N MET D 426 -9.94 35.58 -0.90
CA MET D 426 -11.34 35.21 -0.67
C MET D 426 -12.25 35.92 -1.66
N GLU D 427 -11.91 37.14 -2.04
CA GLU D 427 -12.67 37.88 -3.05
C GLU D 427 -12.60 37.19 -4.40
N SER D 428 -11.42 36.70 -4.79
CA SER D 428 -11.26 35.98 -6.05
C SER D 428 -12.07 34.69 -6.07
N ILE D 429 -12.06 33.95 -4.96
CA ILE D 429 -12.81 32.70 -4.86
C ILE D 429 -14.31 32.98 -4.88
N LEU D 430 -14.76 34.05 -4.22
CA LEU D 430 -16.18 34.39 -4.26
C LEU D 430 -16.62 34.86 -5.64
N GLN D 431 -15.77 35.58 -6.37
CA GLN D 431 -16.10 35.99 -7.73
C GLN D 431 -16.18 34.79 -8.67
N HIS D 432 -15.24 33.85 -8.54
CA HIS D 432 -15.29 32.64 -9.35
C HIS D 432 -16.45 31.73 -8.94
N LEU D 433 -16.82 31.77 -7.67
CA LEU D 433 -17.94 30.98 -7.17
C LEU D 433 -19.26 31.51 -7.73
N ALA D 434 -19.45 32.84 -7.68
CA ALA D 434 -20.63 33.44 -8.29
C ALA D 434 -20.63 33.27 -9.80
N PHE D 435 -19.44 33.23 -10.42
CA PHE D 435 -19.32 32.96 -11.85
C PHE D 435 -19.81 31.56 -12.20
N CYS D 436 -19.41 30.56 -11.41
CA CYS D 436 -19.84 29.19 -11.69
C CYS D 436 -21.30 28.95 -11.32
N ILE D 437 -21.80 29.63 -10.29
CA ILE D 437 -23.22 29.56 -9.94
C ILE D 437 -24.06 30.21 -11.03
N THR D 438 -23.57 31.30 -11.63
CA THR D 438 -24.28 31.97 -12.72
C THR D 438 -24.40 31.08 -13.94
N ASN D 439 -23.30 30.47 -14.35
CA ASN D 439 -23.24 29.75 -15.62
C ASN D 439 -23.66 28.29 -15.51
N GLY D 440 -24.16 27.86 -14.35
CA GLY D 440 -24.63 26.50 -14.21
C GLY D 440 -23.55 25.45 -14.18
N MET D 441 -22.38 25.77 -13.65
CA MET D 441 -21.28 24.84 -13.60
C MET D 441 -21.37 23.96 -12.35
N THR D 442 -20.87 22.73 -12.50
CA THR D 442 -20.91 21.71 -11.45
C THR D 442 -19.87 22.04 -10.37
N PRO D 443 -19.88 21.32 -9.22
CA PRO D 443 -18.79 21.49 -8.26
C PRO D 443 -17.40 21.18 -8.79
N LYS D 444 -17.26 20.14 -9.62
CA LYS D 444 -15.96 19.82 -10.20
C LYS D 444 -15.51 20.89 -11.19
N ALA D 445 -16.44 21.52 -11.89
CA ALA D 445 -16.09 22.58 -12.83
C ALA D 445 -15.68 23.84 -12.11
N PHE D 446 -16.31 24.14 -10.98
CA PHE D 446 -15.81 25.19 -10.10
C PHE D 446 -14.43 24.85 -9.55
N LEU D 447 -14.20 23.57 -9.28
CA LEU D 447 -13.07 23.18 -8.48
C LEU D 447 -11.81 22.98 -9.31
N GLU D 448 -11.95 22.84 -10.63
CA GLU D 448 -10.79 22.64 -11.50
C GLU D 448 -9.85 23.85 -11.54
N ARG D 449 -10.34 25.04 -11.19
CA ARG D 449 -9.46 26.19 -11.02
C ARG D 449 -8.48 25.98 -9.88
N TYR D 450 -8.88 25.23 -8.86
CA TYR D 450 -8.10 25.11 -7.63
C TYR D 450 -7.39 23.77 -7.49
N LEU D 451 -7.82 22.74 -8.20
CA LEU D 451 -7.22 21.42 -8.02
C LEU D 451 -5.81 21.35 -8.57
N SER D 452 -5.59 21.90 -9.76
CA SER D 452 -4.29 21.88 -10.40
C SER D 452 -3.66 23.27 -10.36
N ALA D 453 -2.47 23.38 -10.93
CA ALA D 453 -1.75 24.65 -10.90
C ALA D 453 -2.37 25.66 -11.87
N GLY D 454 -2.62 25.25 -13.10
CA GLY D 454 -3.23 26.14 -14.06
C GLY D 454 -2.27 27.15 -14.65
N PRO D 455 -2.55 27.62 -15.85
CA PRO D 455 -1.64 28.56 -16.51
C PRO D 455 -1.72 29.97 -15.92
N THR D 456 -0.83 30.82 -16.42
CA THR D 456 -0.56 32.09 -15.77
C THR D 456 -1.73 33.06 -15.94
N LEU D 457 -2.47 32.96 -17.05
CA LEU D 457 -3.58 33.86 -17.32
C LEU D 457 -4.87 33.52 -16.57
N GLN D 458 -4.92 32.42 -15.82
CA GLN D 458 -6.05 32.22 -14.91
C GLN D 458 -6.07 33.24 -13.80
N TYR D 459 -4.91 33.70 -13.38
CA TYR D 459 -4.73 34.35 -12.10
C TYR D 459 -4.90 35.86 -12.26
N ASP D 460 -4.64 36.60 -11.18
CA ASP D 460 -4.82 38.04 -11.18
C ASP D 460 -3.79 38.71 -12.07
N LYS D 461 -4.12 39.92 -12.53
CA LYS D 461 -3.31 40.60 -13.53
C LYS D 461 -2.01 41.12 -12.94
N ASP D 462 -1.92 41.24 -11.61
CA ASP D 462 -0.66 41.64 -11.00
C ASP D 462 0.24 40.44 -10.75
N ARG D 463 -0.34 39.24 -10.70
CA ARG D 463 0.44 38.03 -10.42
C ARG D 463 1.30 37.64 -11.62
N TRP D 464 0.80 37.88 -12.82
CA TRP D 464 1.66 37.90 -13.99
C TRP D 464 2.16 39.32 -14.18
N LEU D 465 3.32 39.45 -14.82
CA LEU D 465 3.97 40.74 -14.99
C LEU D 465 4.73 40.73 -16.31
N SER D 466 4.08 41.26 -17.35
CA SER D 466 4.59 41.19 -18.71
C SER D 466 5.55 42.31 -19.03
N THR D 467 5.65 43.32 -18.19
CA THR D 467 6.58 44.41 -18.45
C THR D 467 7.99 44.07 -18.00
N GLN D 468 8.13 43.11 -17.09
CA GLN D 468 9.44 42.68 -16.59
C GLN D 468 9.90 41.40 -17.31
N TRP D 469 10.20 41.55 -18.60
CA TRP D 469 10.83 40.48 -19.37
C TRP D 469 12.13 40.98 -19.96
N ARG D 470 13.17 40.17 -19.84
CA ARG D 470 14.51 40.51 -20.32
C ARG D 470 14.96 39.45 -21.31
N LEU D 471 15.48 39.88 -22.44
CA LEU D 471 15.91 38.97 -23.51
C LEU D 471 17.42 38.92 -23.55
N VAL D 472 17.98 37.75 -23.22
CA VAL D 472 19.41 37.51 -23.27
C VAL D 472 19.69 36.73 -24.56
N SER D 473 20.62 37.22 -25.36
CA SER D 473 21.00 36.52 -26.59
C SER D 473 22.46 36.81 -26.87
N ASP D 474 23.17 35.80 -27.39
CA ASP D 474 24.57 35.97 -27.73
C ASP D 474 24.78 36.81 -28.99
N GLU D 475 23.73 37.05 -29.75
CA GLU D 475 23.82 37.81 -30.99
C GLU D 475 22.76 38.91 -31.02
N ALA D 476 22.65 39.58 -32.15
CA ALA D 476 21.67 40.63 -32.32
C ALA D 476 20.27 40.02 -32.39
N VAL D 477 19.34 40.60 -31.63
CA VAL D 477 17.98 40.05 -31.56
C VAL D 477 17.17 40.35 -32.80
N THR D 478 17.64 41.23 -33.68
CA THR D 478 17.01 41.45 -34.97
C THR D 478 17.41 40.41 -36.00
N ASN D 479 18.42 39.59 -35.72
CA ASN D 479 18.76 38.49 -36.60
C ASN D 479 17.65 37.45 -36.57
N GLY D 480 17.46 36.78 -37.70
CA GLY D 480 16.47 35.72 -37.77
C GLY D 480 16.90 34.50 -36.99
N LEU D 481 15.93 33.63 -36.74
CA LEU D 481 16.19 32.34 -36.13
C LEU D 481 17.07 31.50 -37.05
N ARG D 482 17.95 30.70 -36.45
CA ARG D 482 18.67 29.68 -37.20
C ARG D 482 18.91 28.50 -36.26
N ASP D 483 19.41 27.42 -36.84
CA ASP D 483 19.61 26.17 -36.11
C ASP D 483 20.71 26.34 -35.07
N GLY D 484 20.37 26.06 -33.81
CA GLY D 484 21.36 25.98 -32.75
C GLY D 484 21.53 27.21 -31.90
N ILE D 485 20.76 28.28 -32.12
CA ILE D 485 20.89 29.45 -31.28
C ILE D 485 20.11 29.26 -29.99
N VAL D 486 20.59 29.91 -28.94
CA VAL D 486 19.96 29.88 -27.63
C VAL D 486 19.69 31.32 -27.21
N PHE D 487 18.46 31.61 -26.85
CA PHE D 487 18.13 32.88 -26.22
C PHE D 487 17.32 32.62 -24.97
N VAL D 488 17.50 33.49 -23.98
CA VAL D 488 16.95 33.30 -22.65
C VAL D 488 16.00 34.46 -22.37
N LEU D 489 14.78 34.14 -21.93
CA LEU D 489 13.78 35.11 -21.54
C LEU D 489 13.71 35.15 -20.03
N LYS D 490 14.31 36.17 -19.43
CA LYS D 490 14.42 36.24 -17.98
C LYS D 490 13.32 37.10 -17.39
N CYS D 491 12.56 36.52 -16.47
CA CYS D 491 11.67 37.22 -15.59
C CYS D 491 12.44 37.58 -14.31
N LEU D 492 11.73 38.00 -13.26
CA LEU D 492 12.43 38.43 -12.06
C LEU D 492 13.04 37.27 -11.29
N ASP D 493 12.33 36.15 -11.17
CA ASP D 493 12.90 34.98 -10.50
C ASP D 493 13.29 33.84 -11.42
N PHE D 494 12.54 33.58 -12.48
CA PHE D 494 12.82 32.43 -13.33
C PHE D 494 13.34 32.88 -14.69
N SER D 495 13.60 31.94 -15.58
CA SER D 495 13.94 32.29 -16.95
C SER D 495 13.43 31.21 -17.88
N LEU D 496 13.17 31.60 -19.12
CA LEU D 496 12.78 30.68 -20.18
C LEU D 496 13.99 30.49 -21.09
N VAL D 497 14.60 29.32 -21.01
CA VAL D 497 15.77 29.01 -21.82
C VAL D 497 15.27 28.37 -23.12
N VAL D 498 15.50 29.03 -24.24
CA VAL D 498 14.93 28.63 -25.52
C VAL D 498 16.07 28.32 -26.47
N ASN D 499 16.21 27.05 -26.85
CA ASN D 499 17.13 26.68 -27.91
C ASN D 499 16.37 26.28 -29.16
N VAL D 500 16.87 26.74 -30.31
CA VAL D 500 16.16 26.66 -31.57
C VAL D 500 16.80 25.57 -32.41
N LYS D 501 15.99 24.66 -32.92
CA LYS D 501 16.46 23.63 -33.85
C LYS D 501 15.72 23.75 -35.16
N LYS D 502 16.47 23.62 -36.25
CA LYS D 502 15.87 23.55 -37.58
C LYS D 502 15.04 22.28 -37.68
N ILE D 503 13.82 22.43 -38.20
CA ILE D 503 13.01 21.25 -38.49
C ILE D 503 13.65 20.48 -39.64
N PRO D 504 13.87 19.17 -39.51
CA PRO D 504 14.77 18.47 -40.43
C PRO D 504 14.21 18.31 -41.84
N PHE D 505 15.14 18.15 -42.78
CA PHE D 505 14.79 17.86 -44.16
C PHE D 505 14.24 16.44 -44.23
N ILE D 506 12.98 16.30 -44.62
CA ILE D 506 12.28 15.02 -44.62
C ILE D 506 12.19 14.54 -46.06
N ILE D 507 12.50 13.27 -46.28
CA ILE D 507 12.37 12.65 -47.59
C ILE D 507 11.23 11.65 -47.51
N LEU D 508 10.15 11.91 -48.24
CA LEU D 508 9.07 10.94 -48.39
C LEU D 508 9.24 10.14 -49.67
N SER D 509 8.72 8.92 -49.63
CA SER D 509 8.65 8.06 -50.79
C SER D 509 7.38 7.25 -50.69
N GLU D 510 6.84 6.84 -51.83
CA GLU D 510 5.75 5.88 -51.79
C GLU D 510 6.30 4.47 -51.69
N GLU D 511 5.53 3.59 -51.07
CA GLU D 511 5.61 2.17 -51.33
C GLU D 511 4.20 1.66 -51.48
N PHE D 512 4.03 0.72 -52.39
CA PHE D 512 2.71 0.18 -52.72
C PHE D 512 2.46 -1.04 -51.86
N ILE D 513 1.39 -1.00 -51.09
CA ILE D 513 0.85 -2.18 -50.42
C ILE D 513 -0.40 -2.59 -51.16
N ASP D 514 -0.38 -3.79 -51.71
CA ASP D 514 -1.55 -4.36 -52.34
C ASP D 514 -2.60 -4.63 -51.27
N PRO D 515 -3.83 -4.10 -51.41
CA PRO D 515 -4.89 -4.45 -50.46
C PRO D 515 -5.35 -5.90 -50.56
N LYS D 516 -4.94 -6.63 -51.59
CA LYS D 516 -5.12 -8.08 -51.63
C LYS D 516 -4.08 -8.80 -50.78
N SER D 517 -2.99 -8.12 -50.41
CA SER D 517 -1.92 -8.74 -49.63
C SER D 517 -2.14 -8.67 -48.13
N HIS D 518 -3.38 -8.40 -47.70
CA HIS D 518 -3.74 -8.37 -46.29
C HIS D 518 -4.40 -9.68 -45.87
N LYS D 519 -3.91 -10.80 -46.37
CA LYS D 519 -4.48 -12.09 -46.05
C LYS D 519 -3.86 -12.65 -44.76
N PHE D 520 -4.71 -13.21 -43.90
CA PHE D 520 -4.28 -13.69 -42.60
C PHE D 520 -4.66 -15.15 -42.45
N VAL D 521 -3.89 -15.86 -41.62
CA VAL D 521 -4.15 -17.26 -41.34
C VAL D 521 -4.40 -17.42 -39.85
N LEU D 522 -5.13 -18.47 -39.50
CA LEU D 522 -5.41 -18.81 -38.12
C LEU D 522 -4.20 -19.41 -37.41
N ARG D 523 -3.14 -19.71 -38.15
CA ARG D 523 -1.91 -20.22 -37.57
C ARG D 523 -1.28 -19.19 -36.64
N LEU D 524 -0.62 -19.70 -35.61
CA LEU D 524 0.03 -18.85 -34.61
C LEU D 524 1.29 -18.22 -35.21
N GLN D 525 1.63 -17.03 -34.71
CA GLN D 525 2.85 -16.38 -35.20
C GLN D 525 3.94 -16.32 -34.14
N THR E 120 -25.48 27.14 -60.02
CA THR E 120 -26.33 27.41 -58.87
C THR E 120 -26.63 28.89 -58.75
N VAL E 121 -26.98 29.33 -57.54
CA VAL E 121 -27.28 30.73 -57.31
C VAL E 121 -26.01 31.57 -57.29
N ALA E 122 -25.03 31.17 -56.47
CA ALA E 122 -23.77 31.90 -56.41
C ALA E 122 -22.91 31.63 -57.63
N SER E 123 -23.08 30.46 -58.27
CA SER E 123 -22.30 30.14 -59.46
C SER E 123 -22.71 30.99 -60.65
N PHE E 124 -24.00 31.33 -60.76
CA PHE E 124 -24.46 32.17 -61.85
C PHE E 124 -23.96 33.61 -61.69
N LEU E 125 -23.97 34.12 -60.45
CA LEU E 125 -23.40 35.43 -60.19
C LEU E 125 -21.89 35.44 -60.38
N GLY E 126 -21.22 34.32 -60.08
CA GLY E 126 -19.80 34.21 -60.39
C GLY E 126 -19.53 34.20 -61.87
N LEU E 127 -20.40 33.56 -62.64
CA LEU E 127 -20.28 33.58 -64.10
C LEU E 127 -20.52 34.98 -64.65
N LEU E 128 -21.44 35.73 -64.04
CA LEU E 128 -21.70 37.11 -64.47
C LEU E 128 -20.52 38.02 -64.15
N VAL E 129 -19.94 37.89 -62.95
CA VAL E 129 -18.82 38.76 -62.59
C VAL E 129 -17.55 38.35 -63.35
N PHE E 130 -17.47 37.09 -63.81
CA PHE E 130 -16.34 36.72 -64.64
C PHE E 130 -16.52 37.15 -66.10
N LEU E 131 -17.75 37.15 -66.61
CA LEU E 131 -18.01 37.53 -67.99
C LEU E 131 -18.25 39.03 -68.19
N THR E 132 -18.37 39.79 -67.10
CA THR E 132 -18.48 41.25 -67.22
C THR E 132 -17.30 41.92 -67.92
N PRO E 133 -16.01 41.62 -67.63
CA PRO E 133 -14.95 42.26 -68.43
C PRO E 133 -14.92 41.77 -69.86
N ILE E 134 -15.23 40.49 -70.06
CA ILE E 134 -15.28 39.91 -71.39
C ILE E 134 -16.41 40.54 -72.21
N ALA E 135 -17.54 40.82 -71.57
CA ALA E 135 -18.64 41.48 -72.27
C ALA E 135 -18.29 42.93 -72.59
N PHE E 136 -17.60 43.62 -71.67
CA PHE E 136 -17.14 44.99 -71.93
C PHE E 136 -16.14 45.04 -73.08
N ILE E 137 -15.39 43.97 -73.28
CA ILE E 137 -14.51 43.86 -74.44
C ILE E 137 -15.29 43.56 -75.71
N LEU E 138 -16.20 42.58 -75.67
CA LEU E 138 -16.80 42.06 -76.89
C LEU E 138 -17.87 42.98 -77.47
N LEU E 139 -18.59 43.72 -76.64
CA LEU E 139 -19.67 44.56 -77.17
C LEU E 139 -19.31 45.73 -78.10
N PRO E 140 -18.19 46.45 -77.96
CA PRO E 140 -17.90 47.53 -78.95
C PRO E 140 -17.55 47.04 -80.34
N PRO E 141 -16.81 45.93 -80.56
CA PRO E 141 -16.68 45.46 -81.95
C PRO E 141 -17.92 44.78 -82.51
N ILE E 142 -18.94 44.51 -81.71
CA ILE E 142 -20.17 43.93 -82.22
C ILE E 142 -21.22 44.99 -82.51
N LEU E 143 -21.41 45.94 -81.59
CA LEU E 143 -22.49 46.91 -81.74
C LEU E 143 -22.12 48.03 -82.72
N TRP E 144 -20.90 48.57 -82.64
CA TRP E 144 -20.41 49.54 -83.61
C TRP E 144 -19.04 49.07 -84.12
N ARG E 145 -19.06 48.21 -85.14
CA ARG E 145 -17.82 47.58 -85.60
C ARG E 145 -16.96 48.56 -86.39
N ASP E 146 -17.58 49.37 -87.24
CA ASP E 146 -16.85 50.28 -88.11
C ASP E 146 -16.43 51.58 -87.43
N GLU E 147 -16.79 51.78 -86.17
CA GLU E 147 -16.52 53.03 -85.49
C GLU E 147 -15.26 52.95 -84.61
N LEU E 148 -14.69 51.76 -84.43
CA LEU E 148 -13.47 51.60 -83.64
C LEU E 148 -12.29 52.31 -84.27
N GLU E 149 -11.57 53.09 -83.47
CA GLU E 149 -10.29 53.62 -83.88
C GLU E 149 -9.27 52.47 -83.98
N PRO E 150 -8.31 52.54 -84.90
CA PRO E 150 -7.34 51.45 -85.02
C PRO E 150 -6.36 51.38 -83.86
N CYS E 151 -6.56 50.40 -82.97
CA CYS E 151 -5.70 50.23 -81.81
C CYS E 151 -4.41 49.51 -82.19
N GLY E 152 -4.53 48.28 -82.67
CA GLY E 152 -3.37 47.54 -83.14
C GLY E 152 -2.59 46.84 -82.03
N THR E 153 -1.47 47.43 -81.64
CA THR E 153 -0.55 46.75 -80.73
C THR E 153 -1.02 46.83 -79.28
N ILE E 154 -1.37 48.04 -78.82
CA ILE E 154 -1.52 48.28 -77.39
C ILE E 154 -2.79 47.61 -76.86
N CYS E 155 -3.85 47.58 -77.67
CA CYS E 155 -5.08 46.90 -77.29
C CYS E 155 -4.86 45.39 -77.14
N GLU E 156 -4.08 44.79 -78.04
CA GLU E 156 -3.84 43.35 -77.97
C GLU E 156 -2.92 43.00 -76.80
N GLY E 157 -1.88 43.81 -76.58
CA GLY E 157 -1.03 43.62 -75.41
C GLY E 157 -1.72 43.89 -74.10
N LEU E 158 -2.84 44.60 -74.13
CA LEU E 158 -3.67 44.76 -72.95
C LEU E 158 -4.69 43.62 -72.81
N PHE E 159 -5.13 43.03 -73.93
CA PHE E 159 -5.96 41.83 -73.86
C PHE E 159 -5.20 40.66 -73.25
N ILE E 160 -3.91 40.57 -73.54
CA ILE E 160 -3.10 39.46 -73.00
C ILE E 160 -2.98 39.58 -71.49
N SER E 161 -2.72 40.81 -71.00
CA SER E 161 -2.66 41.06 -69.57
C SER E 161 -4.02 40.82 -68.92
N MET E 162 -5.10 41.19 -69.61
CA MET E 162 -6.45 40.92 -69.12
C MET E 162 -6.71 39.43 -68.96
N ALA E 163 -6.33 38.63 -69.96
CA ALA E 163 -6.56 37.20 -69.91
C ALA E 163 -5.74 36.53 -68.82
N PHE E 164 -4.50 36.98 -68.63
CA PHE E 164 -3.67 36.40 -67.58
C PHE E 164 -4.15 36.78 -66.19
N LYS E 165 -4.62 38.02 -66.00
CA LYS E 165 -5.15 38.42 -64.71
C LYS E 165 -6.49 37.75 -64.42
N LEU E 166 -7.32 37.52 -65.45
CA LEU E 166 -8.54 36.75 -65.24
C LEU E 166 -8.25 35.29 -64.91
N LEU E 167 -7.17 34.73 -65.48
CA LEU E 167 -6.79 33.38 -65.11
C LEU E 167 -6.31 33.30 -63.67
N ILE E 168 -5.52 34.30 -63.23
CA ILE E 168 -5.11 34.39 -61.83
C ILE E 168 -6.33 34.51 -60.91
N LEU E 169 -7.30 35.33 -61.31
CA LEU E 169 -8.50 35.53 -60.50
C LEU E 169 -9.34 34.27 -60.40
N LEU E 170 -9.47 33.53 -61.51
CA LEU E 170 -10.25 32.29 -61.49
C LEU E 170 -9.56 31.21 -60.66
N ILE E 171 -8.24 31.10 -60.76
CA ILE E 171 -7.52 30.10 -59.97
C ILE E 171 -7.57 30.42 -58.48
N GLY E 172 -7.39 31.70 -58.13
CA GLY E 172 -7.46 32.07 -56.71
C GLY E 172 -8.85 31.96 -56.13
N THR E 173 -9.88 32.26 -56.94
CA THR E 173 -11.25 32.14 -56.49
C THR E 173 -11.63 30.68 -56.30
N TRP E 174 -11.19 29.80 -57.19
CA TRP E 174 -11.36 28.36 -56.98
C TRP E 174 -10.62 27.90 -55.72
N ALA E 175 -9.41 28.40 -55.51
CA ALA E 175 -8.58 27.91 -54.42
C ALA E 175 -9.13 28.29 -53.05
N LEU E 176 -9.64 29.52 -52.91
CA LEU E 176 -10.06 29.98 -51.60
C LEU E 176 -11.56 30.07 -51.39
N PHE E 177 -12.38 29.98 -52.43
CA PHE E 177 -13.81 30.19 -52.24
C PHE E 177 -14.70 29.14 -52.88
N PHE E 178 -14.15 28.23 -53.70
CA PHE E 178 -14.94 27.09 -54.15
C PHE E 178 -14.82 26.01 -53.08
N ARG E 179 -15.59 26.19 -52.02
CA ARG E 179 -15.67 25.25 -50.93
C ARG E 179 -17.01 25.44 -50.24
N LYS E 180 -17.49 24.35 -49.61
CA LYS E 180 -18.82 24.35 -49.03
C LYS E 180 -18.87 25.23 -47.78
N ARG E 181 -20.08 25.71 -47.48
CA ARG E 181 -20.31 26.52 -46.29
C ARG E 181 -20.07 25.66 -45.06
N ARG E 182 -19.29 26.17 -44.12
CA ARG E 182 -18.74 25.32 -43.08
C ARG E 182 -19.63 25.29 -41.85
N ALA E 183 -20.35 26.38 -41.58
CA ALA E 183 -21.13 26.48 -40.37
C ALA E 183 -22.32 27.41 -40.57
N ASP E 184 -23.35 27.17 -39.77
CA ASP E 184 -24.46 28.09 -39.61
C ASP E 184 -24.28 28.87 -38.31
N MET E 185 -24.28 30.17 -38.42
CA MET E 185 -24.09 31.16 -37.39
C MET E 185 -25.41 31.82 -37.04
N PRO E 186 -25.57 32.39 -35.84
CA PRO E 186 -26.85 33.01 -35.47
C PRO E 186 -27.21 34.22 -36.31
N ARG E 187 -26.33 35.22 -36.31
CA ARG E 187 -26.55 36.43 -37.08
C ARG E 187 -25.74 36.35 -38.38
N VAL E 188 -25.74 37.45 -39.12
CA VAL E 188 -25.09 37.47 -40.43
C VAL E 188 -23.57 37.51 -40.24
N PHE E 189 -22.86 36.78 -41.10
CA PHE E 189 -21.43 36.94 -41.24
C PHE E 189 -21.22 38.37 -41.73
N VAL E 190 -20.63 39.23 -40.91
CA VAL E 190 -20.55 40.65 -41.25
C VAL E 190 -19.57 40.88 -42.40
N PHE E 191 -18.44 40.17 -42.40
CA PHE E 191 -17.43 40.41 -43.42
C PHE E 191 -17.83 39.83 -44.77
N ARG E 192 -18.50 38.68 -44.79
CA ARG E 192 -18.98 38.14 -46.06
C ARG E 192 -20.12 38.98 -46.62
N ALA E 193 -20.97 39.52 -45.75
CA ALA E 193 -22.01 40.45 -46.21
C ALA E 193 -21.39 41.72 -46.76
N LEU E 194 -20.33 42.21 -46.14
CA LEU E 194 -19.63 43.39 -46.64
C LEU E 194 -18.98 43.10 -47.99
N LEU E 195 -18.39 41.92 -48.15
CA LEU E 195 -17.77 41.55 -49.42
C LEU E 195 -18.81 41.39 -50.53
N LEU E 196 -19.97 40.80 -50.23
CA LEU E 196 -20.99 40.63 -51.25
C LEU E 196 -21.64 41.95 -51.63
N VAL E 197 -21.88 42.83 -50.66
CA VAL E 197 -22.38 44.18 -50.95
C VAL E 197 -21.35 44.97 -51.76
N LEU E 198 -20.06 44.78 -51.46
CA LEU E 198 -19.01 45.48 -52.20
C LEU E 198 -18.93 44.98 -53.64
N ILE E 199 -19.02 43.66 -53.86
CA ILE E 199 -19.03 43.11 -55.20
C ILE E 199 -20.27 43.56 -55.97
N PHE E 200 -21.42 43.63 -55.29
CA PHE E 200 -22.65 44.04 -55.95
C PHE E 200 -22.60 45.50 -56.39
N LEU E 201 -22.22 46.41 -55.48
CA LEU E 201 -22.11 47.82 -55.85
C LEU E 201 -21.00 48.06 -56.86
N PHE E 202 -19.93 47.27 -56.78
CA PHE E 202 -18.82 47.30 -57.73
C PHE E 202 -19.28 46.99 -59.16
N VAL E 203 -19.92 45.84 -59.33
CA VAL E 203 -20.30 45.38 -60.67
C VAL E 203 -21.49 46.18 -61.20
N VAL E 204 -22.40 46.59 -60.31
CA VAL E 204 -23.53 47.41 -60.73
C VAL E 204 -23.07 48.81 -61.15
N SER E 205 -22.08 49.38 -60.46
CA SER E 205 -21.54 50.67 -60.87
C SER E 205 -20.79 50.59 -62.18
N TYR E 206 -20.07 49.48 -62.41
CA TYR E 206 -19.39 49.33 -63.70
C TYR E 206 -20.36 49.11 -64.85
N TRP E 207 -21.41 48.30 -64.66
CA TRP E 207 -22.42 48.16 -65.71
C TRP E 207 -23.19 49.46 -65.92
N LEU E 208 -23.39 50.24 -64.85
CA LEU E 208 -24.10 51.51 -64.98
C LEU E 208 -23.29 52.51 -65.78
N PHE E 209 -21.98 52.61 -65.49
CA PHE E 209 -21.14 53.52 -66.27
C PHE E 209 -20.94 53.00 -67.69
N TYR E 210 -20.95 51.69 -67.88
CA TYR E 210 -20.77 51.14 -69.22
C TYR E 210 -22.03 51.32 -70.08
N GLY E 211 -23.20 51.31 -69.46
CA GLY E 211 -24.43 51.50 -70.20
C GLY E 211 -24.73 52.97 -70.46
N VAL E 212 -24.49 53.82 -69.46
CA VAL E 212 -24.81 55.24 -69.60
C VAL E 212 -23.79 55.95 -70.48
N ARG E 213 -22.51 55.80 -70.16
CA ARG E 213 -21.48 56.64 -70.76
C ARG E 213 -20.64 55.94 -71.82
N ILE E 214 -20.95 54.68 -72.17
CA ILE E 214 -20.21 54.01 -73.24
C ILE E 214 -21.17 53.48 -74.30
N LEU E 215 -22.18 52.73 -73.88
CA LEU E 215 -23.11 52.15 -74.85
C LEU E 215 -24.08 53.19 -75.41
N ASP E 216 -24.62 54.07 -74.56
CA ASP E 216 -25.54 55.09 -75.02
C ASP E 216 -24.84 56.18 -75.84
N SER E 217 -23.52 56.32 -75.69
CA SER E 217 -22.77 57.28 -76.49
C SER E 217 -22.10 56.66 -77.69
N ARG E 218 -21.93 55.33 -77.70
CA ARG E 218 -21.29 54.55 -78.77
C ARG E 218 -19.88 55.09 -79.06
N ASP E 219 -19.02 54.90 -78.05
CA ASP E 219 -17.75 55.61 -77.99
C ASP E 219 -16.75 55.13 -79.04
N ARG E 220 -15.82 56.03 -79.34
CA ARG E 220 -14.59 55.75 -80.06
C ARG E 220 -13.54 55.28 -79.04
N ASN E 221 -12.26 55.36 -79.42
CA ASN E 221 -11.04 55.05 -78.64
C ASN E 221 -11.18 53.78 -77.78
N TYR E 222 -11.36 52.67 -78.50
CA TYR E 222 -11.54 51.32 -77.95
C TYR E 222 -10.42 50.90 -77.02
N GLN E 223 -9.20 51.45 -77.20
CA GLN E 223 -8.11 51.27 -76.24
C GLN E 223 -8.52 51.70 -74.84
N GLY E 224 -9.26 52.80 -74.71
CA GLY E 224 -9.75 53.21 -73.41
C GLY E 224 -10.82 52.28 -72.85
N ILE E 225 -11.60 51.64 -73.73
CA ILE E 225 -12.57 50.65 -73.27
C ILE E 225 -11.85 49.42 -72.73
N VAL E 226 -10.77 49.02 -73.39
CA VAL E 226 -9.99 47.89 -72.89
C VAL E 226 -9.28 48.25 -71.59
N GLN E 227 -8.86 49.52 -71.46
CA GLN E 227 -8.31 49.99 -70.18
C GLN E 227 -9.35 49.97 -69.07
N TYR E 228 -10.60 50.30 -69.40
CA TYR E 228 -11.69 50.23 -68.44
C TYR E 228 -11.94 48.80 -67.98
N ALA E 229 -11.92 47.84 -68.92
CA ALA E 229 -12.10 46.44 -68.56
C ALA E 229 -10.91 45.90 -67.76
N VAL E 230 -9.70 46.34 -68.07
CA VAL E 230 -8.53 45.90 -67.31
C VAL E 230 -8.52 46.51 -65.91
N SER E 231 -9.02 47.74 -65.76
CA SER E 231 -9.17 48.32 -64.42
C SER E 231 -10.24 47.58 -63.62
N LEU E 232 -11.29 47.10 -64.29
CA LEU E 232 -12.24 46.20 -63.65
C LEU E 232 -11.58 44.91 -63.16
N VAL E 233 -10.76 44.28 -64.00
CA VAL E 233 -10.10 43.03 -63.60
C VAL E 233 -9.11 43.27 -62.46
N ASP E 234 -8.41 44.41 -62.49
CA ASP E 234 -7.49 44.78 -61.43
C ASP E 234 -8.21 44.97 -60.10
N ALA E 235 -9.26 45.79 -60.10
CA ALA E 235 -9.98 46.05 -58.86
C ALA E 235 -10.76 44.82 -58.38
N LEU E 236 -11.10 43.90 -59.26
CA LEU E 236 -11.72 42.65 -58.81
C LEU E 236 -10.70 41.70 -58.21
N LEU E 237 -9.46 41.71 -58.71
CA LEU E 237 -8.36 41.03 -58.02
C LEU E 237 -8.11 41.64 -56.65
N PHE E 238 -8.20 42.96 -56.53
CA PHE E 238 -8.05 43.57 -55.21
C PHE E 238 -9.25 43.32 -54.31
N ILE E 239 -10.43 43.06 -54.88
CA ILE E 239 -11.56 42.58 -54.08
C ILE E 239 -11.28 41.18 -53.54
N HIS E 240 -10.69 40.31 -54.37
CA HIS E 240 -10.26 38.99 -53.91
C HIS E 240 -9.23 39.09 -52.80
N TYR E 241 -8.32 40.06 -52.92
CA TYR E 241 -7.34 40.32 -51.87
C TYR E 241 -7.98 40.88 -50.61
N LEU E 242 -8.95 41.78 -50.72
CA LEU E 242 -9.66 42.26 -49.55
C LEU E 242 -10.47 41.14 -48.89
N ALA E 243 -10.94 40.20 -49.69
CA ALA E 243 -11.63 39.03 -49.15
C ALA E 243 -10.70 38.16 -48.33
N ILE E 244 -9.46 37.95 -48.80
CA ILE E 244 -8.56 37.12 -48.00
C ILE E 244 -8.04 37.90 -46.79
N VAL E 245 -8.01 39.23 -46.89
CA VAL E 245 -7.66 40.06 -45.74
C VAL E 245 -8.73 39.96 -44.66
N LEU E 246 -10.00 40.11 -45.03
CA LEU E 246 -11.07 40.13 -44.05
C LEU E 246 -11.37 38.75 -43.50
N LEU E 247 -11.32 37.71 -44.34
CA LEU E 247 -11.86 36.42 -43.91
C LEU E 247 -10.85 35.54 -43.18
N GLU E 248 -9.56 35.58 -43.53
CA GLU E 248 -8.62 34.71 -42.83
C GLU E 248 -7.32 35.35 -42.40
N LEU E 249 -7.04 36.61 -42.76
CA LEU E 249 -5.79 37.24 -42.34
C LEU E 249 -5.96 38.19 -41.17
N ARG E 250 -7.17 38.67 -40.88
CA ARG E 250 -7.36 39.61 -39.78
C ARG E 250 -7.18 38.94 -38.43
N GLN E 251 -7.42 37.63 -38.35
CA GLN E 251 -7.31 36.90 -37.10
C GLN E 251 -6.03 36.07 -36.99
N LEU E 252 -5.04 36.30 -37.86
CA LEU E 252 -3.80 35.55 -37.76
C LEU E 252 -2.98 35.97 -36.54
N GLN E 253 -2.93 37.26 -36.26
CA GLN E 253 -2.16 37.75 -35.12
C GLN E 253 -2.95 37.53 -33.83
N PRO E 254 -2.44 36.77 -32.86
CA PRO E 254 -3.25 36.34 -31.72
C PRO E 254 -3.54 37.43 -30.69
N MET E 255 -4.62 38.19 -30.86
CA MET E 255 -4.90 39.29 -29.96
C MET E 255 -5.39 38.83 -28.60
N PHE E 256 -6.08 37.69 -28.52
CA PHE E 256 -6.78 37.32 -27.31
C PHE E 256 -6.43 35.90 -26.91
N THR E 257 -6.68 35.58 -25.65
CA THR E 257 -6.68 34.21 -25.19
C THR E 257 -8.09 33.84 -24.74
N LEU E 258 -8.44 32.57 -24.84
CA LEU E 258 -9.78 32.10 -24.54
C LEU E 258 -9.68 30.88 -23.62
N GLN E 259 -10.23 30.99 -22.43
CA GLN E 259 -10.33 29.87 -21.51
C GLN E 259 -11.68 29.20 -21.70
N VAL E 260 -11.67 27.99 -22.24
CA VAL E 260 -12.87 27.23 -22.54
C VAL E 260 -12.98 26.11 -21.51
N VAL E 261 -14.05 26.12 -20.72
CA VAL E 261 -14.24 25.16 -19.63
C VAL E 261 -15.59 24.47 -19.85
N ARG E 262 -15.61 23.14 -19.76
CA ARG E 262 -16.89 22.46 -19.66
C ARG E 262 -17.51 22.64 -18.28
N SER E 263 -18.82 22.88 -18.27
CA SER E 263 -19.54 23.12 -17.03
C SER E 263 -19.74 21.85 -16.21
N THR E 264 -19.52 20.67 -16.79
CA THR E 264 -19.79 19.42 -16.11
C THR E 264 -18.57 18.82 -15.43
N ASP E 265 -17.52 18.50 -16.18
CA ASP E 265 -16.33 17.92 -15.58
C ASP E 265 -15.21 18.91 -15.37
N GLY E 266 -15.34 20.12 -15.90
CA GLY E 266 -14.33 21.14 -15.68
C GLY E 266 -13.13 21.10 -16.58
N GLU E 267 -13.12 20.22 -17.59
CA GLU E 267 -12.00 20.11 -18.51
C GLU E 267 -11.81 21.43 -19.25
N SER E 268 -10.57 21.91 -19.26
CA SER E 268 -10.30 23.28 -19.69
C SER E 268 -9.04 23.33 -20.53
N ARG E 269 -9.10 24.10 -21.62
CA ARG E 269 -7.96 24.33 -22.49
C ARG E 269 -7.96 25.79 -22.89
N PHE E 270 -6.77 26.34 -23.18
CA PHE E 270 -6.66 27.74 -23.55
C PHE E 270 -6.30 27.84 -25.03
N TYR E 271 -6.89 28.83 -25.70
CA TYR E 271 -6.66 29.02 -27.12
C TYR E 271 -6.38 30.49 -27.40
N SER E 272 -5.49 30.75 -28.34
CA SER E 272 -5.22 32.11 -28.80
C SER E 272 -5.99 32.41 -30.07
N LEU E 273 -6.62 33.57 -30.11
CA LEU E 273 -7.37 34.02 -31.27
C LEU E 273 -7.09 35.48 -31.56
N GLY E 274 -7.23 35.84 -32.83
CA GLY E 274 -7.10 37.21 -33.27
C GLY E 274 -8.39 37.97 -33.15
N HIS E 275 -8.54 38.99 -34.00
CA HIS E 275 -9.78 39.75 -34.05
C HIS E 275 -10.82 38.95 -34.81
N LEU E 276 -11.64 38.21 -34.06
CA LEU E 276 -12.82 37.55 -34.58
C LEU E 276 -14.04 38.12 -33.91
N SER E 277 -15.20 37.91 -34.52
CA SER E 277 -16.45 38.14 -33.83
C SER E 277 -16.70 37.01 -32.83
N ILE E 278 -17.73 37.19 -32.00
CA ILE E 278 -18.08 36.17 -31.00
C ILE E 278 -18.61 34.91 -31.68
N GLN E 279 -19.31 35.07 -32.81
CA GLN E 279 -19.69 33.97 -33.69
C GLN E 279 -18.49 33.12 -34.10
N ARG E 280 -17.53 33.77 -34.75
CA ARG E 280 -16.43 33.05 -35.37
C ARG E 280 -15.46 32.52 -34.32
N ALA E 281 -15.32 33.24 -33.21
CA ALA E 281 -14.56 32.72 -32.08
C ALA E 281 -15.22 31.48 -31.52
N ALA E 282 -16.56 31.49 -31.41
CA ALA E 282 -17.29 30.31 -30.96
C ALA E 282 -17.13 29.15 -31.93
N LEU E 283 -17.04 29.45 -33.24
CA LEU E 283 -16.81 28.41 -34.23
C LEU E 283 -15.44 27.76 -34.05
N VAL E 284 -14.40 28.57 -33.87
CA VAL E 284 -13.05 28.04 -33.65
C VAL E 284 -12.98 27.26 -32.34
N VAL E 285 -13.69 27.74 -31.32
CA VAL E 285 -13.80 27.02 -30.05
C VAL E 285 -14.45 25.65 -30.24
N LEU E 286 -15.49 25.57 -31.09
CA LEU E 286 -16.14 24.28 -31.29
C LEU E 286 -15.30 23.32 -32.12
N GLU E 287 -14.56 23.85 -33.11
CA GLU E 287 -13.56 23.06 -33.83
C GLU E 287 -12.58 22.42 -32.87
N ASN E 288 -12.00 23.24 -31.99
CA ASN E 288 -11.08 22.76 -31.00
C ASN E 288 -11.75 21.88 -29.95
N TYR E 289 -13.06 22.03 -29.73
CA TYR E 289 -13.78 21.15 -28.83
C TYR E 289 -13.82 19.74 -29.38
N TYR E 290 -14.20 19.61 -30.65
CA TYR E 290 -14.26 18.28 -31.25
C TYR E 290 -12.88 17.68 -31.43
N LYS E 291 -11.84 18.51 -31.56
CA LYS E 291 -10.49 17.97 -31.68
C LYS E 291 -9.85 17.63 -30.33
N ASP E 292 -10.13 18.39 -29.28
CA ASP E 292 -9.25 18.47 -28.12
C ASP E 292 -9.84 17.95 -26.82
N PHE E 293 -11.08 18.29 -26.52
CA PHE E 293 -11.71 17.86 -25.28
C PHE E 293 -12.11 16.40 -25.37
N THR E 294 -11.99 15.68 -24.26
CA THR E 294 -12.55 14.33 -24.19
C THR E 294 -14.06 14.39 -24.32
N ILE E 295 -14.64 13.28 -24.78
CA ILE E 295 -16.05 13.27 -25.13
C ILE E 295 -16.89 13.37 -23.85
N TYR E 296 -18.02 14.06 -23.96
CA TYR E 296 -18.96 14.18 -22.86
C TYR E 296 -19.52 12.81 -22.47
N ASN E 297 -19.24 12.40 -21.25
CA ASN E 297 -19.74 11.15 -20.72
C ASN E 297 -20.60 11.46 -19.50
N PRO E 298 -21.92 11.37 -19.60
CA PRO E 298 -22.77 11.64 -18.43
C PRO E 298 -22.66 10.59 -17.35
N ASN E 299 -22.19 9.39 -17.67
CA ASN E 299 -22.03 8.34 -16.68
C ASN E 299 -20.85 8.59 -15.76
N LEU E 300 -19.89 9.40 -16.18
CA LEU E 300 -18.79 9.81 -15.31
C LEU E 300 -19.20 10.92 -14.33
N LEU E 301 -20.42 11.43 -14.45
CA LEU E 301 -20.88 12.55 -13.67
C LEU E 301 -21.92 12.17 -12.64
N THR E 302 -22.47 10.95 -12.71
CA THR E 302 -23.57 10.55 -11.86
C THR E 302 -23.14 10.29 -10.42
N ALA E 303 -21.87 9.98 -10.18
CA ALA E 303 -21.41 9.72 -8.81
C ALA E 303 -21.52 10.96 -7.94
N SER E 304 -21.14 12.12 -8.47
CA SER E 304 -21.29 13.38 -7.75
C SER E 304 -22.76 13.73 -7.55
N LYS E 305 -23.62 13.40 -8.51
CA LYS E 305 -25.05 13.70 -8.38
C LYS E 305 -25.70 12.83 -7.30
N PHE E 306 -25.38 11.52 -7.28
CA PHE E 306 -25.89 10.67 -6.23
C PHE E 306 -25.29 11.01 -4.87
N ARG E 307 -24.06 11.53 -4.85
CA ARG E 307 -23.46 11.93 -3.57
C ARG E 307 -24.13 13.19 -3.02
N ALA E 308 -24.46 14.12 -3.91
CA ALA E 308 -25.21 15.31 -3.50
C ALA E 308 -26.63 14.97 -3.09
N ALA E 309 -27.26 14.00 -3.77
CA ALA E 309 -28.59 13.55 -3.36
C ALA E 309 -28.54 12.77 -2.05
N LYS E 310 -27.43 12.10 -1.77
CA LYS E 310 -27.26 11.42 -0.49
C LYS E 310 -27.08 12.43 0.63
N HIS E 311 -26.42 13.56 0.36
CA HIS E 311 -26.45 14.65 1.32
C HIS E 311 -27.84 15.28 1.44
N MET E 312 -28.64 15.23 0.36
CA MET E 312 -30.02 15.67 0.44
C MET E 312 -30.91 14.70 1.22
N ALA E 313 -30.46 13.45 1.39
CA ALA E 313 -31.21 12.50 2.19
C ALA E 313 -31.18 12.83 3.69
N GLY E 314 -30.25 13.67 4.13
CA GLY E 314 -30.19 14.09 5.51
C GLY E 314 -29.81 15.55 5.67
N ALA E 333 -22.89 30.15 11.07
CA ALA E 333 -22.64 29.66 12.43
C ALA E 333 -22.73 28.15 12.48
N MET E 334 -23.93 27.61 12.23
CA MET E 334 -24.12 26.17 12.20
C MET E 334 -23.56 25.57 10.91
N ILE E 335 -23.44 26.39 9.86
CA ILE E 335 -22.97 25.88 8.58
C ILE E 335 -21.47 25.67 8.60
N ALA E 336 -20.76 26.36 9.51
CA ALA E 336 -19.34 26.12 9.67
C ALA E 336 -19.08 24.91 10.57
N ALA E 337 -19.94 24.71 11.56
CA ALA E 337 -19.79 23.56 12.45
C ALA E 337 -20.17 22.27 11.74
N ALA E 338 -21.15 22.33 10.84
CA ALA E 338 -21.50 21.16 10.04
C ALA E 338 -20.38 20.79 9.07
N ALA E 339 -19.71 21.80 8.50
CA ALA E 339 -18.55 21.57 7.67
C ALA E 339 -17.38 21.02 8.48
N ARG E 340 -17.25 21.45 9.74
CA ARG E 340 -16.21 20.94 10.62
C ARG E 340 -16.47 19.48 10.98
N ARG E 341 -17.74 19.12 11.18
CA ARG E 341 -18.08 17.73 11.46
C ARG E 341 -17.94 16.87 10.21
N ARG E 342 -18.17 17.44 9.04
CA ARG E 342 -17.99 16.70 7.79
C ARG E 342 -16.51 16.42 7.53
N ASP E 343 -15.66 17.43 7.67
CA ASP E 343 -14.25 17.25 7.33
C ASP E 343 -13.52 16.42 8.37
N SER E 344 -14.11 16.24 9.55
CA SER E 344 -13.51 15.38 10.56
C SER E 344 -13.97 13.94 10.42
N SER E 345 -15.00 13.70 9.60
CA SER E 345 -15.55 12.37 9.46
C SER E 345 -14.67 11.48 8.59
N HIS E 346 -15.12 10.25 8.36
CA HIS E 346 -14.43 9.33 7.47
C HIS E 346 -14.65 9.72 6.03
N ASN E 347 -13.58 10.01 5.30
CA ASN E 347 -13.72 10.32 3.88
C ASN E 347 -13.88 9.03 3.11
N GLU E 348 -15.15 8.69 2.81
CA GLU E 348 -15.46 7.58 1.92
C GLU E 348 -14.90 7.80 0.51
N LEU E 349 -14.82 9.07 0.08
CA LEU E 349 -14.51 9.36 -1.31
C LEU E 349 -13.06 9.03 -1.65
N TYR E 350 -12.12 9.31 -0.73
CA TYR E 350 -10.71 8.99 -0.95
C TYR E 350 -10.50 7.49 -1.14
N TYR E 351 -11.09 6.68 -0.26
CA TYR E 351 -10.88 5.25 -0.34
C TYR E 351 -11.64 4.62 -1.49
N GLU E 352 -12.82 5.17 -1.84
CA GLU E 352 -13.54 4.65 -3.00
C GLU E 352 -12.84 5.02 -4.31
N GLU E 353 -12.22 6.19 -4.38
CA GLU E 353 -11.47 6.56 -5.57
C GLU E 353 -10.20 5.73 -5.70
N ALA E 354 -9.51 5.46 -4.58
CA ALA E 354 -8.33 4.61 -4.62
C ALA E 354 -8.69 3.18 -5.01
N GLU E 355 -9.81 2.66 -4.50
CA GLU E 355 -10.23 1.31 -4.80
C GLU E 355 -10.70 1.20 -6.25
N HIS E 356 -11.38 2.22 -6.76
CA HIS E 356 -11.79 2.24 -8.15
C HIS E 356 -10.61 2.33 -9.10
N GLU E 357 -9.59 3.14 -8.74
CA GLU E 357 -8.39 3.24 -9.55
C GLU E 357 -7.63 1.92 -9.58
N ARG E 358 -7.63 1.21 -8.45
CA ARG E 358 -7.01 -0.11 -8.38
C ARG E 358 -7.75 -1.12 -9.25
N ARG E 359 -9.09 -1.09 -9.23
CA ARG E 359 -9.87 -1.99 -10.08
C ARG E 359 -9.67 -1.67 -11.56
N VAL E 360 -9.54 -0.38 -11.90
CA VAL E 360 -9.32 0.01 -13.28
C VAL E 360 -7.95 -0.45 -13.76
N LYS E 361 -6.93 -0.36 -12.90
CA LYS E 361 -5.61 -0.88 -13.27
C LYS E 361 -5.62 -2.40 -13.43
N LYS E 362 -6.39 -3.11 -12.61
CA LYS E 362 -6.46 -4.56 -12.74
C LYS E 362 -7.18 -4.98 -14.02
N ARG E 363 -8.31 -4.33 -14.32
CA ARG E 363 -9.03 -4.62 -15.56
C ARG E 363 -8.22 -4.21 -16.78
N LYS E 364 -7.41 -3.16 -16.67
CA LYS E 364 -6.53 -2.74 -17.75
C LYS E 364 -5.45 -3.78 -18.01
N ALA E 365 -4.87 -4.35 -16.95
CA ALA E 365 -3.85 -5.39 -17.12
C ALA E 365 -4.45 -6.66 -17.73
N ARG E 366 -5.65 -7.04 -17.29
CA ARG E 366 -6.37 -8.17 -17.91
C ARG E 366 -6.63 -7.90 -19.39
N LEU E 367 -7.02 -6.67 -19.72
CA LEU E 367 -7.33 -6.32 -21.10
C LEU E 367 -6.07 -6.33 -21.98
N VAL E 368 -4.95 -5.84 -21.45
CA VAL E 368 -3.70 -5.85 -22.21
C VAL E 368 -3.26 -7.28 -22.50
N VAL E 369 -3.33 -8.16 -21.50
CA VAL E 369 -2.96 -9.56 -21.70
C VAL E 369 -3.89 -10.25 -22.70
N ALA E 370 -5.20 -9.96 -22.61
CA ALA E 370 -6.19 -10.55 -23.51
C ALA E 370 -5.98 -10.10 -24.96
N VAL E 371 -5.69 -8.82 -25.17
CA VAL E 371 -5.53 -8.34 -26.54
C VAL E 371 -4.19 -8.79 -27.13
N GLU E 372 -3.14 -8.91 -26.33
CA GLU E 372 -1.87 -9.46 -26.83
C GLU E 372 -2.02 -10.92 -27.22
N GLU E 373 -2.65 -11.73 -26.37
CA GLU E 373 -2.82 -13.13 -26.71
C GLU E 373 -3.93 -13.34 -27.74
N ALA E 374 -4.72 -12.32 -28.04
CA ALA E 374 -5.63 -12.39 -29.16
C ALA E 374 -4.91 -12.08 -30.47
N PHE E 375 -4.04 -11.06 -30.49
CA PHE E 375 -3.33 -10.73 -31.73
C PHE E 375 -2.29 -11.75 -32.09
N ILE E 376 -1.83 -12.55 -31.12
CA ILE E 376 -0.84 -13.57 -31.46
C ILE E 376 -1.47 -14.78 -32.16
N HIS E 377 -2.80 -14.83 -32.27
CA HIS E 377 -3.46 -16.01 -32.84
C HIS E 377 -3.50 -15.97 -34.36
N ILE E 378 -3.23 -14.85 -34.99
CA ILE E 378 -3.24 -14.75 -36.44
C ILE E 378 -1.90 -14.27 -36.94
N GLN E 379 -1.62 -14.54 -38.21
CA GLN E 379 -0.33 -14.30 -38.83
C GLN E 379 -0.52 -13.54 -40.14
N ARG E 380 0.44 -12.66 -40.45
CA ARG E 380 0.31 -11.71 -41.56
C ARG E 380 0.36 -12.41 -42.92
N LEU E 381 0.93 -13.62 -42.97
CA LEU E 381 1.04 -14.47 -44.17
C LEU E 381 1.76 -13.78 -45.33
N GLU E 392 -6.26 -21.67 -43.32
CA GLU E 392 -7.32 -21.04 -44.09
C GLU E 392 -7.12 -19.53 -44.21
N VAL E 393 -7.22 -19.04 -45.45
CA VAL E 393 -6.96 -17.63 -45.73
C VAL E 393 -8.22 -16.82 -45.50
N MET E 394 -8.07 -15.68 -44.80
CA MET E 394 -9.20 -14.80 -44.53
C MET E 394 -8.75 -13.34 -44.55
N ASP E 395 -9.71 -12.47 -44.84
CA ASP E 395 -9.53 -11.02 -44.88
C ASP E 395 -9.49 -10.46 -43.46
N PRO E 396 -9.09 -9.20 -43.24
CA PRO E 396 -9.00 -8.69 -41.86
C PRO E 396 -10.30 -8.62 -41.09
N ARG E 397 -11.44 -8.58 -41.77
CA ARG E 397 -12.73 -8.62 -41.07
C ARG E 397 -12.95 -9.98 -40.43
N GLU E 398 -12.71 -11.06 -41.17
CA GLU E 398 -12.86 -12.40 -40.63
C GLU E 398 -11.76 -12.74 -39.64
N ALA E 399 -10.56 -12.19 -39.80
CA ALA E 399 -9.52 -12.37 -38.80
C ALA E 399 -9.87 -11.65 -37.49
N ALA E 400 -10.48 -10.46 -37.61
CA ALA E 400 -10.97 -9.73 -36.45
C ALA E 400 -12.07 -10.51 -35.74
N GLN E 401 -13.01 -11.08 -36.51
CA GLN E 401 -14.06 -11.89 -35.94
C GLN E 401 -13.53 -13.18 -35.34
N ALA E 402 -12.41 -13.69 -35.86
CA ALA E 402 -11.80 -14.89 -35.31
C ALA E 402 -11.16 -14.61 -33.95
N ILE E 403 -10.38 -13.54 -33.84
CA ILE E 403 -9.64 -13.30 -32.61
C ILE E 403 -10.39 -12.47 -31.58
N PHE E 404 -11.53 -11.90 -31.94
CA PHE E 404 -12.30 -11.10 -30.98
C PHE E 404 -12.91 -11.87 -29.79
N PRO E 405 -13.41 -13.13 -29.90
CA PRO E 405 -13.93 -13.79 -28.68
C PRO E 405 -12.88 -14.10 -27.62
N SER E 406 -11.60 -14.06 -27.92
CA SER E 406 -10.58 -14.23 -26.89
C SER E 406 -10.22 -12.93 -26.18
N MET E 407 -10.76 -11.78 -26.62
CA MET E 407 -10.57 -10.53 -25.92
C MET E 407 -11.86 -9.87 -25.49
N ALA E 408 -13.02 -10.43 -25.85
CA ALA E 408 -14.29 -9.71 -25.78
C ALA E 408 -14.74 -9.47 -24.34
N ARG E 409 -14.54 -10.46 -23.47
CA ARG E 409 -15.01 -10.33 -22.09
C ARG E 409 -14.16 -9.35 -21.30
N ALA E 410 -12.84 -9.38 -21.50
CA ALA E 410 -11.96 -8.44 -20.82
C ALA E 410 -12.21 -7.01 -21.27
N LEU E 411 -12.49 -6.82 -22.55
CA LEU E 411 -12.81 -5.49 -23.07
C LEU E 411 -14.16 -5.02 -22.55
N GLN E 412 -15.13 -5.94 -22.47
CA GLN E 412 -16.45 -5.58 -21.93
C GLN E 412 -16.35 -5.17 -20.46
N LYS E 413 -15.56 -5.91 -19.67
CA LYS E 413 -15.39 -5.56 -18.26
C LYS E 413 -14.62 -4.26 -18.09
N TYR E 414 -13.65 -3.99 -18.96
CA TYR E 414 -12.93 -2.72 -18.88
C TYR E 414 -13.81 -1.54 -19.28
N LEU E 415 -14.61 -1.70 -20.34
CA LEU E 415 -15.50 -0.61 -20.73
C LEU E 415 -16.61 -0.39 -19.73
N ARG E 416 -17.02 -1.42 -18.99
CA ARG E 416 -17.98 -1.20 -17.91
C ARG E 416 -17.34 -0.52 -16.71
N ILE E 417 -16.10 -0.89 -16.36
CA ILE E 417 -15.49 -0.28 -15.18
C ILE E 417 -15.07 1.17 -15.46
N THR E 418 -14.78 1.51 -16.71
CA THR E 418 -14.43 2.88 -17.08
C THR E 418 -15.61 3.66 -17.63
N ARG E 419 -16.80 3.04 -17.67
CA ARG E 419 -18.07 3.67 -18.03
C ARG E 419 -18.05 4.17 -19.47
N GLN E 420 -17.46 3.36 -20.35
CA GLN E 420 -17.34 3.66 -21.76
C GLN E 420 -18.13 2.68 -22.63
N GLN E 421 -19.02 1.89 -22.04
CA GLN E 421 -19.65 0.80 -22.77
C GLN E 421 -20.73 1.28 -23.73
N ASN E 422 -21.26 2.49 -23.53
CA ASN E 422 -22.24 3.05 -24.46
C ASN E 422 -21.59 3.59 -25.72
N TYR E 423 -20.28 3.73 -25.74
CA TYR E 423 -19.56 4.37 -26.82
C TYR E 423 -19.05 3.40 -27.87
N HIS E 424 -19.01 2.11 -27.57
CA HIS E 424 -18.41 1.12 -28.45
C HIS E 424 -19.36 -0.06 -28.60
N SER E 425 -20.06 -0.12 -29.73
CA SER E 425 -20.77 -1.32 -30.09
C SER E 425 -19.80 -2.40 -30.55
N MET E 426 -20.31 -3.64 -30.68
CA MET E 426 -19.47 -4.73 -31.13
C MET E 426 -19.04 -4.55 -32.59
N GLU E 427 -19.92 -3.96 -33.40
CA GLU E 427 -19.58 -3.65 -34.78
C GLU E 427 -18.46 -2.63 -34.87
N SER E 428 -18.50 -1.59 -34.02
CA SER E 428 -17.45 -0.58 -34.00
C SER E 428 -16.11 -1.17 -33.58
N ILE E 429 -16.12 -2.05 -32.58
CA ILE E 429 -14.89 -2.69 -32.10
C ILE E 429 -14.34 -3.63 -33.16
N LEU E 430 -15.22 -4.36 -33.87
CA LEU E 430 -14.75 -5.24 -34.93
C LEU E 430 -14.19 -4.45 -36.13
N GLN E 431 -14.79 -3.30 -36.45
CA GLN E 431 -14.26 -2.48 -37.53
C GLN E 431 -12.90 -1.90 -37.16
N HIS E 432 -12.74 -1.44 -35.91
CA HIS E 432 -11.44 -0.92 -35.48
C HIS E 432 -10.43 -2.05 -35.33
N LEU E 433 -10.88 -3.25 -35.00
CA LEU E 433 -10.00 -4.40 -34.89
C LEU E 433 -9.46 -4.82 -36.25
N ALA E 434 -10.35 -4.90 -37.25
CA ALA E 434 -9.91 -5.16 -38.63
C ALA E 434 -9.06 -4.03 -39.17
N PHE E 435 -9.32 -2.80 -38.74
CA PHE E 435 -8.49 -1.65 -39.11
C PHE E 435 -7.06 -1.80 -38.58
N CYS E 436 -6.91 -2.19 -37.31
CA CYS E 436 -5.58 -2.33 -36.74
C CYS E 436 -4.87 -3.58 -37.25
N ILE E 437 -5.62 -4.65 -37.55
CA ILE E 437 -5.03 -5.84 -38.17
C ILE E 437 -4.55 -5.54 -39.58
N THR E 438 -5.30 -4.70 -40.31
CA THR E 438 -4.90 -4.31 -41.67
C THR E 438 -3.61 -3.51 -41.66
N ASN E 439 -3.51 -2.51 -40.79
CA ASN E 439 -2.41 -1.56 -40.83
C ASN E 439 -1.19 -2.01 -40.00
N GLY E 440 -1.20 -3.23 -39.48
CA GLY E 440 -0.05 -3.73 -38.76
C GLY E 440 0.16 -3.11 -37.41
N MET E 441 -0.91 -2.72 -36.72
CA MET E 441 -0.81 -2.09 -35.41
C MET E 441 -0.73 -3.15 -34.31
N THR E 442 -0.02 -2.79 -33.25
CA THR E 442 0.23 -3.67 -32.10
C THR E 442 -1.05 -3.79 -31.25
N PRO E 443 -1.07 -4.70 -30.26
CA PRO E 443 -2.21 -4.71 -29.31
C PRO E 443 -2.40 -3.41 -28.54
N LYS E 444 -1.32 -2.75 -28.11
CA LYS E 444 -1.45 -1.49 -27.40
C LYS E 444 -1.96 -0.38 -28.31
N ALA E 445 -1.61 -0.43 -29.59
CA ALA E 445 -2.09 0.57 -30.54
C ALA E 445 -3.56 0.38 -30.86
N PHE E 446 -4.01 -0.87 -30.92
CA PHE E 446 -5.45 -1.14 -30.97
C PHE E 446 -6.14 -0.68 -29.70
N LEU E 447 -5.47 -0.81 -28.57
CA LEU E 447 -6.13 -0.69 -27.30
C LEU E 447 -6.21 0.75 -26.79
N GLU E 448 -5.40 1.64 -27.37
CA GLU E 448 -5.40 3.04 -26.95
C GLU E 448 -6.72 3.75 -27.25
N ARG E 449 -7.51 3.24 -28.22
CA ARG E 449 -8.85 3.76 -28.42
C ARG E 449 -9.75 3.53 -27.21
N TYR E 450 -9.50 2.46 -26.47
CA TYR E 450 -10.39 2.03 -25.40
C TYR E 450 -9.85 2.30 -24.01
N LEU E 451 -8.53 2.50 -23.85
CA LEU E 451 -7.96 2.67 -22.52
C LEU E 451 -8.35 4.01 -21.91
N SER E 452 -8.29 5.08 -22.69
CA SER E 452 -8.59 6.41 -22.20
C SER E 452 -9.93 6.88 -22.79
N ALA E 453 -10.32 8.10 -22.43
CA ALA E 453 -11.60 8.61 -22.88
C ALA E 453 -11.55 9.00 -24.36
N GLY E 454 -10.54 9.76 -24.77
CA GLY E 454 -10.41 10.13 -26.16
C GLY E 454 -11.33 11.26 -26.56
N PRO E 455 -10.96 12.01 -27.59
CA PRO E 455 -11.77 13.15 -27.99
C PRO E 455 -13.02 12.74 -28.73
N THR E 456 -13.84 13.75 -29.04
CA THR E 456 -15.21 13.51 -29.48
C THR E 456 -15.26 12.94 -30.90
N LEU E 457 -14.27 13.28 -31.74
CA LEU E 457 -14.25 12.81 -33.12
C LEU E 457 -13.73 11.39 -33.29
N GLN E 458 -13.27 10.72 -32.23
CA GLN E 458 -13.01 9.28 -32.34
C GLN E 458 -14.28 8.49 -32.56
N TYR E 459 -15.38 8.97 -32.02
CA TYR E 459 -16.56 8.15 -31.80
C TYR E 459 -17.49 8.26 -33.01
N ASP E 460 -18.67 7.65 -32.89
CA ASP E 460 -19.62 7.63 -33.99
C ASP E 460 -20.20 9.01 -34.25
N LYS E 461 -20.68 9.20 -35.49
CA LYS E 461 -21.09 10.53 -35.92
C LYS E 461 -22.40 10.97 -35.28
N ASP E 462 -23.17 10.03 -34.72
CA ASP E 462 -24.36 10.42 -33.99
C ASP E 462 -24.06 10.75 -32.54
N ARG E 463 -22.93 10.26 -32.02
CA ARG E 463 -22.59 10.49 -30.63
C ARG E 463 -22.15 11.92 -30.40
N TRP E 464 -21.49 12.52 -31.38
CA TRP E 464 -21.37 13.97 -31.41
C TRP E 464 -22.54 14.53 -32.19
N LEU E 465 -22.90 15.77 -31.90
CA LEU E 465 -24.07 16.40 -32.49
C LEU E 465 -23.79 17.90 -32.63
N SER E 466 -23.34 18.28 -33.82
CA SER E 466 -22.89 19.64 -34.09
C SER E 466 -24.02 20.58 -34.45
N THR E 467 -25.22 20.06 -34.71
CA THR E 467 -26.33 20.94 -35.06
C THR E 467 -27.00 21.50 -33.80
N GLN E 468 -26.81 20.84 -32.66
CA GLN E 468 -27.39 21.31 -31.40
C GLN E 468 -26.34 22.07 -30.57
N TRP E 469 -25.97 23.24 -31.06
CA TRP E 469 -25.14 24.17 -30.31
C TRP E 469 -25.86 25.50 -30.17
N ARG E 470 -25.84 26.04 -28.96
CA ARG E 470 -26.51 27.30 -28.64
C ARG E 470 -25.49 28.27 -28.08
N LEU E 471 -25.51 29.51 -28.58
CA LEU E 471 -24.56 30.52 -28.18
C LEU E 471 -25.24 31.54 -27.30
N VAL E 472 -24.83 31.58 -26.03
CA VAL E 472 -25.33 32.55 -25.06
C VAL E 472 -24.29 33.65 -24.93
N SER E 473 -24.71 34.90 -25.09
CA SER E 473 -23.80 36.02 -24.93
C SER E 473 -24.58 37.22 -24.43
N ASP E 474 -23.95 38.01 -23.56
CA ASP E 474 -24.61 39.20 -23.01
C ASP E 474 -24.71 40.33 -24.02
N GLU E 475 -23.99 40.24 -25.13
CA GLU E 475 -24.00 41.28 -26.15
C GLU E 475 -24.24 40.67 -27.53
N ALA E 476 -24.13 41.50 -28.55
CA ALA E 476 -24.32 41.04 -29.93
C ALA E 476 -23.15 40.14 -30.33
N VAL E 477 -23.47 38.99 -30.93
CA VAL E 477 -22.45 38.02 -31.30
C VAL E 477 -21.66 38.44 -32.53
N THR E 478 -22.11 39.47 -33.25
CA THR E 478 -21.32 40.04 -34.33
C THR E 478 -20.28 41.02 -33.84
N ASN E 479 -20.32 41.42 -32.58
CA ASN E 479 -19.25 42.24 -32.02
C ASN E 479 -17.97 41.43 -31.92
N GLY E 480 -16.85 42.11 -32.06
CA GLY E 480 -15.58 41.46 -31.93
C GLY E 480 -15.26 41.08 -30.50
N LEU E 481 -14.28 40.21 -30.35
CA LEU E 481 -13.79 39.84 -29.04
C LEU E 481 -13.16 41.05 -28.37
N ARG E 482 -13.31 41.13 -27.05
CA ARG E 482 -12.56 42.10 -26.26
C ARG E 482 -12.29 41.48 -24.90
N ASP E 483 -11.48 42.18 -24.11
CA ASP E 483 -11.03 41.68 -22.82
C ASP E 483 -12.18 41.62 -21.84
N GLY E 484 -12.43 40.44 -21.29
CA GLY E 484 -13.37 40.28 -20.21
C GLY E 484 -14.76 39.83 -20.57
N ILE E 485 -15.04 39.56 -21.85
CA ILE E 485 -16.36 39.08 -22.22
C ILE E 485 -16.46 37.59 -21.95
N VAL E 486 -17.68 37.14 -21.66
CA VAL E 486 -17.98 35.74 -21.42
C VAL E 486 -19.08 35.34 -22.38
N PHE E 487 -18.86 34.27 -23.13
CA PHE E 487 -19.92 33.67 -23.91
C PHE E 487 -19.95 32.17 -23.65
N VAL E 488 -21.15 31.60 -23.71
CA VAL E 488 -21.38 30.22 -23.31
C VAL E 488 -21.89 29.46 -24.53
N LEU E 489 -21.27 28.32 -24.80
CA LEU E 489 -21.67 27.43 -25.89
C LEU E 489 -22.40 26.24 -25.28
N LYS E 490 -23.72 26.23 -25.37
CA LYS E 490 -24.52 25.22 -24.71
C LYS E 490 -24.89 24.11 -25.68
N CYS E 491 -24.54 22.89 -25.31
CA CYS E 491 -25.03 21.67 -25.92
C CYS E 491 -26.28 21.24 -25.15
N LEU E 492 -26.74 20.00 -25.37
CA LEU E 492 -27.99 19.58 -24.76
C LEU E 492 -27.83 19.34 -23.26
N ASP E 493 -26.72 18.72 -22.83
CA ASP E 493 -26.49 18.50 -21.41
C ASP E 493 -25.41 19.38 -20.81
N PHE E 494 -24.34 19.68 -21.52
CA PHE E 494 -23.23 20.43 -20.95
C PHE E 494 -23.17 21.83 -21.56
N SER E 495 -22.17 22.61 -21.17
CA SER E 495 -21.93 23.89 -21.81
C SER E 495 -20.44 24.20 -21.76
N LEU E 496 -20.00 24.98 -22.73
CA LEU E 496 -18.63 25.47 -22.80
C LEU E 496 -18.64 26.94 -22.38
N VAL E 497 -18.14 27.20 -21.18
CA VAL E 497 -18.09 28.57 -20.66
C VAL E 497 -16.77 29.18 -21.08
N VAL E 498 -16.82 30.21 -21.89
CA VAL E 498 -15.62 30.78 -22.52
C VAL E 498 -15.50 32.23 -22.07
N ASN E 499 -14.47 32.54 -21.29
CA ASN E 499 -14.14 33.92 -20.97
C ASN E 499 -12.87 34.33 -21.68
N VAL E 500 -12.89 35.55 -22.22
CA VAL E 500 -11.87 36.04 -23.13
C VAL E 500 -11.00 37.02 -22.37
N LYS E 501 -9.69 36.82 -22.45
CA LYS E 501 -8.73 37.76 -21.88
C LYS E 501 -7.81 38.28 -22.97
N LYS E 502 -7.56 39.58 -22.94
CA LYS E 502 -6.57 40.19 -23.81
C LYS E 502 -5.19 39.65 -23.47
N ILE E 503 -4.44 39.26 -24.50
CA ILE E 503 -3.04 38.88 -24.27
C ILE E 503 -2.26 40.12 -23.90
N PRO E 504 -1.49 40.08 -22.80
CA PRO E 504 -0.97 41.32 -22.21
C PRO E 504 0.10 42.01 -23.04
N PHE E 505 0.21 43.32 -22.82
CA PHE E 505 1.27 44.11 -23.42
C PHE E 505 2.60 43.73 -22.80
N ILE E 506 3.50 43.19 -23.60
CA ILE E 506 4.77 42.65 -23.12
C ILE E 506 5.87 43.64 -23.47
N ILE E 507 6.74 43.94 -22.52
CA ILE E 507 7.88 44.80 -22.76
C ILE E 507 9.13 43.93 -22.68
N LEU E 508 9.83 43.80 -23.80
CA LEU E 508 11.13 43.15 -23.82
C LEU E 508 12.24 44.18 -23.73
N SER E 509 13.36 43.74 -23.18
CA SER E 509 14.58 44.52 -23.14
C SER E 509 15.75 43.56 -23.27
N GLU E 510 16.86 44.04 -23.81
CA GLU E 510 18.08 43.24 -23.74
C GLU E 510 18.77 43.44 -22.41
N GLU E 511 19.48 42.42 -21.98
CA GLU E 511 20.59 42.58 -21.06
C GLU E 511 21.75 41.74 -21.59
N PHE E 512 22.95 42.26 -21.44
CA PHE E 512 24.14 41.62 -21.98
C PHE E 512 24.74 40.73 -20.90
N ILE E 513 24.85 39.44 -21.20
CA ILE E 513 25.65 38.52 -20.40
C ILE E 513 26.92 38.24 -21.17
N ASP E 514 28.04 38.60 -20.58
CA ASP E 514 29.34 38.27 -21.13
C ASP E 514 29.53 36.76 -21.08
N PRO E 515 29.82 36.10 -22.21
CA PRO E 515 30.14 34.66 -22.15
C PRO E 515 31.46 34.35 -21.47
N LYS E 516 32.29 35.36 -21.19
CA LYS E 516 33.44 35.18 -20.31
C LYS E 516 33.04 35.17 -18.84
N SER E 517 31.83 35.66 -18.51
CA SER E 517 31.37 35.73 -17.13
C SER E 517 30.70 34.45 -16.65
N HIS E 518 30.91 33.34 -17.34
CA HIS E 518 30.39 32.03 -16.94
C HIS E 518 31.45 31.21 -16.24
N LYS E 519 32.26 31.83 -15.40
CA LYS E 519 33.32 31.14 -14.69
C LYS E 519 32.80 30.56 -13.39
N PHE E 520 33.20 29.32 -13.11
CA PHE E 520 32.71 28.59 -11.96
C PHE E 520 33.87 28.13 -11.10
N VAL E 521 33.61 27.97 -9.81
CA VAL E 521 34.61 27.51 -8.86
C VAL E 521 34.12 26.21 -8.24
N LEU E 522 35.08 25.39 -7.78
CA LEU E 522 34.79 24.15 -7.10
C LEU E 522 34.28 24.37 -5.67
N ARG E 523 34.33 25.60 -5.19
CA ARG E 523 33.81 25.95 -3.88
C ARG E 523 32.31 25.72 -3.80
N LEU E 524 31.86 25.33 -2.61
CA LEU E 524 30.44 25.06 -2.39
C LEU E 524 29.66 26.37 -2.38
N GLN E 525 28.38 26.29 -2.77
CA GLN E 525 27.55 27.50 -2.74
C GLN E 525 26.47 27.40 -1.68
N THR F 120 22.39 30.41 -59.54
CA THR F 120 22.08 29.00 -59.71
C THR F 120 21.09 28.80 -60.86
N VAL F 121 20.37 27.68 -60.83
CA VAL F 121 19.41 27.39 -61.88
C VAL F 121 18.17 28.25 -61.73
N ALA F 122 17.56 28.23 -60.54
CA ALA F 122 16.37 29.05 -60.31
C ALA F 122 16.72 30.53 -60.16
N SER F 123 17.95 30.83 -59.73
CA SER F 123 18.37 32.22 -59.57
C SER F 123 18.55 32.91 -60.93
N PHE F 124 19.01 32.16 -61.94
CA PHE F 124 19.16 32.75 -63.27
C PHE F 124 17.80 33.02 -63.91
N LEU F 125 16.85 32.11 -63.72
CA LEU F 125 15.49 32.36 -64.20
C LEU F 125 14.81 33.48 -63.43
N GLY F 126 15.13 33.63 -62.14
CA GLY F 126 14.65 34.78 -61.39
C GLY F 126 15.24 36.09 -61.88
N LEU F 127 16.52 36.06 -62.27
CA LEU F 127 17.14 37.24 -62.85
C LEU F 127 16.52 37.58 -64.20
N LEU F 128 16.16 36.56 -64.98
CA LEU F 128 15.51 36.80 -66.27
C LEU F 128 14.11 37.38 -66.10
N VAL F 129 13.34 36.84 -65.16
CA VAL F 129 11.97 37.34 -64.96
C VAL F 129 11.99 38.72 -64.29
N PHE F 130 13.07 39.05 -63.58
CA PHE F 130 13.18 40.39 -63.03
C PHE F 130 13.67 41.40 -64.07
N LEU F 131 14.54 40.98 -65.00
CA LEU F 131 15.06 41.90 -66.01
C LEU F 131 14.20 41.97 -67.26
N THR F 132 13.20 41.10 -67.41
CA THR F 132 12.26 41.20 -68.54
C THR F 132 11.52 42.55 -68.64
N PRO F 133 10.94 43.15 -67.57
CA PRO F 133 10.34 44.48 -67.75
C PRO F 133 11.38 45.55 -68.02
N ILE F 134 12.55 45.43 -67.39
CA ILE F 134 13.63 46.37 -67.60
C ILE F 134 14.14 46.30 -69.03
N ALA F 135 14.20 45.08 -69.59
CA ALA F 135 14.61 44.95 -70.99
C ALA F 135 13.56 45.49 -71.94
N PHE F 136 12.27 45.28 -71.62
CA PHE F 136 11.20 45.85 -72.43
C PHE F 136 11.22 47.38 -72.40
N ILE F 137 11.69 47.96 -71.31
CA ILE F 137 11.90 49.40 -71.25
C ILE F 137 13.12 49.84 -72.04
N LEU F 138 14.26 49.16 -71.86
CA LEU F 138 15.52 49.67 -72.37
C LEU F 138 15.68 49.47 -73.86
N LEU F 139 15.11 48.40 -74.44
CA LEU F 139 15.31 48.14 -75.86
C LEU F 139 14.74 49.15 -76.88
N PRO F 140 13.60 49.82 -76.69
CA PRO F 140 13.16 50.82 -77.71
C PRO F 140 14.01 52.08 -77.77
N PRO F 141 14.53 52.66 -76.68
CA PRO F 141 15.48 53.78 -76.87
C PRO F 141 16.86 53.36 -77.36
N ILE F 142 17.17 52.07 -77.40
CA ILE F 142 18.46 51.63 -77.91
C ILE F 142 18.37 51.22 -79.38
N LEU F 143 17.33 50.46 -79.75
CA LEU F 143 17.26 49.92 -81.10
C LEU F 143 16.75 50.96 -82.10
N TRP F 144 15.71 51.72 -81.74
CA TRP F 144 15.23 52.83 -82.58
C TRP F 144 15.13 54.08 -81.69
N ARG F 145 16.24 54.79 -81.55
CA ARG F 145 16.30 55.91 -80.61
C ARG F 145 15.55 57.12 -81.14
N ASP F 146 15.69 57.41 -82.43
CA ASP F 146 15.09 58.60 -83.03
C ASP F 146 13.63 58.43 -83.40
N GLU F 147 13.06 57.25 -83.19
CA GLU F 147 11.69 56.98 -83.60
C GLU F 147 10.69 57.13 -82.46
N LEU F 148 11.17 57.30 -81.22
CA LEU F 148 10.29 57.48 -80.07
C LEU F 148 9.49 58.78 -80.17
N GLU F 149 8.18 58.67 -79.94
CA GLU F 149 7.35 59.85 -79.76
C GLU F 149 7.71 60.51 -78.43
N PRO F 150 7.62 61.85 -78.33
CA PRO F 150 7.98 62.50 -77.07
C PRO F 150 6.97 62.25 -75.96
N CYS F 151 7.35 61.40 -75.01
CA CYS F 151 6.47 61.07 -73.89
C CYS F 151 6.52 62.16 -72.82
N GLY F 152 7.70 62.38 -72.24
CA GLY F 152 7.86 63.44 -71.27
C GLY F 152 7.45 63.07 -69.86
N THR F 153 6.26 63.54 -69.46
CA THR F 153 5.85 63.41 -68.07
C THR F 153 5.33 62.01 -67.76
N ILE F 154 4.42 61.50 -68.59
CA ILE F 154 3.63 60.32 -68.22
C ILE F 154 4.48 59.07 -68.24
N CYS F 155 5.43 59.00 -69.18
CA CYS F 155 6.35 57.87 -69.24
C CYS F 155 7.25 57.81 -68.01
N GLU F 156 7.72 58.96 -67.53
CA GLU F 156 8.60 58.98 -66.36
C GLU F 156 7.82 58.69 -65.08
N GLY F 157 6.61 59.24 -64.96
CA GLY F 157 5.75 58.89 -63.83
C GLY F 157 5.28 57.46 -63.84
N LEU F 158 5.34 56.80 -64.99
CA LEU F 158 5.07 55.38 -65.06
C LEU F 158 6.33 54.55 -64.78
N PHE F 159 7.52 55.08 -65.11
CA PHE F 159 8.76 54.41 -64.71
C PHE F 159 8.92 54.38 -63.20
N ILE F 160 8.47 55.43 -62.52
CA ILE F 160 8.61 55.49 -61.07
C ILE F 160 7.71 54.43 -60.41
N SER F 161 6.48 54.30 -60.91
CA SER F 161 5.58 53.26 -60.43
C SER F 161 6.11 51.87 -60.74
N MET F 162 6.73 51.71 -61.92
CA MET F 162 7.36 50.45 -62.28
C MET F 162 8.48 50.07 -61.32
N ALA F 163 9.34 51.04 -60.99
CA ALA F 163 10.47 50.77 -60.11
C ALA F 163 10.00 50.44 -58.70
N PHE F 164 8.96 51.13 -58.21
CA PHE F 164 8.45 50.84 -56.88
C PHE F 164 7.74 49.49 -56.82
N LYS F 165 7.01 49.12 -57.86
CA LYS F 165 6.36 47.81 -57.88
C LYS F 165 7.37 46.68 -58.05
N LEU F 166 8.45 46.91 -58.80
CA LEU F 166 9.52 45.92 -58.87
C LEU F 166 10.26 45.78 -57.55
N LEU F 167 10.38 46.88 -56.79
CA LEU F 167 10.99 46.78 -55.47
C LEU F 167 10.10 45.99 -54.51
N ILE F 168 8.79 46.21 -54.57
CA ILE F 168 7.83 45.42 -53.79
C ILE F 168 7.91 43.95 -54.16
N LEU F 169 8.00 43.67 -55.46
CA LEU F 169 8.07 42.28 -55.93
C LEU F 169 9.36 41.59 -55.49
N LEU F 170 10.48 42.31 -55.52
CA LEU F 170 11.75 41.72 -55.10
C LEU F 170 11.77 41.47 -53.60
N ILE F 171 11.24 42.41 -52.80
CA ILE F 171 11.21 42.22 -51.35
C ILE F 171 10.28 41.08 -50.96
N GLY F 172 9.11 40.99 -51.59
CA GLY F 172 8.19 39.91 -51.27
C GLY F 172 8.69 38.55 -51.74
N THR F 173 9.38 38.52 -52.88
CA THR F 173 9.95 37.27 -53.39
C THR F 173 11.09 36.79 -52.50
N TRP F 174 11.93 37.71 -52.02
CA TRP F 174 12.93 37.36 -51.02
C TRP F 174 12.29 36.87 -49.73
N ALA F 175 11.22 37.52 -49.29
CA ALA F 175 10.62 37.20 -48.00
C ALA F 175 9.97 35.83 -48.00
N LEU F 176 9.27 35.46 -49.07
CA LEU F 176 8.52 34.22 -49.05
C LEU F 176 9.11 33.09 -49.88
N PHE F 177 10.09 33.34 -50.75
CA PHE F 177 10.57 32.28 -51.62
C PHE F 177 12.07 32.13 -51.68
N PHE F 178 12.84 33.05 -51.09
CA PHE F 178 14.28 32.82 -50.94
C PHE F 178 14.47 32.03 -49.65
N ARG F 179 14.22 30.73 -49.76
CA ARG F 179 14.39 29.80 -48.66
C ARG F 179 14.61 28.41 -49.26
N LYS F 180 15.31 27.57 -48.50
CA LYS F 180 15.71 26.27 -49.01
C LYS F 180 14.51 25.33 -49.10
N ARG F 181 14.62 24.34 -50.00
CA ARG F 181 13.58 23.34 -50.15
C ARG F 181 13.48 22.52 -48.89
N ARG F 182 12.26 22.33 -48.39
CA ARG F 182 12.09 21.86 -47.03
C ARG F 182 11.96 20.34 -46.98
N ALA F 183 11.41 19.75 -48.03
CA ALA F 183 11.14 18.31 -48.01
C ALA F 183 11.17 17.75 -49.42
N ASP F 184 11.48 16.46 -49.49
CA ASP F 184 11.30 15.67 -50.70
C ASP F 184 10.03 14.84 -50.57
N MET F 185 9.15 15.01 -51.52
CA MET F 185 7.84 14.40 -51.65
C MET F 185 7.88 13.31 -52.71
N PRO F 186 6.95 12.33 -52.67
CA PRO F 186 6.98 11.25 -53.67
C PRO F 186 6.69 11.72 -55.09
N ARG F 187 5.55 12.34 -55.28
CA ARG F 187 5.17 12.86 -56.59
C ARG F 187 5.45 14.35 -56.64
N VAL F 188 5.02 14.99 -57.73
CA VAL F 188 5.32 16.39 -57.94
C VAL F 188 4.43 17.24 -57.03
N PHE F 189 5.01 18.32 -56.49
CA PHE F 189 4.23 19.37 -55.84
C PHE F 189 3.34 19.95 -56.95
N VAL F 190 2.04 19.77 -56.84
CA VAL F 190 1.15 20.15 -57.94
C VAL F 190 1.04 21.67 -58.04
N PHE F 191 0.99 22.37 -56.91
CA PHE F 191 0.79 23.81 -56.95
C PHE F 191 2.07 24.54 -57.36
N ARG F 192 3.24 24.06 -56.95
CA ARG F 192 4.48 24.68 -57.40
C ARG F 192 4.72 24.41 -58.88
N ALA F 193 4.35 23.22 -59.36
CA ALA F 193 4.42 22.95 -60.79
C ALA F 193 3.48 23.84 -61.57
N LEU F 194 2.28 24.08 -61.03
CA LEU F 194 1.33 24.98 -61.68
C LEU F 194 1.87 26.41 -61.70
N LEU F 195 2.50 26.85 -60.61
CA LEU F 195 3.06 28.20 -60.56
C LEU F 195 4.24 28.36 -61.52
N LEU F 196 5.09 27.34 -61.63
CA LEU F 196 6.23 27.44 -62.54
C LEU F 196 5.79 27.38 -64.00
N VAL F 197 4.80 26.53 -64.32
CA VAL F 197 4.24 26.51 -65.67
C VAL F 197 3.55 27.83 -65.99
N LEU F 198 2.89 28.43 -65.00
CA LEU F 198 2.23 29.72 -65.21
C LEU F 198 3.23 30.83 -65.45
N ILE F 199 4.33 30.87 -64.68
CA ILE F 199 5.38 31.86 -64.88
C ILE F 199 6.05 31.65 -66.23
N PHE F 200 6.25 30.39 -66.64
CA PHE F 200 6.90 30.11 -67.92
C PHE F 200 6.05 30.57 -69.09
N LEU F 201 4.76 30.17 -69.12
CA LEU F 201 3.87 30.60 -70.19
C LEU F 201 3.64 32.10 -70.17
N PHE F 202 3.62 32.70 -68.98
CA PHE F 202 3.50 34.13 -68.79
C PHE F 202 4.65 34.89 -69.47
N VAL F 203 5.88 34.55 -69.10
CA VAL F 203 7.05 35.29 -69.58
C VAL F 203 7.33 34.96 -71.04
N VAL F 204 7.06 33.72 -71.46
CA VAL F 204 7.25 33.35 -72.87
C VAL F 204 6.22 34.05 -73.75
N SER F 205 4.98 34.20 -73.28
CA SER F 205 3.98 34.92 -74.06
C SER F 205 4.29 36.41 -74.14
N TYR F 206 4.84 36.99 -73.07
CA TYR F 206 5.23 38.40 -73.14
C TYR F 206 6.44 38.63 -74.04
N TRP F 207 7.44 37.75 -73.99
CA TRP F 207 8.56 37.89 -74.93
C TRP F 207 8.13 37.62 -76.36
N LEU F 208 7.16 36.73 -76.55
CA LEU F 208 6.67 36.42 -77.89
C LEU F 208 5.92 37.62 -78.47
N PHE F 209 5.05 38.25 -77.68
CA PHE F 209 4.37 39.44 -78.17
C PHE F 209 5.32 40.62 -78.32
N TYR F 210 6.36 40.69 -77.49
CA TYR F 210 7.31 41.78 -77.60
C TYR F 210 8.22 41.62 -78.80
N GLY F 211 8.52 40.39 -79.20
CA GLY F 211 9.36 40.17 -80.36
C GLY F 211 8.59 40.25 -81.66
N VAL F 212 7.38 39.69 -81.68
CA VAL F 212 6.60 39.68 -82.92
C VAL F 212 6.00 41.04 -83.20
N ARG F 213 5.30 41.63 -82.24
CA ARG F 213 4.48 42.80 -82.50
C ARG F 213 5.07 44.11 -82.00
N ILE F 214 6.28 44.11 -81.45
CA ILE F 214 6.91 45.36 -81.03
C ILE F 214 8.28 45.50 -81.68
N LEU F 215 9.14 44.49 -81.54
CA LEU F 215 10.49 44.59 -82.09
C LEU F 215 10.50 44.44 -83.62
N ASP F 216 9.73 43.49 -84.15
CA ASP F 216 9.69 43.31 -85.60
C ASP F 216 8.95 44.43 -86.31
N SER F 217 8.12 45.19 -85.59
CA SER F 217 7.43 46.33 -86.18
C SER F 217 8.13 47.65 -85.89
N ARG F 218 8.99 47.69 -84.88
CA ARG F 218 9.75 48.88 -84.44
C ARG F 218 8.80 50.04 -84.13
N ASP F 219 8.00 49.83 -83.08
CA ASP F 219 6.83 50.65 -82.83
C ASP F 219 7.18 52.06 -82.38
N ARG F 220 6.22 52.95 -82.61
CA ARG F 220 6.15 54.27 -82.02
C ARG F 220 5.46 54.15 -80.66
N ASN F 221 4.94 55.28 -80.15
CA ASN F 221 4.18 55.47 -78.89
C ASN F 221 4.73 54.65 -77.72
N TYR F 222 5.97 55.02 -77.37
CA TYR F 222 6.75 54.41 -76.29
C TYR F 222 6.04 54.41 -74.95
N GLN F 223 5.13 55.36 -74.71
CA GLN F 223 4.25 55.34 -73.55
C GLN F 223 3.46 54.04 -73.47
N GLY F 224 2.99 53.52 -74.60
CA GLY F 224 2.31 52.24 -74.60
C GLY F 224 3.23 51.07 -74.32
N ILE F 225 4.51 51.20 -74.69
CA ILE F 225 5.49 50.16 -74.36
C ILE F 225 5.75 50.15 -72.86
N VAL F 226 5.81 51.33 -72.24
CA VAL F 226 5.99 51.39 -70.80
C VAL F 226 4.74 50.90 -70.08
N GLN F 227 3.55 51.13 -70.67
CA GLN F 227 2.31 50.55 -70.12
C GLN F 227 2.33 49.04 -70.22
N TYR F 228 2.88 48.49 -71.30
CA TYR F 228 3.01 47.05 -71.46
C TYR F 228 3.93 46.45 -70.39
N ALA F 229 5.06 47.14 -70.13
CA ALA F 229 5.98 46.67 -69.10
C ALA F 229 5.39 46.79 -67.70
N VAL F 230 4.61 47.85 -67.45
CA VAL F 230 3.97 48.00 -66.14
C VAL F 230 2.85 46.99 -65.95
N SER F 231 2.14 46.61 -67.02
CA SER F 231 1.16 45.54 -66.94
C SER F 231 1.84 44.19 -66.67
N LEU F 232 3.03 43.98 -67.24
CA LEU F 232 3.85 42.83 -66.86
C LEU F 232 4.20 42.83 -65.38
N VAL F 233 4.63 43.97 -64.84
CA VAL F 233 5.02 44.01 -63.43
C VAL F 233 3.80 43.80 -62.52
N ASP F 234 2.65 44.35 -62.93
CA ASP F 234 1.39 44.16 -62.20
C ASP F 234 0.98 42.70 -62.16
N ALA F 235 0.91 42.06 -63.33
CA ALA F 235 0.50 40.66 -63.38
C ALA F 235 1.53 39.73 -62.75
N LEU F 236 2.79 40.13 -62.69
CA LEU F 236 3.78 39.32 -61.99
C LEU F 236 3.66 39.46 -60.47
N LEU F 237 3.27 40.65 -60.00
CA LEU F 237 2.86 40.80 -58.60
C LEU F 237 1.64 39.96 -58.27
N PHE F 238 0.68 39.89 -59.20
CA PHE F 238 -0.47 39.02 -58.95
C PHE F 238 -0.11 37.54 -59.07
N ILE F 239 0.93 37.19 -59.81
CA ILE F 239 1.46 35.82 -59.77
C ILE F 239 2.05 35.52 -58.40
N HIS F 240 2.79 36.48 -57.82
CA HIS F 240 3.30 36.34 -56.46
C HIS F 240 2.16 36.18 -55.46
N TYR F 241 1.07 36.91 -55.68
CA TYR F 241 -0.12 36.78 -54.83
C TYR F 241 -0.81 35.43 -55.02
N LEU F 242 -0.90 34.94 -56.26
CA LEU F 242 -1.46 33.61 -56.49
C LEU F 242 -0.58 32.53 -55.88
N ALA F 243 0.73 32.77 -55.85
CA ALA F 243 1.64 31.85 -55.18
C ALA F 243 1.39 31.78 -53.70
N ILE F 244 1.16 32.93 -53.04
CA ILE F 244 0.91 32.86 -51.60
C ILE F 244 -0.50 32.33 -51.33
N VAL F 245 -1.42 32.50 -52.28
CA VAL F 245 -2.74 31.90 -52.16
C VAL F 245 -2.66 30.38 -52.21
N LEU F 246 -1.95 29.85 -53.21
CA LEU F 246 -1.89 28.40 -53.40
C LEU F 246 -1.02 27.72 -52.36
N LEU F 247 0.10 28.33 -51.98
CA LEU F 247 1.09 27.59 -51.21
C LEU F 247 0.86 27.64 -49.70
N GLU F 248 0.35 28.74 -49.14
CA GLU F 248 0.15 28.78 -47.70
C GLU F 248 -1.18 29.34 -47.22
N LEU F 249 -2.02 29.86 -48.09
CA LEU F 249 -3.32 30.39 -47.64
C LEU F 249 -4.49 29.45 -47.88
N ARG F 250 -4.35 28.47 -48.78
CA ARG F 250 -5.45 27.56 -49.06
C ARG F 250 -5.72 26.62 -47.89
N GLN F 251 -4.71 26.33 -47.08
CA GLN F 251 -4.85 25.40 -45.97
C GLN F 251 -4.94 26.11 -44.62
N LEU F 252 -5.19 27.43 -44.59
CA LEU F 252 -5.33 28.12 -43.32
C LEU F 252 -6.62 27.75 -42.62
N GLN F 253 -7.71 27.64 -43.36
CA GLN F 253 -9.00 27.30 -42.77
C GLN F 253 -9.06 25.81 -42.51
N PRO F 254 -9.25 25.36 -41.25
CA PRO F 254 -9.09 23.94 -40.92
C PRO F 254 -10.23 23.04 -41.40
N MET F 255 -10.13 22.51 -42.61
CA MET F 255 -11.23 21.70 -43.15
C MET F 255 -11.31 20.32 -42.51
N PHE F 256 -10.19 19.75 -42.07
CA PHE F 256 -10.15 18.36 -41.68
C PHE F 256 -9.51 18.20 -40.32
N THR F 257 -9.76 17.07 -39.69
CA THR F 257 -9.00 16.64 -38.53
C THR F 257 -8.26 15.36 -38.89
N LEU F 258 -7.12 15.15 -38.24
CA LEU F 258 -6.25 14.02 -38.54
C LEU F 258 -5.87 13.32 -37.24
N GLN F 259 -6.26 12.07 -37.09
CA GLN F 259 -5.85 11.24 -35.96
C GLN F 259 -4.59 10.48 -36.36
N VAL F 260 -3.46 10.82 -35.74
CA VAL F 260 -2.17 10.22 -36.04
C VAL F 260 -1.82 9.31 -34.87
N VAL F 261 -1.68 8.01 -35.14
CA VAL F 261 -1.42 7.01 -34.11
C VAL F 261 -0.14 6.26 -34.49
N ARG F 262 0.78 6.10 -33.53
CA ARG F 262 1.87 5.16 -33.74
C ARG F 262 1.38 3.73 -33.63
N SER F 263 1.86 2.88 -34.53
CA SER F 263 1.45 1.49 -34.56
C SER F 263 2.05 0.67 -33.43
N THR F 264 3.07 1.18 -32.75
CA THR F 264 3.78 0.41 -31.72
C THR F 264 3.25 0.66 -30.32
N ASP F 265 3.32 1.90 -29.82
CA ASP F 265 2.86 2.18 -28.48
C ASP F 265 1.47 2.81 -28.44
N GLY F 266 0.92 3.19 -29.58
CA GLY F 266 -0.41 3.73 -29.63
C GLY F 266 -0.55 5.19 -29.31
N GLU F 267 0.57 5.92 -29.14
CA GLU F 267 0.52 7.34 -28.82
C GLU F 267 -0.16 8.10 -29.96
N SER F 268 -1.12 8.94 -29.59
CA SER F 268 -2.03 9.52 -30.57
C SER F 268 -2.29 10.98 -30.26
N ARG F 269 -2.29 11.80 -31.30
CA ARG F 269 -2.61 13.21 -31.20
C ARG F 269 -3.46 13.61 -32.39
N PHE F 270 -4.30 14.62 -32.22
CA PHE F 270 -5.18 15.05 -33.30
C PHE F 270 -4.72 16.41 -33.81
N TYR F 271 -4.81 16.60 -35.13
CA TYR F 271 -4.37 17.83 -35.76
C TYR F 271 -5.42 18.31 -36.74
N SER F 272 -5.60 19.61 -36.82
CA SER F 272 -6.49 20.21 -37.81
C SER F 272 -5.70 20.70 -39.02
N LEU F 273 -6.20 20.38 -40.20
CA LEU F 273 -5.57 20.79 -41.45
C LEU F 273 -6.62 21.27 -42.43
N GLY F 274 -6.19 22.17 -43.32
CA GLY F 274 -7.02 22.66 -44.39
C GLY F 274 -6.98 21.77 -45.61
N HIS F 275 -7.21 22.37 -46.77
CA HIS F 275 -7.11 21.65 -48.04
C HIS F 275 -5.65 21.51 -48.40
N LEU F 276 -5.08 20.37 -48.03
CA LEU F 276 -3.75 19.96 -48.45
C LEU F 276 -3.88 18.67 -49.25
N SER F 277 -2.84 18.38 -50.03
CA SER F 277 -2.72 17.06 -50.60
C SER F 277 -2.27 16.07 -49.53
N ILE F 278 -2.28 14.79 -49.87
CA ILE F 278 -1.86 13.75 -48.93
C ILE F 278 -0.36 13.85 -48.65
N GLN F 279 0.43 14.25 -49.66
CA GLN F 279 1.83 14.61 -49.49
C GLN F 279 2.04 15.65 -48.40
N ARG F 280 1.40 16.81 -48.59
CA ARG F 280 1.67 17.95 -47.73
C ARG F 280 1.04 17.76 -46.35
N ALA F 281 -0.08 17.05 -46.28
CA ALA F 281 -0.63 16.66 -45.00
C ALA F 281 0.31 15.72 -44.26
N ALA F 282 0.93 14.79 -44.98
CA ALA F 282 1.92 13.90 -44.39
C ALA F 282 3.14 14.67 -43.91
N LEU F 283 3.51 15.74 -44.64
CA LEU F 283 4.62 16.58 -44.21
C LEU F 283 4.31 17.30 -42.91
N VAL F 284 3.11 17.89 -42.79
CA VAL F 284 2.71 18.58 -41.56
C VAL F 284 2.61 17.58 -40.41
N VAL F 285 2.13 16.36 -40.69
CA VAL F 285 2.08 15.29 -39.70
C VAL F 285 3.47 14.94 -39.21
N LEU F 286 4.47 14.90 -40.11
CA LEU F 286 5.82 14.56 -39.67
C LEU F 286 6.48 15.68 -38.89
N GLU F 287 6.21 16.94 -39.27
CA GLU F 287 6.63 18.10 -38.46
C GLU F 287 6.12 17.97 -37.03
N ASN F 288 4.82 17.73 -36.91
CA ASN F 288 4.22 17.55 -35.60
C ASN F 288 4.67 16.27 -34.92
N TYR F 289 5.11 15.26 -35.68
CA TYR F 289 5.67 14.05 -35.07
C TYR F 289 6.97 14.37 -34.35
N TYR F 290 7.88 15.08 -35.04
CA TYR F 290 9.15 15.42 -34.40
C TYR F 290 8.97 16.42 -33.27
N LYS F 291 7.91 17.23 -33.33
CA LYS F 291 7.68 18.18 -32.23
C LYS F 291 6.94 17.56 -31.04
N ASP F 292 6.03 16.62 -31.27
CA ASP F 292 4.97 16.32 -30.32
C ASP F 292 5.01 14.92 -29.73
N PHE F 293 5.23 13.89 -30.53
CA PHE F 293 5.27 12.52 -30.05
C PHE F 293 6.56 12.27 -29.30
N THR F 294 6.47 11.45 -28.24
CA THR F 294 7.69 10.96 -27.59
C THR F 294 8.47 10.09 -28.55
N ILE F 295 9.78 9.99 -28.31
CA ILE F 295 10.67 9.34 -29.26
C ILE F 295 10.40 7.83 -29.25
N TYR F 296 10.52 7.22 -30.42
CA TYR F 296 10.38 5.77 -30.55
C TYR F 296 11.44 5.05 -29.75
N ASN F 297 11.01 4.27 -28.77
CA ASN F 297 11.91 3.47 -27.95
C ASN F 297 11.52 2.02 -28.12
N PRO F 298 12.31 1.22 -28.86
CA PRO F 298 11.96 -0.19 -29.02
C PRO F 298 12.14 -1.01 -27.75
N ASN F 299 12.92 -0.52 -26.79
CA ASN F 299 13.11 -1.23 -25.54
C ASN F 299 11.89 -1.15 -24.64
N LEU F 300 11.02 -0.15 -24.84
CA LEU F 300 9.76 -0.08 -24.12
C LEU F 300 8.70 -1.02 -24.69
N LEU F 301 9.00 -1.69 -25.79
CA LEU F 301 8.06 -2.53 -26.50
C LEU F 301 8.36 -4.02 -26.37
N THR F 302 9.54 -4.37 -25.86
CA THR F 302 9.96 -5.76 -25.85
C THR F 302 9.25 -6.59 -24.79
N ALA F 303 8.70 -5.96 -23.74
CA ALA F 303 8.00 -6.71 -22.71
C ALA F 303 6.74 -7.37 -23.25
N SER F 304 5.99 -6.65 -24.07
CA SER F 304 4.81 -7.23 -24.72
C SER F 304 5.19 -8.32 -25.71
N LYS F 305 6.33 -8.17 -26.39
CA LYS F 305 6.76 -9.18 -27.35
C LYS F 305 7.20 -10.46 -26.65
N PHE F 306 7.96 -10.34 -25.55
CA PHE F 306 8.32 -11.53 -24.78
C PHE F 306 7.11 -12.14 -24.08
N ARG F 307 6.11 -11.33 -23.73
CA ARG F 307 4.91 -11.88 -23.11
C ARG F 307 4.08 -12.66 -24.13
N ALA F 308 4.01 -12.16 -25.37
CA ALA F 308 3.32 -12.89 -26.43
C ALA F 308 4.10 -14.15 -26.83
N ALA F 309 5.43 -14.09 -26.81
CA ALA F 309 6.21 -15.29 -27.08
C ALA F 309 6.12 -16.30 -25.93
N LYS F 310 5.90 -15.82 -24.70
CA LYS F 310 5.69 -16.73 -23.59
C LYS F 310 4.33 -17.40 -23.68
N HIS F 311 3.33 -16.70 -24.22
CA HIS F 311 2.10 -17.39 -24.58
C HIS F 311 2.29 -18.34 -25.75
N MET F 312 3.25 -18.05 -26.64
CA MET F 312 3.59 -19.00 -27.70
C MET F 312 4.35 -20.21 -27.18
N ALA F 313 4.93 -20.11 -25.99
CA ALA F 313 5.61 -21.27 -25.40
C ALA F 313 4.63 -22.35 -24.96
N GLY F 314 3.35 -22.04 -24.83
CA GLY F 314 2.35 -23.03 -24.47
C GLY F 314 1.03 -22.81 -25.20
N ALA F 333 -15.52 -21.61 -29.07
CA ALA F 333 -15.94 -22.49 -28.00
C ALA F 333 -14.84 -22.66 -26.98
N MET F 334 -13.74 -23.30 -27.39
CA MET F 334 -12.60 -23.47 -26.50
C MET F 334 -11.82 -22.17 -26.34
N ILE F 335 -11.96 -21.25 -27.29
CA ILE F 335 -11.21 -20.00 -27.25
C ILE F 335 -11.84 -19.05 -26.22
N ALA F 336 -13.12 -19.24 -25.91
CA ALA F 336 -13.74 -18.45 -24.86
C ALA F 336 -13.45 -19.02 -23.49
N ALA F 337 -13.35 -20.35 -23.39
CA ALA F 337 -13.03 -20.98 -22.11
C ALA F 337 -11.57 -20.78 -21.74
N ALA F 338 -10.68 -20.73 -22.74
CA ALA F 338 -9.28 -20.42 -22.47
C ALA F 338 -9.11 -18.97 -22.01
N ALA F 339 -9.90 -18.06 -22.58
CA ALA F 339 -9.90 -16.67 -22.11
C ALA F 339 -10.49 -16.57 -20.71
N ARG F 340 -11.49 -17.40 -20.40
CA ARG F 340 -12.07 -17.42 -19.05
C ARG F 340 -11.07 -17.95 -18.03
N ARG F 341 -10.27 -18.94 -18.42
CA ARG F 341 -9.24 -19.45 -17.52
C ARG F 341 -8.08 -18.47 -17.38
N ARG F 342 -7.80 -17.70 -18.44
CA ARG F 342 -6.77 -16.67 -18.36
C ARG F 342 -7.18 -15.53 -17.44
N ASP F 343 -8.40 -15.03 -17.58
CA ASP F 343 -8.82 -13.86 -16.82
C ASP F 343 -9.09 -14.22 -15.36
N SER F 344 -9.24 -15.51 -15.06
CA SER F 344 -9.42 -15.94 -13.68
C SER F 344 -8.08 -16.20 -13.00
N SER F 345 -7.00 -16.26 -13.78
CA SER F 345 -5.69 -16.60 -13.22
C SER F 345 -5.09 -15.41 -12.48
N HIS F 346 -3.88 -15.60 -11.98
CA HIS F 346 -3.13 -14.53 -11.33
C HIS F 346 -2.59 -13.55 -12.37
N ASN F 347 -2.99 -12.29 -12.28
CA ASN F 347 -2.46 -11.29 -13.20
C ASN F 347 -1.06 -10.88 -12.73
N GLU F 348 -0.06 -11.49 -13.34
CA GLU F 348 1.33 -11.09 -13.13
C GLU F 348 1.57 -9.65 -13.58
N LEU F 349 0.84 -9.19 -14.61
CA LEU F 349 1.14 -7.92 -15.24
C LEU F 349 0.81 -6.73 -14.34
N TYR F 350 -0.30 -6.82 -13.59
CA TYR F 350 -0.67 -5.74 -12.67
C TYR F 350 0.38 -5.54 -11.58
N TYR F 351 0.84 -6.64 -10.98
CA TYR F 351 1.80 -6.52 -9.89
C TYR F 351 3.19 -6.19 -10.40
N GLU F 352 3.55 -6.66 -11.59
CA GLU F 352 4.84 -6.28 -12.15
C GLU F 352 4.86 -4.82 -12.58
N GLU F 353 3.74 -4.29 -13.08
CA GLU F 353 3.69 -2.88 -13.42
C GLU F 353 3.70 -1.99 -12.18
N ALA F 354 3.01 -2.42 -11.11
CA ALA F 354 3.04 -1.66 -9.86
C ALA F 354 4.44 -1.68 -9.24
N GLU F 355 5.11 -2.82 -9.30
CA GLU F 355 6.45 -2.94 -8.73
C GLU F 355 7.47 -2.16 -9.55
N HIS F 356 7.31 -2.16 -10.88
CA HIS F 356 8.19 -1.37 -11.73
C HIS F 356 7.98 0.12 -11.53
N GLU F 357 6.73 0.56 -11.36
CA GLU F 357 6.45 1.97 -11.10
C GLU F 357 7.02 2.40 -9.76
N ARG F 358 6.97 1.50 -8.77
CA ARG F 358 7.57 1.78 -7.47
C ARG F 358 9.09 1.91 -7.57
N ARG F 359 9.73 1.02 -8.35
CA ARG F 359 11.18 1.11 -8.54
C ARG F 359 11.57 2.37 -9.29
N VAL F 360 10.75 2.78 -10.26
CA VAL F 360 11.03 4.00 -11.01
C VAL F 360 10.91 5.23 -10.12
N LYS F 361 9.90 5.24 -9.23
CA LYS F 361 9.79 6.35 -8.28
C LYS F 361 10.96 6.39 -7.29
N LYS F 362 11.45 5.22 -6.88
CA LYS F 362 12.60 5.20 -5.97
C LYS F 362 13.87 5.68 -6.64
N ARG F 363 14.13 5.20 -7.87
CA ARG F 363 15.29 5.65 -8.62
C ARG F 363 15.19 7.14 -8.98
N LYS F 364 13.98 7.63 -9.21
CA LYS F 364 13.75 9.04 -9.46
C LYS F 364 14.07 9.89 -8.24
N ALA F 365 13.68 9.43 -7.05
CA ALA F 365 14.00 10.17 -5.83
C ALA F 365 15.50 10.17 -5.55
N ARG F 366 16.17 9.03 -5.77
CA ARG F 366 17.63 8.97 -5.67
C ARG F 366 18.29 9.93 -6.64
N LEU F 367 17.78 10.00 -7.86
CA LEU F 367 18.34 10.87 -8.89
C LEU F 367 18.14 12.35 -8.56
N VAL F 368 16.97 12.71 -8.03
CA VAL F 368 16.72 14.10 -7.64
C VAL F 368 17.65 14.52 -6.52
N VAL F 369 17.84 13.66 -5.51
CA VAL F 369 18.76 13.98 -4.41
C VAL F 369 20.19 14.08 -4.90
N ALA F 370 20.60 13.19 -5.82
CA ALA F 370 21.96 13.20 -6.35
C ALA F 370 22.23 14.44 -7.17
N VAL F 371 21.28 14.88 -7.99
CA VAL F 371 21.52 16.05 -8.84
C VAL F 371 21.45 17.34 -8.04
N GLU F 372 20.62 17.40 -6.99
CA GLU F 372 20.62 18.58 -6.11
C GLU F 372 21.93 18.70 -5.34
N GLU F 373 22.41 17.60 -4.76
CA GLU F 373 23.66 17.67 -4.03
C GLU F 373 24.87 17.72 -4.96
N ALA F 374 24.67 17.48 -6.26
CA ALA F 374 25.73 17.75 -7.22
C ALA F 374 25.78 19.22 -7.60
N PHE F 375 24.63 19.86 -7.83
CA PHE F 375 24.64 21.27 -8.19
C PHE F 375 25.02 22.17 -7.04
N ILE F 376 24.89 21.69 -5.80
CA ILE F 376 25.28 22.53 -4.68
C ILE F 376 26.81 22.58 -4.51
N HIS F 377 27.57 21.80 -5.29
CA HIS F 377 29.01 21.73 -5.08
C HIS F 377 29.76 22.86 -5.79
N ILE F 378 29.11 23.57 -6.70
CA ILE F 378 29.75 24.68 -7.41
C ILE F 378 28.97 25.96 -7.20
N GLN F 379 29.64 27.09 -7.41
CA GLN F 379 29.12 28.41 -7.12
C GLN F 379 29.31 29.32 -8.32
N ARG F 380 28.35 30.23 -8.52
CA ARG F 380 28.27 31.03 -9.74
C ARG F 380 29.40 32.05 -9.82
N LEU F 381 30.00 32.39 -8.67
CA LEU F 381 31.13 33.33 -8.54
C LEU F 381 30.85 34.72 -9.12
N GLU F 392 39.56 27.54 -7.32
CA GLU F 392 40.01 27.47 -8.69
C GLU F 392 38.88 27.78 -9.68
N VAL F 393 39.18 28.68 -10.62
CA VAL F 393 38.18 29.14 -11.58
C VAL F 393 38.12 28.18 -12.77
N MET F 394 36.90 27.82 -13.16
CA MET F 394 36.70 26.93 -14.30
C MET F 394 35.44 27.32 -15.06
N ASP F 395 35.44 26.96 -16.35
CA ASP F 395 34.33 27.20 -17.28
C ASP F 395 33.23 26.17 -17.01
N PRO F 396 32.01 26.33 -17.58
CA PRO F 396 30.93 25.38 -17.27
C PRO F 396 31.18 23.95 -17.73
N ARG F 397 32.04 23.72 -18.71
CA ARG F 397 32.37 22.36 -19.10
C ARG F 397 33.16 21.65 -18.00
N GLU F 398 34.17 22.32 -17.43
CA GLU F 398 34.94 21.72 -16.35
C GLU F 398 34.15 21.67 -15.05
N ALA F 399 33.23 22.60 -14.83
CA ALA F 399 32.34 22.50 -13.67
C ALA F 399 31.38 21.34 -13.80
N ALA F 400 30.89 21.10 -15.02
CA ALA F 400 30.05 19.94 -15.31
C ALA F 400 30.83 18.64 -15.08
N GLN F 401 32.08 18.59 -15.55
CA GLN F 401 32.91 17.42 -15.34
C GLN F 401 33.29 17.24 -13.87
N ALA F 402 33.32 18.33 -13.11
CA ALA F 402 33.60 18.25 -11.68
C ALA F 402 32.44 17.64 -10.92
N ILE F 403 31.22 18.14 -11.18
CA ILE F 403 30.07 17.69 -10.38
C ILE F 403 29.36 16.47 -10.94
N PHE F 404 29.70 16.03 -12.15
CA PHE F 404 29.05 14.84 -12.71
C PHE F 404 29.33 13.52 -12.00
N PRO F 405 30.53 13.20 -11.47
CA PRO F 405 30.68 11.91 -10.76
C PRO F 405 29.86 11.76 -9.48
N SER F 406 29.33 12.83 -8.91
CA SER F 406 28.44 12.70 -7.77
C SER F 406 26.99 12.47 -8.16
N MET F 407 26.65 12.51 -9.45
CA MET F 407 25.32 12.18 -9.91
C MET F 407 25.29 11.04 -10.93
N ALA F 408 26.45 10.53 -11.35
CA ALA F 408 26.53 9.69 -12.54
C ALA F 408 25.89 8.33 -12.33
N ARG F 409 26.07 7.74 -11.15
CA ARG F 409 25.56 6.40 -10.91
C ARG F 409 24.04 6.40 -10.76
N ALA F 410 23.50 7.42 -10.07
CA ALA F 410 22.05 7.53 -9.92
C ALA F 410 21.37 7.78 -11.26
N LEU F 411 22.00 8.59 -12.12
CA LEU F 411 21.45 8.84 -13.44
C LEU F 411 21.56 7.59 -14.32
N GLN F 412 22.66 6.85 -14.20
CA GLN F 412 22.80 5.60 -14.96
C GLN F 412 21.75 4.58 -14.55
N LYS F 413 21.50 4.45 -13.24
CA LYS F 413 20.48 3.51 -12.77
C LYS F 413 19.08 3.95 -13.16
N TYR F 414 18.82 5.27 -13.18
CA TYR F 414 17.51 5.74 -13.61
C TYR F 414 17.30 5.55 -15.10
N LEU F 415 18.33 5.80 -15.92
CA LEU F 415 18.19 5.59 -17.35
C LEU F 415 18.10 4.11 -17.70
N ARG F 416 18.70 3.23 -16.89
CA ARG F 416 18.49 1.81 -17.12
C ARG F 416 17.10 1.36 -16.71
N ILE F 417 16.57 1.87 -15.59
CA ILE F 417 15.25 1.41 -15.15
C ILE F 417 14.14 1.98 -16.05
N THR F 418 14.36 3.14 -16.67
CA THR F 418 13.38 3.71 -17.58
C THR F 418 13.69 3.41 -19.03
N ARG F 419 14.75 2.63 -19.30
CA ARG F 419 15.12 2.12 -20.62
C ARG F 419 15.45 3.24 -21.58
N GLN F 420 16.14 4.25 -21.07
CA GLN F 420 16.57 5.41 -21.83
C GLN F 420 18.07 5.51 -21.97
N GLN F 421 18.81 4.43 -21.67
CA GLN F 421 20.26 4.52 -21.60
C GLN F 421 20.91 4.57 -22.96
N ASN F 422 20.23 4.14 -24.02
CA ASN F 422 20.76 4.24 -25.36
C ASN F 422 20.66 5.64 -25.93
N TYR F 423 19.91 6.53 -25.29
CA TYR F 423 19.62 7.85 -25.80
C TYR F 423 20.56 8.92 -25.29
N HIS F 424 21.33 8.64 -24.24
CA HIS F 424 22.16 9.64 -23.60
C HIS F 424 23.55 9.08 -23.38
N SER F 425 24.49 9.48 -24.22
CA SER F 425 25.89 9.21 -23.95
C SER F 425 26.39 10.14 -22.86
N MET F 426 27.59 9.84 -22.35
CA MET F 426 28.17 10.66 -21.29
C MET F 426 28.53 12.05 -21.81
N GLU F 427 28.95 12.13 -23.08
CA GLU F 427 29.22 13.41 -23.71
C GLU F 427 27.97 14.27 -23.82
N SER F 428 26.84 13.65 -24.19
CA SER F 428 25.58 14.37 -24.29
C SER F 428 25.12 14.90 -22.93
N ILE F 429 25.27 14.08 -21.89
CA ILE F 429 24.87 14.49 -20.54
C ILE F 429 25.79 15.59 -20.03
N LEU F 430 27.09 15.52 -20.34
CA LEU F 430 28.00 16.59 -19.92
C LEU F 430 27.74 17.88 -20.67
N GLN F 431 27.38 17.82 -21.95
CA GLN F 431 27.04 19.03 -22.69
C GLN F 431 25.76 19.65 -22.16
N HIS F 432 24.75 18.84 -21.85
CA HIS F 432 23.52 19.38 -21.28
C HIS F 432 23.73 19.87 -19.85
N LEU F 433 24.67 19.25 -19.13
CA LEU F 433 24.99 19.68 -17.78
C LEU F 433 25.68 21.04 -17.78
N ALA F 434 26.67 21.23 -18.67
CA ALA F 434 27.30 22.52 -18.83
C ALA F 434 26.33 23.57 -19.37
N PHE F 435 25.36 23.13 -20.20
CA PHE F 435 24.31 24.01 -20.68
C PHE F 435 23.44 24.54 -19.54
N CYS F 436 23.04 23.65 -18.62
CA CYS F 436 22.19 24.07 -17.51
C CYS F 436 22.97 24.86 -16.47
N ILE F 437 24.25 24.54 -16.28
CA ILE F 437 25.11 25.31 -15.38
C ILE F 437 25.34 26.71 -15.94
N THR F 438 25.47 26.83 -17.27
CA THR F 438 25.64 28.13 -17.91
C THR F 438 24.42 29.02 -17.72
N ASN F 439 23.23 28.49 -17.98
CA ASN F 439 22.01 29.28 -18.03
C ASN F 439 21.32 29.42 -16.68
N GLY F 440 21.95 28.95 -15.60
CA GLY F 440 21.39 29.12 -14.28
C GLY F 440 20.17 28.26 -14.00
N MET F 441 20.11 27.07 -14.57
CA MET F 441 18.97 26.19 -14.38
C MET F 441 19.15 25.34 -13.12
N THR F 442 18.03 25.02 -12.49
CA THR F 442 17.97 24.26 -11.26
C THR F 442 18.28 22.79 -11.52
N PRO F 443 18.48 21.97 -10.47
CA PRO F 443 18.59 20.52 -10.70
C PRO F 443 17.38 19.87 -11.37
N LYS F 444 16.17 20.28 -11.02
CA LYS F 444 14.98 19.73 -11.66
C LYS F 444 14.89 20.15 -13.13
N ALA F 445 15.37 21.35 -13.46
CA ALA F 445 15.35 21.81 -14.85
C ALA F 445 16.37 21.08 -15.68
N PHE F 446 17.53 20.76 -15.10
CA PHE F 446 18.47 19.86 -15.74
C PHE F 446 17.88 18.47 -15.91
N LEU F 447 17.09 18.04 -14.94
CA LEU F 447 16.72 16.65 -14.84
C LEU F 447 15.48 16.31 -15.67
N GLU F 448 14.71 17.31 -16.08
CA GLU F 448 13.51 17.07 -16.88
C GLU F 448 13.81 16.49 -18.25
N ARG F 449 15.04 16.67 -18.77
CA ARG F 449 15.45 15.98 -19.99
C ARG F 449 15.47 14.47 -19.80
N TYR F 450 15.76 14.01 -18.58
CA TYR F 450 15.98 12.60 -18.32
C TYR F 450 14.85 11.90 -17.59
N LEU F 451 13.97 12.65 -16.92
CA LEU F 451 12.92 12.03 -16.13
C LEU F 451 11.85 11.40 -17.02
N SER F 452 11.44 12.09 -18.06
CA SER F 452 10.40 11.59 -18.96
C SER F 452 11.03 11.19 -20.29
N ALA F 453 10.18 10.73 -21.21
CA ALA F 453 10.67 10.28 -22.51
C ALA F 453 11.09 11.44 -23.38
N GLY F 454 10.23 12.45 -23.51
CA GLY F 454 10.57 13.61 -24.31
C GLY F 454 10.42 13.38 -25.80
N PRO F 455 10.19 14.44 -26.55
CA PRO F 455 9.98 14.30 -27.99
C PRO F 455 11.26 14.01 -28.75
N THR F 456 11.10 13.77 -30.05
CA THR F 456 12.18 13.20 -30.85
C THR F 456 13.29 14.21 -31.10
N LEU F 457 12.96 15.50 -31.15
CA LEU F 457 13.95 16.54 -31.41
C LEU F 457 14.79 16.93 -30.20
N GLN F 458 14.53 16.38 -29.00
CA GLN F 458 15.48 16.56 -27.90
C GLN F 458 16.79 15.85 -28.17
N TYR F 459 16.75 14.76 -28.90
CA TYR F 459 17.82 13.78 -28.91
C TYR F 459 18.79 14.08 -30.04
N ASP F 460 19.76 13.20 -30.23
CA ASP F 460 20.80 13.41 -31.23
C ASP F 460 20.22 13.32 -32.64
N LYS F 461 20.91 13.94 -33.59
CA LYS F 461 20.39 14.09 -34.95
C LYS F 461 20.42 12.77 -35.71
N ASP F 462 21.21 11.80 -35.25
CA ASP F 462 21.18 10.49 -35.89
C ASP F 462 20.09 9.61 -35.31
N ARG F 463 19.62 9.93 -34.10
CA ARG F 463 18.61 9.10 -33.44
C ARG F 463 17.25 9.29 -34.10
N TRP F 464 16.96 10.49 -34.57
CA TRP F 464 15.88 10.68 -35.52
C TRP F 464 16.45 10.54 -36.92
N LEU F 465 15.60 10.16 -37.86
CA LEU F 465 16.02 9.88 -39.23
C LEU F 465 14.89 10.24 -40.17
N SER F 466 14.96 11.45 -40.70
CA SER F 466 13.89 12.03 -41.51
C SER F 466 13.96 11.62 -42.96
N THR F 467 15.06 11.01 -43.40
CA THR F 467 15.16 10.60 -44.79
C THR F 467 14.49 9.25 -45.01
N GLN F 468 14.30 8.47 -43.95
CA GLN F 468 13.65 7.16 -44.05
C GLN F 468 12.18 7.25 -43.62
N TRP F 469 11.39 7.94 -44.45
CA TRP F 469 9.95 7.96 -44.29
C TRP F 469 9.29 7.46 -45.57
N ARG F 470 8.30 6.59 -45.40
CA ARG F 470 7.59 5.98 -46.51
C ARG F 470 6.11 6.27 -46.37
N LEU F 471 5.48 6.70 -47.45
CA LEU F 471 4.07 7.08 -47.45
C LEU F 471 3.26 6.02 -48.16
N VAL F 472 2.41 5.33 -47.41
CA VAL F 472 1.50 4.33 -47.94
C VAL F 472 0.13 4.97 -48.05
N SER F 473 -0.48 4.89 -49.23
CA SER F 473 -1.82 5.42 -49.43
C SER F 473 -2.52 4.59 -50.49
N ASP F 474 -3.82 4.39 -50.30
CA ASP F 474 -4.61 3.62 -51.26
C ASP F 474 -4.88 4.38 -52.55
N GLU F 475 -4.64 5.68 -52.57
CA GLU F 475 -4.89 6.51 -53.73
C GLU F 475 -3.66 7.35 -54.05
N ALA F 476 -3.82 8.26 -55.01
CA ALA F 476 -2.72 9.14 -55.39
C ALA F 476 -2.47 10.16 -54.29
N VAL F 477 -1.19 10.33 -53.93
CA VAL F 477 -0.84 11.23 -52.84
C VAL F 477 -0.94 12.70 -53.21
N THR F 478 -1.10 13.01 -54.50
CA THR F 478 -1.38 14.37 -54.93
C THR F 478 -2.85 14.74 -54.80
N ASN F 479 -3.73 13.78 -54.55
CA ASN F 479 -5.12 14.08 -54.26
C ASN F 479 -5.23 14.80 -52.93
N GLY F 480 -6.21 15.68 -52.83
CA GLY F 480 -6.46 16.38 -51.60
C GLY F 480 -7.02 15.47 -50.53
N LEU F 481 -6.98 15.95 -49.29
CA LEU F 481 -7.60 15.25 -48.18
C LEU F 481 -9.11 15.22 -48.37
N ARG F 482 -9.72 14.13 -47.94
CA ARG F 482 -11.17 14.07 -47.83
C ARG F 482 -11.52 13.18 -46.66
N ASP F 483 -12.82 13.16 -46.34
CA ASP F 483 -13.32 12.44 -45.18
C ASP F 483 -13.16 10.94 -45.37
N GLY F 484 -12.46 10.30 -44.44
CA GLY F 484 -12.41 8.85 -44.38
C GLY F 484 -11.20 8.21 -45.03
N ILE F 485 -10.25 8.97 -45.56
CA ILE F 485 -9.07 8.37 -46.14
C ILE F 485 -8.08 8.03 -45.04
N VAL F 486 -7.29 6.98 -45.29
CA VAL F 486 -6.24 6.52 -44.38
C VAL F 486 -4.93 6.51 -45.15
N PHE F 487 -3.92 7.17 -44.61
CA PHE F 487 -2.57 7.03 -45.14
C PHE F 487 -1.62 6.74 -43.99
N VAL F 488 -0.58 5.96 -44.30
CA VAL F 488 0.34 5.44 -43.29
C VAL F 488 1.72 5.99 -43.59
N LEU F 489 2.36 6.54 -42.57
CA LEU F 489 3.72 7.05 -42.64
C LEU F 489 4.65 6.05 -41.96
N LYS F 490 5.36 5.26 -42.76
CA LYS F 490 6.17 4.18 -42.21
C LYS F 490 7.62 4.61 -42.08
N CYS F 491 8.14 4.49 -40.86
CA CYS F 491 9.55 4.57 -40.57
C CYS F 491 10.12 3.15 -40.64
N LEU F 492 11.35 2.95 -40.15
CA LEU F 492 11.98 1.64 -40.29
C LEU F 492 11.34 0.59 -39.37
N ASP F 493 11.02 0.95 -38.13
CA ASP F 493 10.37 0.03 -37.22
C ASP F 493 8.90 0.31 -36.96
N PHE F 494 8.50 1.57 -36.86
CA PHE F 494 7.12 1.90 -36.51
C PHE F 494 6.39 2.48 -37.70
N SER F 495 5.13 2.88 -37.51
CA SER F 495 4.41 3.59 -38.54
C SER F 495 3.43 4.55 -37.90
N LEU F 496 3.11 5.61 -38.61
CA LEU F 496 2.10 6.57 -38.20
C LEU F 496 0.85 6.33 -39.04
N VAL F 497 -0.17 5.76 -38.43
CA VAL F 497 -1.42 5.48 -39.13
C VAL F 497 -2.33 6.69 -38.97
N VAL F 498 -2.65 7.34 -40.08
CA VAL F 498 -3.35 8.61 -40.07
C VAL F 498 -4.66 8.44 -40.81
N ASN F 499 -5.77 8.52 -40.10
CA ASN F 499 -7.09 8.58 -40.73
C ASN F 499 -7.68 9.97 -40.61
N VAL F 500 -8.28 10.43 -41.70
CA VAL F 500 -8.71 11.81 -41.87
C VAL F 500 -10.21 11.86 -41.72
N LYS F 501 -10.70 12.76 -40.87
CA LYS F 501 -12.12 13.00 -40.73
C LYS F 501 -12.42 14.45 -41.04
N LYS F 502 -13.50 14.66 -41.79
CA LYS F 502 -14.01 16.01 -42.03
C LYS F 502 -14.49 16.61 -40.72
N ILE F 503 -14.08 17.85 -40.48
CA ILE F 503 -14.61 18.58 -39.31
C ILE F 503 -16.09 18.87 -39.56
N PRO F 504 -16.98 18.54 -38.62
CA PRO F 504 -18.42 18.49 -38.93
C PRO F 504 -19.04 19.86 -39.17
N PHE F 505 -20.15 19.83 -39.91
CA PHE F 505 -20.95 21.02 -40.13
C PHE F 505 -21.65 21.40 -38.83
N ILE F 506 -21.33 22.57 -38.30
CA ILE F 506 -21.81 23.00 -36.99
C ILE F 506 -22.90 24.04 -37.20
N ILE F 507 -24.02 23.89 -36.51
CA ILE F 507 -25.10 24.87 -36.56
C ILE F 507 -25.14 25.57 -35.21
N LEU F 508 -24.85 26.86 -35.21
CA LEU F 508 -25.03 27.69 -34.02
C LEU F 508 -26.36 28.40 -34.07
N SER F 509 -26.88 28.69 -32.88
CA SER F 509 -28.07 29.49 -32.72
C SER F 509 -27.91 30.29 -31.44
N GLU F 510 -28.55 31.45 -31.37
CA GLU F 510 -28.63 32.16 -30.10
C GLU F 510 -29.77 31.61 -29.26
N GLU F 511 -29.60 31.69 -27.95
CA GLU F 511 -30.72 31.72 -27.03
C GLU F 511 -30.44 32.82 -26.03
N PHE F 512 -31.49 33.53 -25.64
CA PHE F 512 -31.37 34.66 -24.75
C PHE F 512 -31.56 34.19 -23.32
N ILE F 513 -30.55 34.41 -22.48
CA ILE F 513 -30.68 34.27 -21.04
C ILE F 513 -30.74 35.67 -20.46
N ASP F 514 -31.86 35.97 -19.81
CA ASP F 514 -32.00 37.22 -19.09
C ASP F 514 -31.04 37.22 -17.91
N PRO F 515 -30.17 38.22 -17.77
CA PRO F 515 -29.33 38.31 -16.57
C PRO F 515 -30.10 38.64 -15.29
N LYS F 516 -31.37 39.01 -15.40
CA LYS F 516 -32.25 39.09 -14.24
C LYS F 516 -32.76 37.71 -13.82
N SER F 517 -32.65 36.70 -14.70
CA SER F 517 -33.15 35.36 -14.41
C SER F 517 -32.13 34.49 -13.68
N HIS F 518 -31.10 35.09 -13.09
CA HIS F 518 -30.09 34.38 -12.31
C HIS F 518 -30.38 34.49 -10.82
N LYS F 519 -31.64 34.42 -10.44
CA LYS F 519 -32.02 34.53 -9.04
C LYS F 519 -31.97 33.18 -8.36
N PHE F 520 -31.43 33.16 -7.15
CA PHE F 520 -31.21 31.91 -6.41
C PHE F 520 -31.90 32.00 -5.06
N VAL F 521 -32.27 30.84 -4.54
CA VAL F 521 -32.89 30.75 -3.22
C VAL F 521 -32.02 29.89 -2.32
N LEU F 522 -32.14 30.12 -1.02
CA LEU F 522 -31.43 29.35 -0.02
C LEU F 522 -32.04 27.95 0.17
N ARG F 523 -33.18 27.68 -0.45
CA ARG F 523 -33.80 26.36 -0.41
C ARG F 523 -32.91 25.32 -1.07
N LEU F 524 -32.99 24.10 -0.55
CA LEU F 524 -32.19 23.01 -1.07
C LEU F 524 -32.73 22.55 -2.41
N GLN F 525 -31.85 22.02 -3.26
CA GLN F 525 -32.30 21.53 -4.56
C GLN F 525 -32.20 20.00 -4.65
#